data_7OH1
#
_entry.id   7OH1
#
_cell.length_a   1.00
_cell.length_b   1.00
_cell.length_c   1.00
_cell.angle_alpha   90.00
_cell.angle_beta   90.00
_cell.angle_gamma   90.00
#
_symmetry.space_group_name_H-M   'P 1'
#
loop_
_entity.id
_entity.type
_entity.pdbx_description
1 polymer 'Tetanus toxin'
2 polymer 'FAB TT110'
3 polymer 'FAB TT110'
#
loop_
_entity_poly.entity_id
_entity_poly.type
_entity_poly.pdbx_seq_one_letter_code
_entity_poly.pdbx_strand_id
1 'polypeptide(L)'
;MPITINNFRYSDPVNNDTIIMMEPPYCKGLDIYYKAFKITDRIWIVPERYEFGTKPEDFNPPSSLIEGASEYYDPNYLRT
DSDKDRFLQTMVKLFNRIKNNVAGEALLDKIINAIPYLGNSYSLLDKFDTNSNSVSFNLLEQDPSGATTKSAMLTNLIIF
GPGPVLNKNEVRGIVLRVDNKNYFPCRDGFGSIMQMAFCPEYVPTFDNVIENITSLTIGKSKYFQDPALLLMHELIHVLH
GLYGMQVSSHEIIPSKQEIYMQHTYPISAEELFTFGGQDANLISIDIKNDLYEKTLNDYKAIANKLSQVTSCNDPNIDID
SYKQIYQQKYQFDKDSNGQYIVNEDKFQILYNSIMYGFTEIELGKKFNIKTRLSYFSMNHDPVKIPNLLDDTIYNDTEGF
NIESKDLKSEYKGQNMRVNTNAFRNVDGSGLVSKLIGLCKKIIPPTNIRENLYNRTASLTDLGGELCIKIKNEDLTFIAE
KNSFSEEPFQDEIVSYNTKNKPLNFNYSLDKIIVDYNLQSKITLPNDRTTPVTKGIPYAPEYKSNAASTIEIHNIDDNTI
YQYLYAQKSPTTLQRITMTNSVDDALINSTKIYSYFPSVISKVNQGAQGILFLQWVRDIIDDFTNESSQKTTIDKISDVS
TIVPYIGPALNIVKQGYEGNFIGALETTGVVLLLEYIPEITLPVIAALSIAESSTQKEKIIKTIDNFLEKRYEKWIEVYK
LVKAKWLGTVNTQFQKRSYQMYRSLEYQVDAIKKIIDYEYKIYSGPDKEQIADEINNLKNKLEEKANKAMININIFMRES
SRSFLVNQMINEAKKQLLEFDTQSKNILMQYIKANSKFIGITELKKLESKINKVFSTPIPFSYSKNLDCW
;
A
2 'polypeptide(L)'
;QVQLMQSGAEVQKPGASVKVSCQASGFTLNNYYIHWLRQAPGQGFEWMGIFNPSSGTRTYAQKFQGRISMTADASTTTLY
MELSGLTSEDAGVYFCARIGGSTYGRLMTYYFDHWGQGTVVAVSSASTKGPSVFPLAPSSKSTSGGTAALGCLVKDYFPE
PVTVSWNSGALTSGVHTFPAVLQSSGLYSLSSVVTVPSSSLGTQTYICNVNHKPSNTKVDKRVEPKSC
;
E
3 'polypeptide(L)'
;VLTQGPVTLSVSPGGRGTLSCRASRSISTTLAWYQQKPGQAPRLLIYGASTRATGIPARFTGSGSGTEFTLTISSLQSED
FAVYYCQQYNDWPVTFGQGTQVEVKRTVAAPSVFIFPPSDEQLKSGTASVVCLLNNFYPREAKVQWKVDNALQSGNSQES
VTEQDSKDSTYSLSSTLTLSKADYEKHKVYACEVTHQGLSSPVTKSFNRGEC
;
D
#
# COMPACT_ATOMS: atom_id res chain seq x y z
N MET A 1 19.90 35.84 -36.68
CA MET A 1 18.82 35.06 -36.07
C MET A 1 19.01 34.75 -34.57
N PRO A 2 20.21 34.36 -34.13
CA PRO A 2 20.40 34.06 -32.70
C PRO A 2 20.02 35.25 -31.83
N ILE A 3 19.39 34.96 -30.69
CA ILE A 3 18.96 35.99 -29.76
C ILE A 3 20.17 36.46 -28.96
N THR A 4 20.19 37.76 -28.67
CA THR A 4 21.29 38.37 -27.92
C THR A 4 20.81 38.73 -26.51
N ILE A 5 21.68 38.49 -25.53
CA ILE A 5 21.41 38.82 -24.13
C ILE A 5 22.41 39.88 -23.71
N ASN A 6 21.90 41.00 -23.18
CA ASN A 6 22.77 42.11 -22.83
C ASN A 6 23.41 41.91 -21.45
N ASN A 7 24.54 42.57 -21.24
CA ASN A 7 25.28 42.53 -19.99
C ASN A 7 25.44 43.93 -19.44
N PHE A 8 25.23 44.07 -18.13
CA PHE A 8 25.35 45.34 -17.44
C PHE A 8 25.50 45.09 -15.95
N ARG A 9 26.09 46.06 -15.27
CA ARG A 9 26.11 46.10 -13.81
C ARG A 9 25.09 47.13 -13.34
N TYR A 10 24.66 46.99 -12.08
CA TYR A 10 23.65 47.91 -11.57
C TYR A 10 24.20 49.33 -11.38
N SER A 11 25.52 49.45 -11.25
CA SER A 11 26.13 50.76 -11.08
C SER A 11 26.42 51.46 -12.41
N ASP A 12 26.10 50.82 -13.54
CA ASP A 12 26.33 51.44 -14.83
C ASP A 12 25.39 52.63 -15.01
N PRO A 13 25.84 53.70 -15.64
CA PRO A 13 25.01 54.91 -15.75
C PRO A 13 23.87 54.73 -16.74
N VAL A 14 22.88 55.61 -16.60
CA VAL A 14 21.76 55.62 -17.53
C VAL A 14 22.23 56.13 -18.89
N ASN A 15 21.88 55.39 -19.94
CA ASN A 15 22.31 55.74 -21.29
C ASN A 15 21.14 56.08 -22.22
N ASN A 16 19.90 56.01 -21.72
CA ASN A 16 18.70 56.26 -22.52
C ASN A 16 18.62 55.29 -23.70
N ASP A 17 18.98 54.03 -23.44
CA ASP A 17 18.96 53.00 -24.47
C ASP A 17 18.65 51.64 -23.84
N THR A 18 19.66 50.98 -23.28
CA THR A 18 19.47 49.74 -22.55
C THR A 18 19.28 49.96 -21.05
N ILE A 19 19.61 51.13 -20.54
CA ILE A 19 19.44 51.48 -19.13
C ILE A 19 18.69 52.81 -19.06
N ILE A 20 17.48 52.79 -18.49
CA ILE A 20 16.63 53.97 -18.45
C ILE A 20 16.13 54.18 -17.03
N MET A 21 15.28 55.20 -16.87
CA MET A 21 14.63 55.52 -15.60
C MET A 21 13.14 55.35 -15.82
N MET A 22 12.57 54.28 -15.26
CA MET A 22 11.27 53.77 -15.68
C MET A 22 10.12 54.49 -15.00
N GLU A 23 8.94 54.39 -15.62
CA GLU A 23 7.66 54.59 -14.94
C GLU A 23 6.78 53.36 -15.23
N PRO A 24 6.67 52.44 -14.29
CA PRO A 24 5.86 51.21 -14.50
C PRO A 24 4.41 51.57 -14.78
N PRO A 25 3.61 50.63 -15.33
CA PRO A 25 2.20 50.96 -15.61
C PRO A 25 1.46 51.62 -14.47
N TYR A 26 1.60 51.03 -13.28
CA TYR A 26 0.69 51.30 -12.16
C TYR A 26 1.21 52.52 -11.40
N CYS A 27 2.15 53.20 -12.06
CA CYS A 27 2.73 54.48 -11.66
C CYS A 27 2.47 55.54 -12.72
N LYS A 28 1.48 55.29 -13.59
CA LYS A 28 1.21 56.24 -14.65
C LYS A 28 0.88 57.59 -14.05
N GLY A 29 1.65 58.61 -14.38
CA GLY A 29 1.35 59.97 -14.01
C GLY A 29 1.67 60.37 -12.58
N LEU A 30 2.50 59.62 -11.85
CA LEU A 30 2.89 60.03 -10.52
C LEU A 30 4.33 60.52 -10.45
N ASP A 31 5.06 60.45 -11.57
CA ASP A 31 6.46 60.90 -11.65
C ASP A 31 7.32 60.19 -10.61
N ILE A 32 7.25 58.86 -10.60
CA ILE A 32 8.02 58.01 -9.72
C ILE A 32 8.88 57.10 -10.58
N TYR A 33 10.19 57.17 -10.39
CA TYR A 33 11.13 56.59 -11.34
C TYR A 33 11.99 55.52 -10.68
N TYR A 34 12.18 54.42 -11.41
CA TYR A 34 13.02 53.31 -10.99
C TYR A 34 13.96 52.95 -12.13
N LYS A 35 15.12 52.42 -11.76
CA LYS A 35 16.13 52.09 -12.76
C LYS A 35 15.79 50.74 -13.41
N ALA A 36 15.80 50.72 -14.74
CA ALA A 36 15.46 49.51 -15.48
C ALA A 36 16.59 49.16 -16.44
N PHE A 37 16.62 47.88 -16.83
CA PHE A 37 17.63 47.36 -17.73
C PHE A 37 16.95 46.48 -18.78
N LYS A 38 17.36 46.64 -20.04
CA LYS A 38 16.81 45.84 -21.13
C LYS A 38 17.67 44.58 -21.26
N ILE A 39 17.09 43.43 -20.90
CA ILE A 39 17.83 42.18 -21.02
C ILE A 39 17.87 41.72 -22.47
N THR A 40 16.82 42.02 -23.24
CA THR A 40 16.75 41.68 -24.65
C THR A 40 15.62 42.48 -25.28
N ASP A 41 15.21 42.04 -26.47
CA ASP A 41 14.15 42.74 -27.20
C ASP A 41 12.81 42.59 -26.51
N ARG A 42 12.18 43.73 -26.21
CA ARG A 42 10.84 43.81 -25.63
C ARG A 42 10.74 43.19 -24.24
N ILE A 43 11.87 43.02 -23.54
CA ILE A 43 11.88 42.48 -22.18
C ILE A 43 12.76 43.37 -21.32
N TRP A 44 12.24 43.78 -20.17
CA TRP A 44 12.97 44.64 -19.23
C TRP A 44 13.06 43.98 -17.87
N ILE A 45 13.95 44.50 -17.02
CA ILE A 45 14.17 44.00 -15.67
C ILE A 45 14.28 45.19 -14.72
N VAL A 46 13.48 45.16 -13.66
CA VAL A 46 13.51 46.21 -12.64
C VAL A 46 13.87 45.58 -11.30
N PRO A 47 15.11 45.77 -10.80
CA PRO A 47 15.49 45.18 -9.51
C PRO A 47 14.82 45.86 -8.33
N GLU A 48 13.52 45.64 -8.16
CA GLU A 48 12.76 46.23 -7.06
C GLU A 48 11.75 45.20 -6.55
N ARG A 49 11.38 45.35 -5.29
CA ARG A 49 10.35 44.52 -4.68
C ARG A 49 8.99 44.93 -5.24
N TYR A 50 8.17 43.94 -5.59
CA TYR A 50 6.80 44.21 -6.03
C TYR A 50 6.01 44.74 -4.86
N GLU A 51 5.72 46.04 -4.88
CA GLU A 51 5.01 46.71 -3.79
C GLU A 51 3.74 47.41 -4.25
N PHE A 52 3.20 47.05 -5.42
CA PHE A 52 1.96 47.65 -5.90
C PHE A 52 0.77 47.05 -5.17
N GLY A 53 -0.16 47.93 -4.80
CA GLY A 53 -1.36 47.53 -4.08
C GLY A 53 -1.12 46.88 -2.74
N THR A 54 0.04 47.09 -2.13
CA THR A 54 0.40 46.43 -0.88
C THR A 54 0.56 47.44 0.25
N LYS A 55 0.70 46.90 1.46
CA LYS A 55 0.99 47.61 2.68
C LYS A 55 2.35 47.17 3.22
N PRO A 56 3.13 48.09 3.81
CA PRO A 56 4.46 47.72 4.32
C PRO A 56 4.43 46.58 5.31
N GLU A 57 3.31 46.39 6.01
CA GLU A 57 3.14 45.30 6.95
C GLU A 57 2.84 43.97 6.28
N ASP A 58 2.54 43.97 4.98
CA ASP A 58 2.22 42.73 4.28
C ASP A 58 3.48 41.88 4.06
N PHE A 59 4.65 42.51 4.03
CA PHE A 59 5.90 41.80 3.81
C PHE A 59 6.42 41.09 5.04
N ASN A 60 5.76 41.26 6.19
CA ASN A 60 6.21 40.63 7.42
C ASN A 60 5.66 39.21 7.55
N PRO A 61 6.42 38.31 8.14
CA PRO A 61 5.96 36.93 8.29
C PRO A 61 4.84 36.84 9.31
N PRO A 62 3.70 36.27 8.94
CA PRO A 62 2.59 36.13 9.87
C PRO A 62 2.81 34.94 10.80
N SER A 63 1.85 34.75 11.72
CA SER A 63 1.91 33.61 12.61
C SER A 63 1.50 32.32 11.91
N SER A 64 0.36 32.34 11.21
CA SER A 64 -0.09 31.21 10.42
C SER A 64 -0.69 31.71 9.11
N LEU A 65 -0.91 30.78 8.20
CA LEU A 65 -1.37 31.06 6.84
C LEU A 65 -2.88 30.83 6.72
N ILE A 66 -3.44 31.36 5.64
CA ILE A 66 -4.84 31.07 5.36
C ILE A 66 -4.99 29.90 4.40
N GLU A 67 -4.20 29.84 3.33
CA GLU A 67 -4.34 28.72 2.41
C GLU A 67 -2.98 28.33 1.87
N GLY A 68 -2.93 27.21 1.17
CA GLY A 68 -1.78 26.80 0.39
C GLY A 68 -0.62 26.30 1.24
N ALA A 69 0.49 26.06 0.54
CA ALA A 69 1.70 25.52 1.12
C ALA A 69 2.48 26.60 1.88
N SER A 70 3.64 26.20 2.38
CA SER A 70 4.50 27.10 3.15
C SER A 70 4.96 28.28 2.30
N GLU A 71 5.10 29.44 2.95
CA GLU A 71 5.57 30.65 2.30
C GLU A 71 6.68 31.27 3.14
N TYR A 72 7.67 31.85 2.48
CA TYR A 72 8.79 32.49 3.15
C TYR A 72 8.68 34.01 3.01
N TYR A 73 8.92 34.72 4.11
CA TYR A 73 8.79 36.17 4.14
C TYR A 73 10.10 36.81 4.56
N ASP A 74 10.45 37.92 3.91
CA ASP A 74 11.63 38.70 4.25
C ASP A 74 11.50 40.10 3.67
N PRO A 75 11.31 41.13 4.50
CA PRO A 75 11.18 42.48 3.97
C PRO A 75 12.51 43.07 3.50
N ASN A 76 13.63 42.52 3.96
CA ASN A 76 14.95 43.05 3.63
C ASN A 76 15.52 42.47 2.34
N TYR A 77 14.79 41.59 1.65
CA TYR A 77 15.28 41.07 0.39
C TYR A 77 15.24 42.14 -0.69
N LEU A 78 16.25 42.14 -1.56
CA LEU A 78 16.37 43.11 -2.66
C LEU A 78 16.24 44.54 -2.14
N ARG A 79 17.02 44.86 -1.12
CA ARG A 79 16.94 46.16 -0.46
C ARG A 79 18.10 47.08 -0.85
N THR A 80 19.33 46.61 -0.65
CA THR A 80 20.51 47.41 -0.95
C THR A 80 20.85 47.33 -2.44
N ASP A 81 21.81 48.17 -2.85
CA ASP A 81 22.29 48.12 -4.22
C ASP A 81 23.11 46.87 -4.49
N SER A 82 23.66 46.24 -3.45
CA SER A 82 24.37 44.98 -3.64
C SER A 82 23.40 43.83 -3.89
N ASP A 83 22.21 43.90 -3.31
CA ASP A 83 21.20 42.88 -3.57
C ASP A 83 20.62 43.02 -4.98
N LYS A 84 20.51 44.27 -5.46
CA LYS A 84 19.97 44.49 -6.80
C LYS A 84 20.96 44.11 -7.88
N ASP A 85 22.26 44.28 -7.64
CA ASP A 85 23.25 43.79 -8.57
C ASP A 85 23.31 42.27 -8.56
N ARG A 86 23.19 41.67 -7.37
CA ARG A 86 23.06 40.22 -7.25
C ARG A 86 21.84 39.73 -8.01
N PHE A 87 20.75 40.50 -7.99
CA PHE A 87 19.54 40.10 -8.70
C PHE A 87 19.70 40.30 -10.20
N LEU A 88 20.41 41.35 -10.62
CA LEU A 88 20.56 41.62 -12.04
C LEU A 88 21.46 40.60 -12.71
N GLN A 89 22.58 40.24 -12.06
CA GLN A 89 23.52 39.32 -12.68
C GLN A 89 22.98 37.89 -12.70
N THR A 90 22.11 37.55 -11.75
CA THR A 90 21.52 36.21 -11.75
C THR A 90 20.51 36.06 -12.88
N MET A 91 19.73 37.11 -13.15
CA MET A 91 18.73 37.03 -14.21
C MET A 91 19.38 36.97 -15.59
N VAL A 92 20.54 37.59 -15.75
CA VAL A 92 21.27 37.50 -17.02
C VAL A 92 21.75 36.07 -17.25
N LYS A 93 22.20 35.40 -16.18
CA LYS A 93 22.72 34.05 -16.33
C LYS A 93 21.59 33.05 -16.59
N LEU A 94 20.41 33.30 -16.03
CA LEU A 94 19.28 32.42 -16.30
C LEU A 94 18.77 32.56 -17.73
N PHE A 95 18.81 33.78 -18.28
CA PHE A 95 18.41 33.96 -19.66
C PHE A 95 19.43 33.36 -20.63
N ASN A 96 20.71 33.36 -20.27
CA ASN A 96 21.71 32.69 -21.10
C ASN A 96 21.54 31.18 -21.06
N ARG A 97 21.10 30.64 -19.91
CA ARG A 97 20.84 29.21 -19.81
C ARG A 97 19.65 28.81 -20.70
N ILE A 98 18.62 29.67 -20.76
CA ILE A 98 17.49 29.40 -21.63
C ILE A 98 17.88 29.54 -23.08
N LYS A 99 18.79 30.48 -23.39
CA LYS A 99 19.17 30.72 -24.77
C LYS A 99 19.99 29.57 -25.35
N ASN A 100 20.89 28.99 -24.55
CA ASN A 100 21.80 27.97 -25.04
C ASN A 100 21.12 26.67 -25.44
N ASN A 101 19.79 26.59 -25.35
CA ASN A 101 19.04 25.43 -25.80
C ASN A 101 17.99 25.87 -26.81
N VAL A 102 17.83 25.08 -27.87
CA VAL A 102 16.95 25.46 -28.97
C VAL A 102 15.49 25.46 -28.52
N ALA A 103 15.16 24.69 -27.48
CA ALA A 103 13.79 24.72 -26.96
C ALA A 103 13.51 26.04 -26.25
N GLY A 104 14.46 26.52 -25.43
CA GLY A 104 14.30 27.82 -24.80
C GLY A 104 14.52 28.97 -25.75
N GLU A 105 15.31 28.77 -26.81
CA GLU A 105 15.52 29.83 -27.79
C GLU A 105 14.28 30.05 -28.64
N ALA A 106 13.47 29.00 -28.82
CA ALA A 106 12.22 29.16 -29.55
C ALA A 106 11.14 29.76 -28.67
N LEU A 107 11.21 29.50 -27.36
CA LEU A 107 10.23 30.08 -26.44
C LEU A 107 10.44 31.58 -26.31
N LEU A 108 11.70 32.03 -26.30
CA LEU A 108 11.97 33.46 -26.23
C LEU A 108 11.56 34.17 -27.52
N ASP A 109 11.71 33.49 -28.66
CA ASP A 109 11.35 34.11 -29.93
C ASP A 109 9.85 34.33 -30.04
N LYS A 110 9.04 33.37 -29.57
CA LYS A 110 7.60 33.54 -29.61
C LYS A 110 7.14 34.69 -28.73
N ILE A 111 7.83 34.90 -27.60
CA ILE A 111 7.44 35.95 -26.67
C ILE A 111 7.80 37.32 -27.23
N ILE A 112 8.97 37.44 -27.84
CA ILE A 112 9.41 38.73 -28.36
C ILE A 112 8.55 39.18 -29.52
N ASN A 113 8.24 38.25 -30.44
CA ASN A 113 7.49 38.59 -31.64
C ASN A 113 5.97 38.60 -31.42
N ALA A 114 5.50 38.35 -30.21
CA ALA A 114 4.07 38.41 -29.91
C ALA A 114 3.73 39.75 -29.25
N ILE A 115 3.84 40.82 -30.03
CA ILE A 115 3.53 42.14 -29.49
C ILE A 115 2.02 42.30 -29.34
N PRO A 116 1.55 43.00 -28.32
CA PRO A 116 0.10 43.07 -28.08
C PRO A 116 -0.57 44.03 -29.05
N TYR A 117 -1.87 43.84 -29.23
CA TYR A 117 -2.64 44.72 -30.11
C TYR A 117 -2.68 46.13 -29.50
N LEU A 118 -2.34 47.13 -30.30
CA LEU A 118 -2.60 48.53 -29.97
C LEU A 118 -4.10 48.70 -29.99
N GLY A 119 -4.72 48.71 -28.81
CA GLY A 119 -6.16 48.71 -28.72
C GLY A 119 -6.73 47.42 -28.14
N ASN A 120 -7.99 47.48 -27.73
CA ASN A 120 -8.67 46.34 -27.12
C ASN A 120 -10.18 46.41 -27.37
N SER A 121 -10.99 45.85 -26.47
CA SER A 121 -12.43 45.82 -26.71
C SER A 121 -13.07 47.16 -26.39
N TYR A 122 -12.38 48.02 -25.65
CA TYR A 122 -12.92 49.35 -25.40
C TYR A 122 -11.99 50.44 -25.92
N SER A 123 -11.44 50.30 -27.14
CA SER A 123 -10.73 51.35 -27.88
C SER A 123 -11.53 51.73 -29.12
N LEU A 124 -10.92 52.50 -30.02
CA LEU A 124 -11.64 52.97 -31.22
C LEU A 124 -11.32 52.11 -32.43
N LEU A 125 -12.31 51.96 -33.31
CA LEU A 125 -12.25 50.97 -34.40
C LEU A 125 -11.37 51.36 -35.57
N ASP A 126 -10.98 52.64 -35.66
CA ASP A 126 -10.35 53.20 -36.87
C ASP A 126 -8.91 53.62 -36.66
N LYS A 127 -8.36 53.38 -35.48
CA LYS A 127 -7.04 53.88 -35.10
C LYS A 127 -6.38 52.92 -34.09
N PHE A 128 -5.05 52.81 -34.17
CA PHE A 128 -4.26 52.07 -33.18
C PHE A 128 -4.13 52.95 -31.94
N ASP A 129 -4.37 52.36 -30.77
CA ASP A 129 -4.46 53.11 -29.53
C ASP A 129 -3.23 52.77 -28.68
N THR A 130 -2.14 53.51 -28.87
CA THR A 130 -0.91 53.37 -28.09
C THR A 130 -0.85 54.42 -26.99
N ASN A 131 -1.91 54.56 -26.20
CA ASN A 131 -2.03 55.67 -25.28
C ASN A 131 -2.75 55.24 -24.02
N SER A 132 -2.46 54.02 -23.57
CA SER A 132 -2.94 53.55 -22.29
C SER A 132 -1.75 52.96 -21.54
N ASN A 133 -1.80 52.89 -20.22
CA ASN A 133 -0.64 52.40 -19.47
C ASN A 133 -0.50 50.90 -19.69
N SER A 134 -1.54 50.27 -20.26
CA SER A 134 -1.52 48.83 -20.46
C SER A 134 -0.68 48.42 -21.65
N VAL A 135 -0.17 49.38 -22.42
CA VAL A 135 0.61 49.09 -23.62
C VAL A 135 1.89 49.90 -23.65
N SER A 136 1.98 50.94 -22.83
CA SER A 136 3.06 51.92 -22.84
C SER A 136 3.50 52.14 -21.41
N PHE A 137 4.80 52.33 -21.24
CA PHE A 137 5.29 52.93 -20.02
C PHE A 137 6.05 54.17 -20.42
N ASN A 138 6.51 54.92 -19.42
CA ASN A 138 7.24 56.17 -19.53
C ASN A 138 8.67 55.96 -19.03
N LEU A 139 9.57 56.87 -19.41
CA LEU A 139 10.97 56.88 -18.99
C LEU A 139 11.41 58.33 -18.99
N LEU A 140 12.51 58.64 -18.29
CA LEU A 140 13.02 60.01 -18.20
C LEU A 140 14.43 60.09 -18.75
N GLU A 141 14.64 60.97 -19.75
CA GLU A 141 15.91 61.07 -20.46
C GLU A 141 16.59 62.39 -20.12
N GLN A 142 17.75 62.30 -19.46
CA GLN A 142 18.48 63.49 -19.04
C GLN A 142 19.45 63.94 -20.12
N ASP A 143 19.68 65.24 -20.17
CA ASP A 143 20.65 65.84 -21.08
C ASP A 143 21.94 66.12 -20.31
N PRO A 144 23.05 66.47 -20.98
CA PRO A 144 24.27 66.80 -20.23
C PRO A 144 24.11 67.91 -19.22
N SER A 145 23.11 68.78 -19.38
CA SER A 145 22.86 69.85 -18.43
C SER A 145 21.80 69.47 -17.39
N GLY A 146 21.51 68.18 -17.27
CA GLY A 146 20.56 67.72 -16.28
C GLY A 146 19.11 68.03 -16.59
N ALA A 147 18.80 68.43 -17.82
CA ALA A 147 17.43 68.72 -18.22
C ALA A 147 16.78 67.43 -18.72
N THR A 148 15.70 67.01 -18.06
CA THR A 148 15.06 65.73 -18.34
C THR A 148 14.14 65.87 -19.55
N THR A 149 13.54 64.75 -19.96
CA THR A 149 12.60 64.74 -21.06
C THR A 149 11.65 63.56 -20.94
N LYS A 150 10.37 63.80 -21.19
CA LYS A 150 9.36 62.73 -21.11
C LYS A 150 9.23 62.04 -22.46
N SER A 151 9.31 60.71 -22.45
CA SER A 151 9.11 59.91 -23.64
C SER A 151 8.37 58.64 -23.23
N ALA A 152 8.13 57.76 -24.19
CA ALA A 152 7.45 56.49 -23.93
C ALA A 152 8.24 55.34 -24.54
N MET A 153 7.88 54.10 -24.21
CA MET A 153 8.51 52.97 -24.87
C MET A 153 7.55 51.79 -24.94
N LEU A 154 7.58 51.07 -26.05
CA LEU A 154 6.84 49.82 -26.16
C LEU A 154 7.69 48.66 -25.66
N THR A 155 7.02 47.67 -25.09
CA THR A 155 7.66 46.49 -24.52
C THR A 155 6.60 45.40 -24.37
N ASN A 156 7.07 44.17 -24.12
CA ASN A 156 6.20 43.02 -23.90
C ASN A 156 6.22 42.47 -22.47
N LEU A 157 7.37 42.49 -21.80
CA LEU A 157 7.53 41.82 -20.52
C LEU A 157 8.46 42.61 -19.61
N ILE A 158 8.09 42.76 -18.34
CA ILE A 158 8.92 43.45 -17.35
C ILE A 158 9.01 42.59 -16.10
N ILE A 159 10.23 42.27 -15.68
CA ILE A 159 10.48 41.36 -14.58
C ILE A 159 10.92 42.16 -13.36
N PHE A 160 10.16 42.03 -12.27
CA PHE A 160 10.50 42.62 -10.98
C PHE A 160 11.02 41.55 -10.04
N GLY A 161 11.30 41.98 -8.81
CA GLY A 161 11.60 41.06 -7.75
C GLY A 161 10.34 40.58 -7.06
N PRO A 162 10.50 39.67 -6.10
CA PRO A 162 9.35 39.03 -5.47
C PRO A 162 8.59 39.99 -4.55
N GLY A 163 7.42 39.54 -4.12
CA GLY A 163 6.57 40.34 -3.28
C GLY A 163 6.81 40.09 -1.81
N PRO A 164 5.73 40.08 -1.02
CA PRO A 164 5.87 39.62 0.37
C PRO A 164 6.30 38.17 0.45
N VAL A 165 5.82 37.35 -0.48
CA VAL A 165 6.19 35.93 -0.55
C VAL A 165 7.29 35.78 -1.59
N LEU A 166 8.37 35.07 -1.21
CA LEU A 166 9.55 34.98 -2.05
C LEU A 166 9.55 33.72 -2.91
N ASN A 167 9.12 32.59 -2.34
CA ASN A 167 9.22 31.31 -3.03
C ASN A 167 7.98 31.00 -3.85
N LYS A 168 7.11 31.99 -4.07
CA LYS A 168 6.07 31.90 -5.08
C LYS A 168 6.36 32.98 -6.11
N ASN A 169 6.29 32.62 -7.40
CA ASN A 169 6.45 33.54 -8.51
C ASN A 169 5.11 33.75 -9.21
N GLU A 170 4.88 34.96 -9.70
CA GLU A 170 3.62 35.27 -10.35
C GLU A 170 3.87 35.87 -11.74
N VAL A 171 2.85 35.81 -12.59
CA VAL A 171 2.80 36.54 -13.86
C VAL A 171 1.36 37.00 -14.07
N ARG A 172 1.19 38.22 -14.58
CA ARG A 172 -0.11 38.88 -14.48
C ARG A 172 -0.36 39.85 -15.63
N GLY A 173 -1.63 39.96 -16.01
CA GLY A 173 -2.03 40.97 -16.97
C GLY A 173 -2.46 42.27 -16.29
N ILE A 174 -2.51 43.31 -17.09
CA ILE A 174 -2.98 44.61 -16.63
C ILE A 174 -4.49 44.66 -16.77
N VAL A 175 -5.15 44.89 -15.64
CA VAL A 175 -6.60 45.13 -15.59
C VAL A 175 -6.85 46.52 -16.14
N LEU A 176 -8.01 46.71 -16.78
CA LEU A 176 -8.49 48.04 -17.13
C LEU A 176 -9.74 48.35 -16.33
N ARG A 177 -10.27 49.56 -16.52
CA ARG A 177 -11.45 50.05 -15.80
C ARG A 177 -12.46 50.58 -16.81
N VAL A 178 -13.61 49.91 -16.90
CA VAL A 178 -14.71 50.33 -17.78
C VAL A 178 -16.03 50.03 -17.09
N ASP A 179 -16.79 51.08 -16.80
CA ASP A 179 -18.12 50.96 -16.18
C ASP A 179 -18.04 50.14 -14.89
N ASN A 180 -17.02 50.46 -14.09
CA ASN A 180 -16.82 49.87 -12.78
C ASN A 180 -16.65 48.36 -12.81
N LYS A 181 -16.05 47.82 -13.87
CA LYS A 181 -15.74 46.40 -13.94
C LYS A 181 -14.26 46.20 -14.22
N ASN A 182 -13.73 45.05 -13.81
CA ASN A 182 -12.39 44.65 -14.19
C ASN A 182 -12.42 44.14 -15.63
N TYR A 183 -11.34 44.40 -16.37
CA TYR A 183 -11.21 43.94 -17.74
C TYR A 183 -9.75 43.64 -18.02
N PHE A 184 -9.50 42.49 -18.66
CA PHE A 184 -8.15 42.09 -19.05
C PHE A 184 -8.09 41.94 -20.56
N PRO A 185 -7.32 42.79 -21.25
CA PRO A 185 -7.08 42.58 -22.68
C PRO A 185 -6.32 41.29 -22.98
N CYS A 186 -5.57 40.76 -22.01
CA CYS A 186 -4.85 39.51 -22.19
C CYS A 186 -5.76 38.29 -22.13
N ARG A 187 -7.06 38.48 -22.00
CA ARG A 187 -8.03 37.39 -22.03
C ARG A 187 -9.00 37.50 -23.20
N ASP A 188 -8.94 38.58 -23.97
CA ASP A 188 -9.76 38.75 -25.16
C ASP A 188 -9.00 38.53 -26.46
N GLY A 189 -7.76 38.03 -26.39
CA GLY A 189 -6.97 37.78 -27.58
C GLY A 189 -6.15 38.97 -28.06
N PHE A 190 -6.27 40.14 -27.43
CA PHE A 190 -5.52 41.31 -27.86
C PHE A 190 -4.09 41.29 -27.35
N GLY A 191 -3.89 40.74 -26.16
CA GLY A 191 -2.62 40.82 -25.50
C GLY A 191 -2.44 42.13 -24.76
N SER A 192 -1.38 42.15 -23.96
CA SER A 192 -1.02 43.31 -23.16
C SER A 192 0.40 43.18 -22.65
N ILE A 193 0.77 44.03 -21.69
CA ILE A 193 2.05 43.88 -21.04
C ILE A 193 1.93 42.84 -19.94
N MET A 194 2.92 41.95 -19.85
CA MET A 194 2.96 40.95 -18.79
C MET A 194 4.10 41.28 -17.85
N GLN A 195 3.80 41.36 -16.56
CA GLN A 195 4.77 41.72 -15.54
C GLN A 195 5.06 40.52 -14.66
N MET A 196 6.30 40.46 -14.18
CA MET A 196 6.81 39.37 -13.38
C MET A 196 7.31 39.90 -12.05
N ALA A 197 7.06 39.12 -11.01
CA ALA A 197 7.73 39.30 -9.72
C ALA A 197 8.51 38.02 -9.44
N PHE A 198 9.70 37.92 -10.03
CA PHE A 198 10.48 36.69 -9.96
C PHE A 198 11.52 36.75 -8.84
N CYS A 199 11.79 35.58 -8.27
CA CYS A 199 12.83 35.40 -7.24
C CYS A 199 13.59 34.13 -7.59
N PRO A 200 14.90 34.19 -7.84
CA PRO A 200 15.62 33.02 -8.34
C PRO A 200 16.25 32.15 -7.27
N GLU A 201 16.52 32.74 -6.08
CA GLU A 201 17.27 32.01 -5.06
C GLU A 201 16.44 30.95 -4.35
N TYR A 202 15.20 31.28 -3.97
CA TYR A 202 14.36 30.36 -3.21
C TYR A 202 13.57 29.49 -4.18
N VAL A 203 13.78 28.18 -4.10
CA VAL A 203 13.19 27.22 -5.02
C VAL A 203 12.36 26.20 -4.24
N PRO A 204 11.37 25.56 -4.86
CA PRO A 204 10.62 24.52 -4.17
C PRO A 204 11.31 23.16 -4.25
N THR A 205 10.76 22.19 -3.52
CA THR A 205 11.34 20.87 -3.39
C THR A 205 10.29 19.78 -3.54
N PHE A 206 10.70 18.66 -4.14
CA PHE A 206 9.84 17.50 -4.31
C PHE A 206 10.67 16.25 -4.04
N ASP A 207 10.05 15.07 -4.16
CA ASP A 207 10.69 13.81 -3.80
C ASP A 207 10.58 12.84 -4.99
N ASN A 208 10.56 11.55 -4.68
CA ASN A 208 10.63 10.48 -5.67
C ASN A 208 9.85 9.24 -5.26
N VAL A 209 8.78 9.38 -4.50
CA VAL A 209 8.10 8.20 -3.95
C VAL A 209 7.19 7.54 -4.99
N ILE A 210 6.34 8.34 -5.65
CA ILE A 210 5.25 7.76 -6.42
C ILE A 210 5.70 7.10 -7.73
N GLU A 211 6.77 7.61 -8.35
CA GLU A 211 7.11 7.21 -9.72
C GLU A 211 7.20 5.69 -9.87
N ASN A 212 6.90 5.23 -11.09
CA ASN A 212 6.87 3.79 -11.36
C ASN A 212 8.29 3.21 -11.41
N ILE A 213 9.18 3.86 -12.16
CA ILE A 213 10.56 3.38 -12.25
C ILE A 213 11.23 3.53 -10.89
N THR A 214 12.08 2.57 -10.57
CA THR A 214 12.75 2.54 -9.28
C THR A 214 14.10 1.84 -9.41
N SER A 215 15.13 2.44 -8.84
CA SER A 215 16.47 1.87 -8.82
C SER A 215 16.90 1.63 -7.38
N LEU A 216 17.34 0.40 -7.10
CA LEU A 216 17.68 0.03 -5.73
C LEU A 216 18.88 0.80 -5.19
N THR A 217 19.76 1.30 -6.06
CA THR A 217 20.87 2.12 -5.61
C THR A 217 20.48 3.58 -5.42
N ILE A 218 19.52 4.07 -6.22
CA ILE A 218 19.04 5.44 -6.04
C ILE A 218 18.12 5.52 -4.81
N GLY A 219 17.21 4.56 -4.67
CA GLY A 219 16.26 4.62 -3.58
C GLY A 219 15.32 5.80 -3.72
N LYS A 220 14.82 6.27 -2.58
CA LYS A 220 13.95 7.43 -2.51
C LYS A 220 14.71 8.62 -1.96
N SER A 221 14.58 9.75 -2.63
CA SER A 221 15.32 10.96 -2.25
C SER A 221 14.53 12.18 -2.69
N LYS A 222 14.82 13.31 -2.07
CA LYS A 222 14.19 14.58 -2.42
C LYS A 222 15.07 15.38 -3.37
N TYR A 223 14.44 16.26 -4.14
CA TYR A 223 15.12 17.06 -5.14
C TYR A 223 14.65 18.50 -5.07
N PHE A 224 15.54 19.41 -5.46
CA PHE A 224 15.18 20.82 -5.62
C PHE A 224 15.16 21.18 -7.10
N GLN A 225 14.45 22.25 -7.42
CA GLN A 225 14.16 22.62 -8.79
C GLN A 225 15.18 23.61 -9.34
N ASP A 226 15.41 23.53 -10.65
CA ASP A 226 16.30 24.47 -11.32
C ASP A 226 15.60 25.82 -11.46
N PRO A 227 16.25 26.93 -11.08
CA PRO A 227 15.62 28.24 -11.27
C PRO A 227 15.44 28.62 -12.72
N ALA A 228 16.26 28.07 -13.63
CA ALA A 228 16.04 28.31 -15.06
C ALA A 228 14.70 27.75 -15.50
N LEU A 229 14.39 26.51 -15.09
CA LEU A 229 13.07 25.93 -15.38
C LEU A 229 11.95 26.68 -14.70
N LEU A 230 12.20 27.25 -13.52
CA LEU A 230 11.22 28.10 -12.85
C LEU A 230 10.98 29.40 -13.61
N LEU A 231 11.91 29.82 -14.44
CA LEU A 231 11.76 30.99 -15.30
C LEU A 231 11.03 30.71 -16.60
N MET A 232 11.33 29.61 -17.28
CA MET A 232 10.60 29.29 -18.49
C MET A 232 9.15 28.98 -18.19
N HIS A 233 8.89 28.28 -17.08
CA HIS A 233 7.54 28.17 -16.56
C HIS A 233 6.89 29.55 -16.52
N GLU A 234 7.62 30.57 -16.11
CA GLU A 234 7.04 31.91 -15.99
C GLU A 234 7.01 32.68 -17.30
N LEU A 235 7.53 32.13 -18.39
CA LEU A 235 7.44 32.85 -19.66
C LEU A 235 6.24 32.38 -20.49
N ILE A 236 5.75 31.17 -20.23
CA ILE A 236 4.64 30.61 -21.01
C ILE A 236 3.32 31.30 -20.68
N HIS A 237 3.15 31.73 -19.44
CA HIS A 237 2.03 32.58 -19.03
C HIS A 237 2.08 33.94 -19.70
N VAL A 238 3.29 34.43 -19.96
CA VAL A 238 3.50 35.67 -20.67
C VAL A 238 3.15 35.43 -22.14
N LEU A 239 3.60 34.28 -22.66
CA LEU A 239 3.21 33.87 -24.01
C LEU A 239 1.70 33.73 -24.12
N HIS A 240 1.06 33.19 -23.08
CA HIS A 240 -0.39 33.04 -23.09
C HIS A 240 -1.08 34.40 -23.05
N GLY A 241 -0.53 35.34 -22.28
CA GLY A 241 -1.13 36.66 -22.20
C GLY A 241 -0.80 37.54 -23.39
N LEU A 242 0.40 37.38 -23.96
CA LEU A 242 0.74 38.13 -25.16
C LEU A 242 -0.17 37.79 -26.32
N TYR A 243 -0.62 36.55 -26.41
CA TYR A 243 -1.61 36.15 -27.40
C TYR A 243 -3.03 36.35 -26.91
N GLY A 244 -3.22 36.90 -25.71
CA GLY A 244 -4.54 37.16 -25.21
C GLY A 244 -5.38 35.93 -24.95
N MET A 245 -4.75 34.79 -24.67
CA MET A 245 -5.46 33.56 -24.38
C MET A 245 -5.32 33.14 -22.92
N GLN A 246 -5.35 34.10 -22.00
CA GLN A 246 -5.32 33.78 -20.58
C GLN A 246 -6.68 33.21 -20.16
N VAL A 247 -6.65 32.08 -19.46
CA VAL A 247 -7.87 31.41 -19.01
C VAL A 247 -8.04 31.71 -17.53
N SER A 248 -9.29 31.72 -17.07
CA SER A 248 -9.64 32.17 -15.73
C SER A 248 -10.89 31.49 -15.17
N SER A 249 -11.70 30.87 -16.01
CA SER A 249 -12.93 30.26 -15.54
C SER A 249 -12.76 28.76 -15.46
N HIS A 250 -13.84 28.06 -15.13
CA HIS A 250 -13.84 26.62 -14.97
C HIS A 250 -12.62 26.17 -14.16
N GLU A 251 -12.33 26.98 -13.13
CA GLU A 251 -11.46 26.67 -12.00
C GLU A 251 -11.98 25.43 -11.26
N ILE A 252 -11.21 24.93 -10.31
CA ILE A 252 -11.59 23.75 -9.51
C ILE A 252 -11.44 24.12 -8.03
N ILE A 253 -12.54 24.03 -7.28
CA ILE A 253 -12.50 24.42 -5.87
C ILE A 253 -12.35 23.20 -4.97
N PRO A 254 -11.45 23.24 -3.99
CA PRO A 254 -11.26 22.09 -3.09
C PRO A 254 -12.41 21.93 -2.11
N SER A 255 -12.40 20.80 -1.42
CA SER A 255 -13.42 20.58 -0.40
C SER A 255 -12.85 20.93 0.97
N LYS A 256 -13.63 21.67 1.75
CA LYS A 256 -13.17 22.20 3.03
C LYS A 256 -14.07 21.72 4.17
N GLN A 257 -14.68 20.54 4.04
CA GLN A 257 -15.60 20.00 5.04
C GLN A 257 -14.91 19.15 6.10
N GLU A 258 -14.19 18.11 5.71
CA GLU A 258 -13.61 17.18 6.67
C GLU A 258 -12.27 17.68 7.18
N ILE A 259 -11.64 16.89 8.06
CA ILE A 259 -10.37 17.32 8.66
C ILE A 259 -9.19 16.83 7.83
N TYR A 260 -9.34 15.74 7.08
CA TYR A 260 -8.21 15.09 6.41
C TYR A 260 -7.97 15.68 5.03
N MET A 261 -8.64 16.80 4.75
CA MET A 261 -8.66 17.43 3.44
C MET A 261 -7.73 18.63 3.46
N GLN A 262 -7.35 19.12 2.27
CA GLN A 262 -6.34 20.15 2.20
C GLN A 262 -6.92 21.48 1.75
N HIS A 263 -6.49 22.56 2.41
CA HIS A 263 -6.95 23.92 2.12
C HIS A 263 -5.84 24.59 1.29
N THR A 264 -6.20 24.95 0.04
CA THR A 264 -5.31 25.52 -0.96
C THR A 264 -6.06 26.56 -1.80
N TYR A 265 -5.33 27.26 -2.67
CA TYR A 265 -6.08 28.11 -3.59
C TYR A 265 -6.68 27.28 -4.71
N PRO A 266 -7.83 27.72 -5.25
CA PRO A 266 -8.43 27.05 -6.40
C PRO A 266 -7.48 26.91 -7.57
N ILE A 267 -7.40 25.69 -8.08
CA ILE A 267 -6.57 25.39 -9.24
C ILE A 267 -7.27 25.91 -10.48
N SER A 268 -6.60 26.79 -11.21
CA SER A 268 -7.15 27.39 -12.41
C SER A 268 -6.90 26.47 -13.61
N ALA A 269 -7.64 26.71 -14.69
CA ALA A 269 -7.36 26.03 -15.95
C ALA A 269 -6.29 26.74 -16.76
N GLU A 270 -5.72 27.82 -16.25
CA GLU A 270 -4.48 28.34 -16.82
C GLU A 270 -3.28 27.52 -16.39
N GLU A 271 -3.33 26.88 -15.23
CA GLU A 271 -2.11 26.30 -14.67
C GLU A 271 -1.94 24.83 -14.98
N LEU A 272 -3.03 24.13 -15.31
CA LEU A 272 -2.93 22.71 -15.60
C LEU A 272 -2.46 22.48 -17.04
N PHE A 273 -2.77 23.41 -17.93
CA PHE A 273 -2.28 23.24 -19.30
C PHE A 273 -0.80 23.58 -19.40
N THR A 274 -0.33 24.53 -18.59
CA THR A 274 1.07 24.92 -18.68
C THR A 274 1.99 23.81 -18.17
N PHE A 275 1.58 23.10 -17.10
CA PHE A 275 2.46 22.10 -16.52
C PHE A 275 2.59 20.85 -17.40
N GLY A 276 1.51 20.42 -18.04
CA GLY A 276 1.57 19.29 -18.95
C GLY A 276 1.37 17.95 -18.25
N GLY A 277 1.48 16.90 -19.06
CA GLY A 277 1.41 15.55 -18.55
C GLY A 277 -0.01 15.01 -18.45
N GLN A 278 -0.14 13.93 -17.67
CA GLN A 278 -1.45 13.32 -17.46
C GLN A 278 -2.38 14.19 -16.65
N ASP A 279 -1.89 15.26 -16.03
CA ASP A 279 -2.77 16.18 -15.31
C ASP A 279 -3.38 17.23 -16.24
N ALA A 280 -3.37 16.98 -17.54
CA ALA A 280 -3.98 17.87 -18.52
C ALA A 280 -5.39 17.45 -18.90
N ASN A 281 -5.70 16.15 -18.84
CA ASN A 281 -7.10 15.71 -18.97
C ASN A 281 -7.90 15.98 -17.71
N LEU A 282 -7.40 16.84 -16.81
CA LEU A 282 -8.15 17.20 -15.61
C LEU A 282 -9.34 18.03 -16.08
N ILE A 283 -9.09 18.97 -17.00
CA ILE A 283 -10.18 19.61 -17.72
C ILE A 283 -10.75 18.57 -18.67
N SER A 284 -12.07 18.41 -18.65
CA SER A 284 -12.75 17.52 -19.59
C SER A 284 -12.71 18.04 -21.01
N ILE A 285 -12.89 17.15 -22.00
CA ILE A 285 -12.75 17.51 -23.41
C ILE A 285 -13.78 18.56 -23.82
N ASP A 286 -14.86 18.69 -23.03
CA ASP A 286 -15.96 19.59 -23.40
C ASP A 286 -15.66 21.03 -23.03
N ILE A 287 -14.83 21.24 -22.00
CA ILE A 287 -14.45 22.60 -21.64
C ILE A 287 -13.40 23.12 -22.61
N LYS A 288 -12.47 22.26 -23.00
CA LYS A 288 -11.45 22.67 -23.97
C LYS A 288 -12.06 23.12 -25.28
N ASN A 289 -13.25 22.62 -25.63
CA ASN A 289 -13.95 23.13 -26.81
C ASN A 289 -14.53 24.51 -26.55
N ASP A 290 -15.01 24.76 -25.34
CA ASP A 290 -15.56 26.07 -25.01
C ASP A 290 -14.47 27.13 -25.01
N LEU A 291 -13.29 26.79 -24.50
CA LEU A 291 -12.15 27.70 -24.55
C LEU A 291 -11.67 27.90 -25.98
N TYR A 292 -11.78 26.86 -26.81
CA TYR A 292 -11.35 26.97 -28.20
C TYR A 292 -12.29 27.86 -28.99
N GLU A 293 -13.59 27.76 -28.73
CA GLU A 293 -14.56 28.58 -29.45
C GLU A 293 -14.50 30.03 -29.02
N LYS A 294 -14.15 30.29 -27.75
CA LYS A 294 -14.08 31.67 -27.28
C LYS A 294 -12.95 32.43 -27.95
N THR A 295 -11.75 31.83 -27.99
CA THR A 295 -10.63 32.48 -28.67
C THR A 295 -10.90 32.65 -30.16
N LEU A 296 -11.61 31.70 -30.77
CA LEU A 296 -11.96 31.83 -32.19
C LEU A 296 -12.89 33.02 -32.41
N ASN A 297 -13.81 33.26 -31.48
CA ASN A 297 -14.69 34.43 -31.59
C ASN A 297 -13.90 35.71 -31.32
N ASP A 298 -12.90 35.64 -30.44
CA ASP A 298 -12.09 36.82 -30.15
C ASP A 298 -11.21 37.19 -31.34
N TYR A 299 -10.55 36.19 -31.93
CA TYR A 299 -9.69 36.46 -33.08
C TYR A 299 -10.50 36.86 -34.31
N LYS A 300 -11.72 36.35 -34.44
CA LYS A 300 -12.58 36.80 -35.52
C LYS A 300 -12.97 38.27 -35.33
N ALA A 301 -13.19 38.69 -34.08
CA ALA A 301 -13.49 40.09 -33.83
C ALA A 301 -12.28 40.97 -34.10
N ILE A 302 -11.07 40.46 -33.82
CA ILE A 302 -9.85 41.20 -34.10
C ILE A 302 -9.65 41.36 -35.60
N ALA A 303 -9.89 40.30 -36.37
CA ALA A 303 -9.72 40.36 -37.82
C ALA A 303 -10.58 41.47 -38.42
N ASN A 304 -11.83 41.58 -37.97
CA ASN A 304 -12.71 42.62 -38.48
C ASN A 304 -12.34 43.99 -37.93
N LYS A 305 -11.81 44.02 -36.70
CA LYS A 305 -11.35 45.27 -36.11
C LYS A 305 -10.08 45.76 -36.77
N LEU A 306 -9.24 44.82 -37.24
CA LEU A 306 -7.98 45.19 -37.88
C LEU A 306 -8.19 45.61 -39.33
N SER A 307 -9.35 45.29 -39.89
CA SER A 307 -9.63 45.62 -41.29
C SER A 307 -10.14 47.04 -41.45
N GLN A 308 -10.61 47.67 -40.38
CA GLN A 308 -11.17 49.02 -40.44
C GLN A 308 -10.20 50.08 -39.94
N VAL A 309 -8.91 49.78 -39.87
CA VAL A 309 -7.94 50.72 -39.34
C VAL A 309 -7.37 51.56 -40.47
N THR A 310 -7.13 52.83 -40.19
CA THR A 310 -6.82 53.83 -41.21
C THR A 310 -5.73 54.76 -40.72
N SER A 311 -5.48 54.74 -39.41
CA SER A 311 -4.65 55.77 -38.81
C SER A 311 -4.13 55.31 -37.45
N CYS A 312 -3.66 56.28 -36.67
CA CYS A 312 -3.10 56.06 -35.35
C CYS A 312 -3.14 57.39 -34.60
N ASN A 313 -2.53 57.43 -33.42
CA ASN A 313 -2.38 58.66 -32.66
C ASN A 313 -0.97 59.24 -32.78
N ASP A 314 0.03 58.40 -33.02
CA ASP A 314 1.41 58.85 -33.21
C ASP A 314 1.67 59.11 -34.69
N PRO A 315 1.99 60.36 -35.07
CA PRO A 315 2.12 60.68 -36.50
C PRO A 315 3.31 60.03 -37.21
N ASN A 316 4.20 59.33 -36.50
CA ASN A 316 5.36 58.77 -37.21
C ASN A 316 5.25 57.28 -37.46
N ILE A 317 4.19 56.63 -37.00
CA ILE A 317 4.08 55.17 -37.10
C ILE A 317 3.56 54.79 -38.47
N ASP A 318 4.33 54.00 -39.22
CA ASP A 318 3.89 53.50 -40.51
C ASP A 318 2.77 52.49 -40.34
N ILE A 319 1.61 52.76 -40.94
CA ILE A 319 0.44 51.94 -40.72
C ILE A 319 0.49 50.64 -41.52
N ASP A 320 1.45 50.49 -42.43
CA ASP A 320 1.52 49.27 -43.22
C ASP A 320 2.38 48.18 -42.55
N SER A 321 3.40 48.57 -41.78
CA SER A 321 4.30 47.59 -41.17
C SER A 321 3.60 46.75 -40.11
N TYR A 322 2.73 47.36 -39.30
CA TYR A 322 2.09 46.63 -38.20
C TYR A 322 1.04 45.65 -38.70
N LYS A 323 0.36 45.97 -39.80
CA LYS A 323 -0.71 45.10 -40.27
C LYS A 323 -0.14 43.80 -40.81
N GLN A 324 1.09 43.84 -41.30
CA GLN A 324 1.76 42.61 -41.71
C GLN A 324 2.30 41.84 -40.50
N ILE A 325 2.48 42.52 -39.36
CA ILE A 325 2.95 41.81 -38.19
C ILE A 325 1.81 41.05 -37.51
N TYR A 326 0.61 41.64 -37.44
CA TYR A 326 -0.51 41.00 -36.77
C TYR A 326 -1.30 40.06 -37.68
N GLN A 327 -1.14 40.16 -38.99
CA GLN A 327 -1.59 39.08 -39.85
C GLN A 327 -0.64 37.89 -39.72
N GLN A 328 0.60 38.17 -39.30
CA GLN A 328 1.55 37.11 -39.01
C GLN A 328 1.34 36.55 -37.61
N LYS A 329 1.04 37.42 -36.64
CA LYS A 329 0.84 36.97 -35.27
C LYS A 329 -0.45 36.15 -35.14
N TYR A 330 -1.57 36.71 -35.62
CA TYR A 330 -2.87 36.07 -35.49
C TYR A 330 -3.18 35.11 -36.64
N GLN A 331 -2.22 34.87 -37.54
CA GLN A 331 -2.40 33.94 -38.65
C GLN A 331 -3.65 34.27 -39.46
N PHE A 332 -3.77 35.52 -39.90
CA PHE A 332 -4.93 35.95 -40.66
C PHE A 332 -4.69 35.75 -42.16
N ASP A 333 -5.80 35.72 -42.91
CA ASP A 333 -5.77 35.65 -44.36
C ASP A 333 -6.49 36.87 -44.94
N LYS A 334 -6.41 37.00 -46.26
CA LYS A 334 -7.09 38.07 -46.98
C LYS A 334 -8.06 37.48 -47.99
N ASP A 335 -9.24 38.08 -48.07
CA ASP A 335 -10.23 37.71 -49.07
C ASP A 335 -9.98 38.49 -50.36
N SER A 336 -10.90 38.35 -51.32
CA SER A 336 -10.75 39.04 -52.59
C SER A 336 -10.94 40.55 -52.45
N ASN A 337 -11.59 41.01 -51.38
CA ASN A 337 -11.85 42.43 -51.19
C ASN A 337 -10.76 43.14 -50.39
N GLY A 338 -9.92 42.39 -49.69
CA GLY A 338 -8.83 42.97 -48.91
C GLY A 338 -9.01 42.90 -47.42
N GLN A 339 -10.17 42.46 -46.93
CA GLN A 339 -10.42 42.36 -45.51
C GLN A 339 -9.77 41.11 -44.92
N TYR A 340 -9.36 41.22 -43.66
CA TYR A 340 -8.74 40.09 -42.97
C TYR A 340 -9.79 39.13 -42.46
N ILE A 341 -9.57 37.84 -42.72
CA ILE A 341 -10.44 36.78 -42.24
C ILE A 341 -9.62 35.79 -41.46
N VAL A 342 -10.30 34.82 -40.84
CA VAL A 342 -9.68 33.85 -39.96
C VAL A 342 -9.71 32.50 -40.67
N ASN A 343 -8.52 31.98 -40.98
CA ASN A 343 -8.41 30.61 -41.50
C ASN A 343 -8.42 29.65 -40.32
N GLU A 344 -9.51 28.89 -40.18
CA GLU A 344 -9.66 28.00 -39.04
C GLU A 344 -8.60 26.90 -39.02
N ASP A 345 -8.13 26.47 -40.20
CA ASP A 345 -7.06 25.47 -40.25
C ASP A 345 -5.76 26.01 -39.67
N LYS A 346 -5.46 27.29 -39.95
CA LYS A 346 -4.27 27.90 -39.37
C LYS A 346 -4.50 28.33 -37.94
N PHE A 347 -5.75 28.53 -37.55
CA PHE A 347 -6.06 28.90 -36.17
C PHE A 347 -5.90 27.72 -35.23
N GLN A 348 -6.27 26.52 -35.68
CA GLN A 348 -6.16 25.34 -34.84
C GLN A 348 -4.71 25.01 -34.53
N ILE A 349 -3.81 25.24 -35.50
CA ILE A 349 -2.40 25.01 -35.26
C ILE A 349 -1.83 26.06 -34.30
N LEU A 350 -2.29 27.31 -34.43
CA LEU A 350 -1.76 28.37 -33.58
C LEU A 350 -2.30 28.26 -32.15
N TYR A 351 -3.55 27.84 -32.00
CA TYR A 351 -4.13 27.73 -30.67
C TYR A 351 -3.53 26.57 -29.89
N ASN A 352 -3.28 25.44 -30.56
CA ASN A 352 -2.71 24.30 -29.87
C ASN A 352 -1.24 24.53 -29.52
N SER A 353 -0.56 25.40 -30.26
CA SER A 353 0.86 25.63 -29.99
C SER A 353 1.07 26.50 -28.75
N ILE A 354 0.10 27.37 -28.45
CA ILE A 354 0.25 28.27 -27.32
C ILE A 354 -0.21 27.60 -26.03
N MET A 355 -1.35 26.92 -26.07
CA MET A 355 -1.92 26.33 -24.86
C MET A 355 -1.26 25.01 -24.49
N TYR A 356 -1.13 24.11 -25.47
CA TYR A 356 -0.62 22.77 -25.21
C TYR A 356 0.73 22.52 -25.87
N GLY A 357 1.47 23.56 -26.22
CA GLY A 357 2.79 23.40 -26.79
C GLY A 357 3.88 23.30 -25.74
N PHE A 358 4.23 24.43 -25.13
CA PHE A 358 5.29 24.46 -24.13
C PHE A 358 4.75 24.07 -22.76
N THR A 359 5.31 23.00 -22.21
CA THR A 359 5.00 22.55 -20.85
C THR A 359 6.31 22.41 -20.06
N GLU A 360 6.18 22.31 -18.75
CA GLU A 360 7.37 22.19 -17.90
C GLU A 360 7.95 20.78 -17.98
N ILE A 361 7.09 19.78 -18.18
CA ILE A 361 7.56 18.40 -18.32
C ILE A 361 8.32 18.22 -19.63
N GLU A 362 7.79 18.81 -20.71
CA GLU A 362 8.49 18.73 -21.99
C GLU A 362 9.78 19.54 -21.98
N LEU A 363 9.76 20.73 -21.39
CA LEU A 363 10.98 21.53 -21.31
C LEU A 363 12.00 20.90 -20.37
N GLY A 364 11.54 20.12 -19.40
CA GLY A 364 12.47 19.46 -18.49
C GLY A 364 13.21 18.32 -19.16
N LYS A 365 12.57 17.65 -20.11
CA LYS A 365 13.25 16.59 -20.85
C LYS A 365 14.28 17.17 -21.82
N LYS A 366 13.95 18.29 -22.45
CA LYS A 366 14.89 18.93 -23.37
C LYS A 366 16.08 19.53 -22.65
N PHE A 367 15.89 19.97 -21.41
CA PHE A 367 16.95 20.58 -20.63
C PHE A 367 17.62 19.61 -19.65
N ASN A 368 17.25 18.33 -19.70
CA ASN A 368 17.77 17.31 -18.77
C ASN A 368 17.58 17.73 -17.32
N ILE A 369 16.48 18.41 -17.02
CA ILE A 369 16.15 18.85 -15.67
C ILE A 369 15.04 17.96 -15.13
N LYS A 370 15.23 17.46 -13.93
CA LYS A 370 14.27 16.54 -13.33
C LYS A 370 13.05 17.29 -12.79
N THR A 371 11.87 16.81 -13.16
CA THR A 371 10.61 17.41 -12.75
C THR A 371 9.72 16.37 -12.09
N ARG A 372 8.73 16.84 -11.36
CA ARG A 372 7.71 15.95 -10.83
C ARG A 372 6.76 15.54 -11.95
N LEU A 373 6.20 14.34 -11.82
CA LEU A 373 5.30 13.80 -12.85
C LEU A 373 3.84 14.13 -12.56
N SER A 374 3.52 14.48 -11.32
CA SER A 374 2.14 14.71 -10.91
C SER A 374 2.05 16.08 -10.26
N TYR A 375 1.05 16.86 -10.67
CA TYR A 375 0.82 18.15 -10.04
C TYR A 375 0.55 17.95 -8.56
N PHE A 376 0.14 16.74 -8.19
CA PHE A 376 -0.26 16.38 -6.83
C PHE A 376 0.85 15.71 -6.02
N SER A 377 2.11 15.73 -6.49
CA SER A 377 3.22 15.20 -5.69
C SER A 377 3.47 16.06 -4.46
N MET A 378 4.17 15.47 -3.49
CA MET A 378 4.37 16.16 -2.22
C MET A 378 5.41 17.27 -2.32
N ASN A 379 5.05 18.44 -1.80
CA ASN A 379 5.95 19.57 -1.68
C ASN A 379 6.46 19.69 -0.25
N HIS A 380 7.77 19.88 -0.11
CA HIS A 380 8.43 20.00 1.17
C HIS A 380 8.80 21.45 1.43
N ASP A 381 9.58 21.69 2.48
CA ASP A 381 10.01 23.05 2.80
C ASP A 381 10.99 23.55 1.75
N PRO A 382 10.87 24.79 1.32
CA PRO A 382 11.76 25.30 0.26
C PRO A 382 13.16 25.58 0.78
N VAL A 383 14.11 25.53 -0.14
CA VAL A 383 15.52 25.81 0.15
C VAL A 383 15.96 26.99 -0.71
N LYS A 384 17.17 27.47 -0.43
CA LYS A 384 17.75 28.60 -1.14
C LYS A 384 19.08 28.20 -1.77
N ILE A 385 19.36 28.81 -2.91
CA ILE A 385 20.62 28.56 -3.63
C ILE A 385 21.46 29.83 -3.58
N PRO A 386 22.42 29.92 -2.65
CA PRO A 386 23.18 31.17 -2.51
C PRO A 386 24.27 31.33 -3.56
N ASN A 387 24.72 30.25 -4.20
CA ASN A 387 25.84 30.34 -5.12
C ASN A 387 25.41 30.03 -6.55
N LEU A 388 24.46 30.80 -7.08
CA LEU A 388 24.08 30.65 -8.49
C LEU A 388 25.13 31.26 -9.41
N LEU A 389 25.89 32.24 -8.92
CA LEU A 389 26.92 32.89 -9.71
C LEU A 389 28.25 32.14 -9.65
N ASP A 390 28.26 30.90 -9.18
CA ASP A 390 29.46 30.08 -9.09
C ASP A 390 29.34 28.97 -10.12
N ASP A 391 30.22 28.97 -11.12
CA ASP A 391 30.16 27.96 -12.17
C ASP A 391 30.48 26.56 -11.68
N THR A 392 31.13 26.41 -10.53
CA THR A 392 31.31 25.09 -9.95
C THR A 392 30.01 24.51 -9.42
N ILE A 393 28.99 25.35 -9.24
CA ILE A 393 27.68 24.92 -8.76
C ILE A 393 26.64 24.95 -9.86
N TYR A 394 26.72 25.96 -10.74
CA TYR A 394 25.68 26.21 -11.73
C TYR A 394 26.29 26.96 -12.90
N ASN A 395 26.20 26.40 -14.10
CA ASN A 395 26.62 27.06 -15.32
C ASN A 395 25.41 27.26 -16.23
N ASP A 396 25.65 27.94 -17.35
CA ASP A 396 24.59 28.29 -18.29
C ASP A 396 24.39 27.24 -19.38
N THR A 397 24.95 26.04 -19.20
CA THR A 397 24.80 24.96 -20.18
C THR A 397 24.31 23.66 -19.59
N GLU A 398 24.53 23.41 -18.30
CA GLU A 398 24.05 22.20 -17.65
C GLU A 398 23.32 22.46 -16.34
N GLY A 399 23.42 23.64 -15.77
CA GLY A 399 22.74 23.92 -14.52
C GLY A 399 23.45 23.24 -13.36
N PHE A 400 22.68 22.53 -12.54
CA PHE A 400 23.27 21.80 -11.43
C PHE A 400 23.83 20.46 -11.87
N ASN A 401 23.21 19.82 -12.85
CA ASN A 401 23.68 18.52 -13.36
C ASN A 401 24.83 18.75 -14.33
N ILE A 402 26.02 19.00 -13.76
CA ILE A 402 27.23 19.12 -14.55
C ILE A 402 27.79 17.72 -14.78
N GLU A 403 28.17 17.43 -16.02
CA GLU A 403 28.69 16.10 -16.34
C GLU A 403 30.14 15.95 -15.91
N SER A 404 30.92 17.02 -15.98
CA SER A 404 32.33 16.97 -15.60
C SER A 404 32.53 16.69 -14.12
N LYS A 405 31.47 16.73 -13.31
CA LYS A 405 31.55 16.39 -11.89
C LYS A 405 30.71 15.17 -11.56
N ASP A 406 30.31 14.40 -12.57
CA ASP A 406 29.50 13.20 -12.40
C ASP A 406 28.17 13.51 -11.74
N LEU A 407 27.57 14.64 -12.12
CA LEU A 407 26.29 15.07 -11.57
C LEU A 407 25.16 15.07 -12.59
N LYS A 408 25.44 14.79 -13.86
CA LYS A 408 24.38 14.71 -14.85
C LYS A 408 23.60 13.40 -14.74
N SER A 409 24.29 12.32 -14.37
CA SER A 409 23.67 11.01 -14.30
C SER A 409 22.67 10.94 -13.16
N GLU A 410 21.43 10.54 -13.49
CA GLU A 410 20.35 10.36 -12.53
C GLU A 410 19.98 11.66 -11.81
N TYR A 411 20.28 12.80 -12.44
CA TYR A 411 19.95 14.12 -11.91
C TYR A 411 20.47 14.31 -10.48
N LYS A 412 21.69 13.82 -10.23
CA LYS A 412 22.27 13.93 -8.90
C LYS A 412 22.64 15.37 -8.54
N GLY A 413 22.74 16.26 -9.53
CA GLY A 413 22.95 17.66 -9.25
C GLY A 413 21.83 18.30 -8.47
N GLN A 414 20.61 17.79 -8.60
CA GLN A 414 19.46 18.27 -7.85
C GLN A 414 19.12 17.41 -6.65
N ASN A 415 19.75 16.24 -6.52
CA ASN A 415 19.53 15.38 -5.37
C ASN A 415 20.06 16.06 -4.11
N MET A 416 19.21 16.15 -3.08
CA MET A 416 19.62 16.80 -1.84
C MET A 416 20.47 15.90 -0.96
N ARG A 417 20.49 14.59 -1.20
CA ARG A 417 21.35 13.70 -0.44
C ARG A 417 22.74 13.57 -1.05
N VAL A 418 22.97 14.18 -2.21
CA VAL A 418 24.26 14.06 -2.89
C VAL A 418 24.92 15.43 -2.99
N ASN A 419 24.31 16.33 -3.75
CA ASN A 419 24.85 17.68 -3.95
C ASN A 419 24.42 18.56 -2.78
N THR A 420 25.10 18.38 -1.66
CA THR A 420 24.83 19.15 -0.45
C THR A 420 25.45 20.55 -0.49
N ASN A 421 26.40 20.79 -1.39
CA ASN A 421 27.06 22.09 -1.49
C ASN A 421 26.25 23.12 -2.26
N ALA A 422 25.14 22.73 -2.88
CA ALA A 422 24.41 23.63 -3.76
C ALA A 422 23.23 24.32 -3.10
N PHE A 423 22.77 23.83 -1.95
CA PHE A 423 21.59 24.39 -1.30
C PHE A 423 21.86 24.56 0.19
N ARG A 424 21.12 25.48 0.79
CA ARG A 424 21.12 25.68 2.24
C ARG A 424 19.67 25.84 2.70
N ASN A 425 19.42 25.44 3.94
CA ASN A 425 18.07 25.56 4.50
C ASN A 425 17.76 27.01 4.85
N VAL A 426 16.49 27.36 4.76
CA VAL A 426 16.04 28.70 5.12
C VAL A 426 15.82 28.76 6.63
N ASP A 427 16.11 29.92 7.22
CA ASP A 427 15.89 30.11 8.64
C ASP A 427 14.41 30.15 8.93
N GLY A 428 14.01 29.50 10.04
CA GLY A 428 12.59 29.40 10.37
C GLY A 428 11.96 30.70 10.80
N SER A 429 12.69 31.81 10.73
CA SER A 429 12.13 33.09 11.15
C SER A 429 11.14 33.62 10.14
N GLY A 430 11.39 33.40 8.85
CA GLY A 430 10.52 33.90 7.81
C GLY A 430 9.64 32.86 7.17
N LEU A 431 9.91 31.58 7.47
CA LEU A 431 9.16 30.48 6.89
C LEU A 431 7.88 30.25 7.68
N VAL A 432 6.74 30.42 7.03
CA VAL A 432 5.43 30.38 7.68
C VAL A 432 4.56 29.34 6.98
N SER A 433 3.89 28.50 7.76
CA SER A 433 3.08 27.40 7.27
C SER A 433 1.74 27.37 7.97
N LYS A 434 0.84 26.55 7.47
CA LYS A 434 -0.48 26.37 8.07
C LYS A 434 -0.59 25.01 8.73
N LEU A 435 -0.97 25.04 10.01
CA LEU A 435 -0.98 23.87 10.88
C LEU A 435 -2.40 23.59 11.36
N ILE A 436 -2.77 22.32 11.34
CA ILE A 436 -4.01 21.86 11.95
C ILE A 436 -3.65 21.06 13.19
N GLY A 437 -4.58 21.02 14.14
CA GLY A 437 -4.37 20.34 15.40
C GLY A 437 -5.32 19.18 15.60
N LEU A 438 -4.80 18.09 16.13
CA LEU A 438 -5.63 16.97 16.58
C LEU A 438 -5.38 16.77 18.07
N CYS A 439 -6.35 17.18 18.88
CA CYS A 439 -6.32 16.96 20.31
C CYS A 439 -7.17 15.74 20.64
N LYS A 440 -6.69 14.92 21.57
CA LYS A 440 -7.41 13.72 21.96
C LYS A 440 -7.04 13.28 23.38
N LEU A 466 -3.66 15.05 24.55
CA LEU A 466 -2.57 15.01 23.58
C LEU A 466 -2.97 15.70 22.28
N CYS A 467 -2.35 16.84 22.01
CA CYS A 467 -2.59 17.60 20.79
C CYS A 467 -1.38 17.47 19.88
N ILE A 468 -1.61 17.17 18.61
CA ILE A 468 -0.57 17.07 17.61
C ILE A 468 -0.89 18.04 16.48
N LYS A 469 0.17 18.55 15.84
CA LYS A 469 0.03 19.51 14.75
C LYS A 469 0.43 18.88 13.44
N ILE A 470 -0.37 19.08 12.40
CA ILE A 470 -0.10 18.59 11.07
C ILE A 470 -0.10 19.78 10.12
N LYS A 471 0.75 19.71 9.10
CA LYS A 471 0.94 20.82 8.16
C LYS A 471 -0.17 20.82 7.10
N ASN A 472 -0.13 21.82 6.22
CA ASN A 472 -1.12 21.89 5.15
C ASN A 472 -0.60 21.22 3.88
N GLU A 473 0.46 20.45 4.01
CA GLU A 473 1.03 19.79 2.83
C GLU A 473 0.97 18.28 2.89
N ASP A 474 0.93 17.68 4.08
CA ASP A 474 0.78 16.23 4.23
C ASP A 474 -0.65 15.78 4.24
N LEU A 475 -1.68 16.57 3.98
CA LEU A 475 -3.04 16.08 3.99
C LEU A 475 -3.37 15.60 2.56
N THR A 476 -4.62 15.55 2.14
CA THR A 476 -4.99 14.94 0.87
C THR A 476 -5.94 15.91 0.19
N PHE A 477 -5.60 16.31 -1.04
CA PHE A 477 -6.44 17.23 -1.80
C PHE A 477 -7.65 16.52 -2.38
N ILE A 478 -8.83 17.01 -1.99
CA ILE A 478 -10.11 16.59 -2.53
C ILE A 478 -10.85 17.83 -3.00
N ALA A 479 -11.38 17.81 -4.24
CA ALA A 479 -12.12 18.96 -4.76
C ALA A 479 -13.61 18.80 -4.47
N GLU A 480 -14.40 19.64 -5.14
CA GLU A 480 -15.86 19.63 -5.05
C GLU A 480 -16.51 19.07 -6.31
N LYS A 481 -17.84 18.86 -6.26
CA LYS A 481 -18.60 18.31 -7.37
C LYS A 481 -19.18 19.38 -8.28
N ASN A 482 -19.47 20.56 -7.75
CA ASN A 482 -20.01 21.68 -8.51
C ASN A 482 -18.99 22.26 -9.50
N SER A 483 -17.70 22.06 -9.24
CA SER A 483 -16.61 22.57 -10.06
C SER A 483 -16.50 21.88 -11.41
N PHE A 484 -17.19 20.76 -11.63
CA PHE A 484 -17.05 19.95 -12.83
C PHE A 484 -18.21 20.20 -13.80
N SER A 485 -17.90 20.25 -15.10
CA SER A 485 -18.89 20.59 -16.12
C SER A 485 -20.06 19.62 -16.13
N GLU A 486 -21.23 20.14 -16.51
CA GLU A 486 -22.43 19.34 -16.70
C GLU A 486 -23.06 19.56 -18.07
N GLU A 487 -22.33 20.17 -19.00
CA GLU A 487 -22.82 20.40 -20.35
C GLU A 487 -23.06 19.08 -21.09
N PRO A 488 -22.16 18.06 -21.02
CA PRO A 488 -22.45 16.78 -21.69
C PRO A 488 -23.68 16.05 -21.19
N PHE A 489 -24.62 16.78 -20.59
CA PHE A 489 -25.88 16.24 -20.09
C PHE A 489 -27.10 16.92 -20.67
N GLN A 490 -26.92 18.06 -21.33
CA GLN A 490 -28.06 18.87 -21.75
C GLN A 490 -28.54 18.48 -23.13
N ASP A 491 -29.25 19.39 -23.79
CA ASP A 491 -29.85 19.14 -25.11
C ASP A 491 -28.89 19.65 -26.17
N GLU A 492 -28.43 18.74 -27.04
CA GLU A 492 -27.66 19.12 -28.22
C GLU A 492 -28.55 18.92 -29.44
N ILE A 493 -28.71 19.97 -30.24
CA ILE A 493 -29.59 19.95 -31.41
C ILE A 493 -28.72 19.77 -32.65
N VAL A 494 -29.04 18.74 -33.45
CA VAL A 494 -28.29 18.43 -34.66
C VAL A 494 -29.03 19.02 -35.86
N SER A 495 -28.26 19.59 -36.79
CA SER A 495 -28.82 20.13 -38.01
C SER A 495 -27.93 19.69 -39.18
N TYR A 496 -28.15 20.34 -40.34
CA TYR A 496 -27.37 19.99 -41.52
C TYR A 496 -26.01 20.66 -41.52
N ASN A 497 -25.92 21.88 -40.97
CA ASN A 497 -24.69 22.67 -40.99
C ASN A 497 -24.00 22.69 -39.63
N THR A 498 -24.16 21.63 -38.84
CA THR A 498 -23.46 21.52 -37.56
C THR A 498 -22.13 20.79 -37.76
N LYS A 499 -21.05 21.42 -37.31
CA LYS A 499 -19.71 20.88 -37.53
C LYS A 499 -19.31 19.93 -36.40
N ASN A 500 -18.14 19.33 -36.54
CA ASN A 500 -17.63 18.35 -35.59
C ASN A 500 -16.69 19.00 -34.58
N LYS A 501 -16.65 18.44 -33.38
CA LYS A 501 -15.66 18.89 -32.42
C LYS A 501 -14.31 18.23 -32.71
N PRO A 502 -13.21 18.98 -32.62
CA PRO A 502 -11.92 18.40 -33.02
C PRO A 502 -11.45 17.27 -32.15
N LEU A 503 -11.70 17.35 -30.83
CA LEU A 503 -11.23 16.37 -29.86
C LEU A 503 -9.71 16.20 -29.91
N ASN A 504 -9.00 17.18 -30.46
CA ASN A 504 -7.55 17.14 -30.60
C ASN A 504 -6.99 18.42 -29.97
N PHE A 505 -6.44 18.30 -28.76
CA PHE A 505 -5.85 19.42 -28.04
C PHE A 505 -4.45 19.02 -27.57
N ASN A 506 -3.50 19.09 -28.48
CA ASN A 506 -2.10 18.80 -28.18
C ASN A 506 -1.23 19.32 -29.32
N TYR A 507 0.05 19.52 -29.02
CA TYR A 507 1.01 19.96 -30.01
C TYR A 507 2.39 19.54 -29.56
N SER A 508 3.18 18.99 -30.48
CA SER A 508 4.49 18.47 -30.14
C SER A 508 5.52 19.59 -30.03
N LEU A 509 6.39 19.49 -29.02
CA LEU A 509 7.44 20.49 -28.85
C LEU A 509 8.48 20.38 -29.96
N ASP A 510 8.71 19.17 -30.49
CA ASP A 510 9.64 19.02 -31.60
C ASP A 510 9.12 19.71 -32.85
N LYS A 511 7.79 19.69 -33.06
CA LYS A 511 7.22 20.41 -34.18
C LYS A 511 7.45 21.91 -34.07
N ILE A 512 7.40 22.46 -32.85
CA ILE A 512 7.66 23.89 -32.66
C ILE A 512 9.11 24.21 -32.99
N ILE A 513 10.04 23.33 -32.61
CA ILE A 513 11.45 23.58 -32.87
C ILE A 513 11.74 23.50 -34.36
N VAL A 514 11.07 22.59 -35.07
CA VAL A 514 11.31 22.43 -36.50
C VAL A 514 10.80 23.66 -37.25
N ASP A 515 9.60 24.15 -36.88
CA ASP A 515 9.06 25.33 -37.55
C ASP A 515 9.85 26.58 -37.20
N TYR A 516 10.48 26.62 -36.03
CA TYR A 516 11.25 27.79 -35.64
C TYR A 516 12.51 27.93 -36.47
N ASN A 517 13.15 26.82 -36.82
CA ASN A 517 14.36 26.87 -37.64
C ASN A 517 14.04 27.30 -39.07
N LEU A 518 12.81 27.09 -39.53
CA LEU A 518 12.42 27.44 -40.89
C LEU A 518 11.89 28.86 -40.99
N GLN A 519 11.79 29.59 -39.89
CA GLN A 519 11.19 30.92 -39.93
C GLN A 519 12.11 31.91 -40.61
N SER A 520 11.51 32.87 -41.30
CA SER A 520 12.24 34.02 -41.82
C SER A 520 12.28 35.12 -40.76
N LYS A 521 13.45 35.72 -40.58
CA LYS A 521 13.63 36.74 -39.54
C LYS A 521 12.76 37.95 -39.87
N ILE A 522 11.55 37.96 -39.29
CA ILE A 522 10.74 39.17 -39.31
C ILE A 522 11.27 40.12 -38.27
N THR A 523 11.28 41.41 -38.59
CA THR A 523 11.87 42.44 -37.73
C THR A 523 10.76 43.28 -37.11
N LEU A 524 10.93 43.62 -35.84
CA LEU A 524 10.01 44.51 -35.14
C LEU A 524 10.41 45.96 -35.38
N PRO A 525 9.45 46.88 -35.40
CA PRO A 525 9.77 48.29 -35.62
C PRO A 525 10.35 48.93 -34.37
N ASN A 526 10.74 50.20 -34.52
CA ASN A 526 11.22 50.97 -33.37
C ASN A 526 10.12 51.15 -32.35
N ASP A 527 10.41 50.79 -31.10
CA ASP A 527 9.39 50.64 -30.07
C ASP A 527 9.17 51.92 -29.27
N ARG A 528 9.69 53.05 -29.76
CA ARG A 528 9.45 54.32 -29.10
C ARG A 528 8.20 55.00 -29.66
N THR A 529 7.38 55.53 -28.74
CA THR A 529 6.17 56.26 -29.07
C THR A 529 5.97 57.52 -28.23
N THR A 530 4.75 58.07 -28.29
CA THR A 530 4.20 59.22 -27.56
C THR A 530 3.91 58.86 -26.11
N PRO A 531 4.22 59.77 -25.13
CA PRO A 531 3.91 59.48 -23.71
C PRO A 531 2.51 58.97 -23.41
N VAL A 532 2.31 58.60 -22.15
CA VAL A 532 1.04 58.08 -21.69
C VAL A 532 0.28 59.20 -20.98
N THR A 533 -1.02 59.20 -21.15
CA THR A 533 -1.83 60.35 -20.75
C THR A 533 -3.19 59.92 -20.24
N LYS A 534 -3.50 58.61 -20.24
CA LYS A 534 -4.88 58.13 -20.29
C LYS A 534 -5.10 56.83 -19.49
N GLY A 535 -4.12 56.34 -18.76
CA GLY A 535 -4.37 55.18 -17.93
C GLY A 535 -5.21 55.50 -16.69
N ILE A 536 -5.20 54.58 -15.75
CA ILE A 536 -5.50 54.88 -14.36
C ILE A 536 -4.51 54.13 -13.48
N PRO A 537 -3.95 54.81 -12.47
CA PRO A 537 -3.00 54.13 -11.59
C PRO A 537 -3.66 53.48 -10.39
N TYR A 538 -4.49 52.46 -10.64
CA TYR A 538 -4.95 51.61 -9.54
C TYR A 538 -4.46 50.19 -9.77
N ALA A 539 -3.94 49.59 -8.70
CA ALA A 539 -3.41 48.24 -8.66
C ALA A 539 -4.38 47.38 -7.85
N PRO A 540 -4.68 46.17 -8.30
CA PRO A 540 -5.61 45.31 -7.55
C PRO A 540 -5.07 45.03 -6.15
N GLU A 541 -5.94 45.07 -5.16
CA GLU A 541 -5.48 45.05 -3.77
C GLU A 541 -4.82 43.71 -3.46
N TYR A 542 -3.74 43.75 -2.68
CA TYR A 542 -3.07 42.52 -2.31
C TYR A 542 -4.02 41.62 -1.52
N LYS A 543 -4.31 40.44 -2.04
CA LYS A 543 -5.10 39.51 -1.26
C LYS A 543 -4.20 38.86 -0.21
N SER A 544 -4.47 39.12 1.07
CA SER A 544 -3.64 38.61 2.14
C SER A 544 -3.83 37.11 2.33
N ASN A 545 -2.81 36.46 2.89
CA ASN A 545 -2.86 35.05 3.26
C ASN A 545 -2.62 34.84 4.74
N ALA A 546 -2.53 35.92 5.52
CA ALA A 546 -2.14 35.82 6.91
C ALA A 546 -3.33 35.48 7.79
N ALA A 547 -3.07 34.68 8.82
CA ALA A 547 -4.08 34.26 9.78
C ALA A 547 -3.54 34.43 11.18
N SER A 548 -4.44 34.60 12.14
CA SER A 548 -4.05 34.92 13.51
C SER A 548 -3.86 33.68 14.35
N THR A 549 -4.73 32.68 14.17
CA THR A 549 -4.83 31.54 15.07
C THR A 549 -4.77 30.24 14.28
N ILE A 550 -4.46 29.18 14.98
CA ILE A 550 -4.34 27.84 14.39
C ILE A 550 -5.64 27.08 14.64
N GLU A 551 -6.13 26.37 13.63
CA GLU A 551 -7.37 25.62 13.74
C GLU A 551 -7.13 24.33 14.53
N ILE A 552 -7.88 24.18 15.63
CA ILE A 552 -7.69 23.12 16.61
C ILE A 552 -8.92 22.22 16.65
N HIS A 553 -8.71 20.92 16.39
CA HIS A 553 -9.79 19.95 16.29
C HIS A 553 -9.74 18.98 17.47
N ASN A 554 -10.84 18.91 18.20
CA ASN A 554 -11.03 17.92 19.26
C ASN A 554 -11.87 16.76 18.71
N ILE A 555 -11.27 15.57 18.69
CA ILE A 555 -11.91 14.37 18.17
C ILE A 555 -12.03 13.35 19.30
N ASP A 556 -12.73 12.25 19.01
CA ASP A 556 -12.89 11.20 20.01
C ASP A 556 -12.00 10.00 19.68
N ASP A 557 -12.05 9.51 18.45
CA ASP A 557 -11.38 8.29 18.06
C ASP A 557 -9.97 8.58 17.54
N ASN A 558 -9.26 7.51 17.23
CA ASN A 558 -7.90 7.58 16.67
C ASN A 558 -7.99 7.62 15.14
N THR A 559 -7.37 8.61 14.54
CA THR A 559 -7.28 8.71 13.09
C THR A 559 -5.95 8.13 12.61
N ILE A 560 -5.65 8.34 11.33
CA ILE A 560 -4.44 7.79 10.75
C ILE A 560 -3.21 8.55 11.23
N TYR A 561 -3.39 9.79 11.69
CA TYR A 561 -2.24 10.60 12.08
C TYR A 561 -1.82 10.32 13.52
N GLN A 562 -2.69 9.73 14.33
CA GLN A 562 -2.26 9.23 15.63
C GLN A 562 -1.49 7.92 15.47
N TYR A 563 -1.84 7.13 14.45
CA TYR A 563 -1.10 5.90 14.17
C TYR A 563 0.31 6.21 13.68
N LEU A 564 0.45 7.24 12.84
CA LEU A 564 1.78 7.64 12.38
C LEU A 564 2.56 8.35 13.47
N TYR A 565 1.89 9.12 14.32
CA TYR A 565 2.59 9.81 15.40
C TYR A 565 3.11 8.84 16.45
N ALA A 566 2.43 7.71 16.63
CA ALA A 566 2.87 6.72 17.61
C ALA A 566 4.10 5.95 17.15
N GLN A 567 4.46 6.04 15.87
CA GLN A 567 5.63 5.35 15.34
C GLN A 567 6.88 6.21 15.37
N LYS A 568 6.79 7.46 15.84
CA LYS A 568 7.95 8.33 15.87
C LYS A 568 8.87 7.96 17.03
N SER A 569 10.18 8.01 16.78
CA SER A 569 11.14 7.63 17.80
C SER A 569 11.60 8.84 18.60
N PRO A 570 11.87 8.66 19.89
CA PRO A 570 12.39 9.78 20.69
C PRO A 570 13.73 10.25 20.18
N THR A 571 13.92 11.57 20.17
CA THR A 571 15.17 12.17 19.70
C THR A 571 16.20 12.20 20.84
N THR A 572 16.42 11.03 21.43
CA THR A 572 17.42 10.87 22.47
C THR A 572 17.92 9.43 22.45
N LEU A 573 19.19 9.25 22.82
CA LEU A 573 19.79 7.92 22.93
C LEU A 573 19.35 7.33 24.27
N GLN A 574 18.23 6.60 24.23
CA GLN A 574 17.64 6.00 25.42
C GLN A 574 16.98 4.69 25.01
N ARG A 575 16.86 3.77 25.97
CA ARG A 575 16.27 2.47 25.70
C ARG A 575 14.88 2.62 25.08
N ILE A 576 14.62 1.81 24.06
CA ILE A 576 13.36 1.87 23.31
C ILE A 576 12.84 0.45 23.11
N THR A 577 11.51 0.32 23.14
CA THR A 577 10.85 -0.94 22.79
C THR A 577 9.74 -0.65 21.79
N MET A 578 9.24 -1.72 21.18
CA MET A 578 8.10 -1.63 20.27
C MET A 578 6.93 -2.42 20.85
N THR A 579 5.72 -1.98 20.55
CA THR A 579 4.50 -2.64 21.00
C THR A 579 3.48 -2.64 19.88
N ASN A 580 2.50 -3.53 19.99
CA ASN A 580 1.40 -3.57 19.02
C ASN A 580 0.23 -2.68 19.42
N SER A 581 0.31 -2.01 20.57
CA SER A 581 -0.74 -1.12 21.04
C SER A 581 -0.42 0.31 20.63
N VAL A 582 -1.35 0.96 19.93
CA VAL A 582 -1.11 2.33 19.48
C VAL A 582 -1.22 3.30 20.64
N ASP A 583 -2.03 2.97 21.66
CA ASP A 583 -2.17 3.86 22.80
C ASP A 583 -0.98 3.79 23.74
N ASP A 584 -0.25 2.67 23.74
CA ASP A 584 0.93 2.55 24.59
C ASP A 584 2.08 3.39 24.05
N ALA A 585 2.26 3.40 22.72
CA ALA A 585 3.32 4.20 22.13
C ALA A 585 3.04 5.69 22.23
N LEU A 586 1.76 6.08 22.23
CA LEU A 586 1.42 7.50 22.29
C LEU A 586 1.74 8.08 23.66
N ILE A 587 1.31 7.39 24.73
CA ILE A 587 1.54 7.92 26.07
C ILE A 587 2.99 7.72 26.49
N ASN A 588 3.49 6.50 26.41
CA ASN A 588 4.85 6.18 26.81
C ASN A 588 5.84 6.77 25.80
N SER A 589 6.91 7.38 26.30
CA SER A 589 7.88 8.01 25.41
C SER A 589 8.77 6.97 24.74
N THR A 590 9.28 6.01 25.52
CA THR A 590 10.26 5.06 25.00
C THR A 590 9.65 3.98 24.11
N LYS A 591 8.33 3.85 24.08
CA LYS A 591 7.69 2.78 23.32
C LYS A 591 7.19 3.29 21.98
N ILE A 592 7.25 2.42 20.97
CA ILE A 592 6.93 2.76 19.59
C ILE A 592 5.93 1.76 19.04
N TYR A 593 4.94 2.24 18.30
CA TYR A 593 3.95 1.37 17.67
C TYR A 593 4.56 0.68 16.46
N SER A 594 4.13 -0.57 16.25
CA SER A 594 4.63 -1.36 15.13
C SER A 594 3.52 -2.30 14.67
N TYR A 595 3.68 -2.81 13.44
CA TYR A 595 2.70 -3.71 12.85
C TYR A 595 3.35 -4.98 12.32
N PHE A 596 4.63 -5.21 12.63
CA PHE A 596 5.34 -6.42 12.26
C PHE A 596 5.48 -7.29 13.50
N PRO A 597 4.58 -8.28 13.69
CA PRO A 597 4.52 -8.95 15.00
C PRO A 597 5.82 -9.63 15.42
N SER A 598 6.34 -10.53 14.58
CA SER A 598 7.55 -11.26 14.92
C SER A 598 8.76 -10.36 15.07
N VAL A 599 8.78 -9.21 14.39
CA VAL A 599 9.90 -8.28 14.54
C VAL A 599 9.91 -7.68 15.95
N ILE A 600 8.73 -7.44 16.52
CA ILE A 600 8.65 -6.95 17.89
C ILE A 600 9.08 -8.03 18.88
N SER A 601 9.15 -9.28 18.42
CA SER A 601 9.50 -10.38 19.32
C SER A 601 10.96 -10.29 19.75
N LYS A 602 11.84 -9.85 18.85
CA LYS A 602 13.27 -9.91 19.12
C LYS A 602 13.81 -8.58 19.64
N VAL A 603 13.39 -7.46 19.03
CA VAL A 603 13.93 -6.16 19.42
C VAL A 603 13.68 -5.91 20.90
N ASN A 604 12.65 -6.52 21.48
CA ASN A 604 12.46 -6.44 22.93
C ASN A 604 13.33 -7.46 23.65
N GLN A 605 13.64 -8.58 23.02
CA GLN A 605 14.47 -9.60 23.63
C GLN A 605 15.91 -9.11 23.75
N GLY A 606 16.42 -9.04 24.97
CA GLY A 606 17.80 -8.68 25.20
C GLY A 606 18.74 -9.85 24.96
N ALA A 607 19.51 -9.78 23.88
CA ALA A 607 20.43 -10.85 23.52
C ALA A 607 21.56 -10.92 24.56
N GLN A 608 21.52 -11.94 25.41
CA GLN A 608 22.49 -12.12 26.48
C GLN A 608 23.32 -13.37 26.22
N GLY A 609 24.63 -13.21 26.14
CA GLY A 609 25.52 -14.34 26.02
C GLY A 609 25.71 -14.89 24.62
N ILE A 610 25.08 -14.26 23.62
CA ILE A 610 25.15 -14.77 22.27
C ILE A 610 25.73 -13.71 21.35
N LEU A 611 26.29 -14.18 20.23
CA LEU A 611 26.97 -13.31 19.29
C LEU A 611 25.97 -12.45 18.53
N PHE A 612 26.43 -11.28 18.09
CA PHE A 612 25.59 -10.41 17.29
C PHE A 612 25.39 -10.95 15.88
N LEU A 613 26.11 -12.00 15.49
CA LEU A 613 25.93 -12.60 14.17
C LEU A 613 24.50 -13.11 13.99
N GLN A 614 24.07 -14.01 14.88
CA GLN A 614 22.69 -14.47 14.83
C GLN A 614 21.73 -13.43 15.35
N TRP A 615 22.16 -12.57 16.26
CA TRP A 615 21.26 -11.58 16.85
C TRP A 615 20.90 -10.50 15.84
N VAL A 616 21.88 -9.97 15.12
CA VAL A 616 21.62 -8.85 14.21
C VAL A 616 21.01 -9.33 12.91
N ARG A 617 21.51 -10.45 12.37
CA ARG A 617 20.97 -10.96 11.11
C ARG A 617 19.50 -11.32 11.24
N ASP A 618 19.11 -11.93 12.37
CA ASP A 618 17.72 -12.26 12.61
C ASP A 618 16.90 -11.02 12.96
N ILE A 619 17.50 -9.83 12.87
CA ILE A 619 16.76 -8.58 13.04
C ILE A 619 16.64 -7.85 11.70
N ILE A 620 17.64 -8.02 10.84
CA ILE A 620 17.59 -7.43 9.50
C ILE A 620 16.61 -8.19 8.63
N ASP A 621 16.91 -9.46 8.33
CA ASP A 621 16.00 -10.24 7.50
C ASP A 621 14.69 -10.55 8.20
N ASP A 622 14.59 -10.26 9.50
CA ASP A 622 13.30 -10.23 10.17
C ASP A 622 12.39 -9.19 9.53
N PHE A 623 12.91 -7.97 9.35
CA PHE A 623 12.15 -6.93 8.66
C PHE A 623 11.97 -7.26 7.18
N THR A 624 12.84 -8.10 6.64
CA THR A 624 12.77 -8.39 5.20
C THR A 624 11.49 -9.13 4.86
N ASN A 625 11.18 -10.19 5.59
CA ASN A 625 10.06 -11.05 5.26
C ASN A 625 8.79 -10.69 6.03
N GLU A 626 8.77 -9.53 6.70
CA GLU A 626 7.53 -8.99 7.24
C GLU A 626 7.07 -7.79 6.44
N SER A 627 7.87 -7.33 5.48
CA SER A 627 7.61 -6.08 4.80
C SER A 627 7.20 -6.25 3.33
N SER A 628 7.87 -7.10 2.57
CA SER A 628 7.55 -7.25 1.16
C SER A 628 6.39 -8.21 0.91
N GLN A 629 5.36 -8.18 1.75
CA GLN A 629 4.29 -9.17 1.68
C GLN A 629 3.34 -8.88 0.53
N LYS A 630 3.13 -9.90 -0.31
CA LYS A 630 2.34 -9.78 -1.53
C LYS A 630 1.33 -10.90 -1.61
N THR A 631 0.09 -10.56 -1.95
CA THR A 631 -0.95 -11.54 -2.16
C THR A 631 -1.89 -11.04 -3.26
N THR A 632 -2.80 -11.92 -3.67
CA THR A 632 -3.81 -11.57 -4.66
C THR A 632 -5.18 -11.97 -4.12
N ILE A 633 -6.22 -11.34 -4.65
CA ILE A 633 -7.60 -11.67 -4.34
C ILE A 633 -8.22 -12.19 -5.62
N ASP A 634 -8.82 -13.38 -5.56
CA ASP A 634 -9.35 -14.01 -6.76
C ASP A 634 -10.57 -13.27 -7.30
N LYS A 635 -11.29 -12.58 -6.42
CA LYS A 635 -12.44 -11.79 -6.87
C LYS A 635 -12.02 -10.56 -7.65
N ILE A 636 -10.86 -9.99 -7.34
CA ILE A 636 -10.38 -8.76 -7.97
C ILE A 636 -9.27 -9.16 -8.95
N SER A 637 -9.55 -9.01 -10.25
CA SER A 637 -8.63 -9.51 -11.26
C SER A 637 -7.60 -8.45 -11.67
N ASP A 638 -7.91 -7.17 -11.45
CA ASP A 638 -7.06 -6.11 -11.97
C ASP A 638 -5.83 -5.89 -11.10
N VAL A 639 -5.96 -6.00 -9.79
CA VAL A 639 -4.86 -5.79 -8.86
C VAL A 639 -4.04 -7.07 -8.81
N SER A 640 -2.76 -6.97 -9.17
CA SER A 640 -1.88 -8.15 -9.17
C SER A 640 -1.09 -8.28 -7.88
N THR A 641 -1.02 -7.22 -7.06
CA THR A 641 -0.26 -7.25 -5.83
C THR A 641 -1.09 -6.60 -4.73
N ILE A 642 -1.28 -7.32 -3.62
CA ILE A 642 -1.98 -6.81 -2.44
C ILE A 642 -1.02 -6.90 -1.26
N VAL A 643 -0.88 -5.80 -0.54
CA VAL A 643 -0.04 -5.74 0.65
C VAL A 643 -0.96 -5.82 1.87
N PRO A 644 -0.87 -6.88 2.67
CA PRO A 644 -1.85 -7.07 3.76
C PRO A 644 -1.72 -6.07 4.90
N TYR A 645 -0.50 -5.71 5.31
CA TYR A 645 -0.33 -4.86 6.48
C TYR A 645 -0.58 -3.37 6.20
N ILE A 646 -1.43 -3.05 5.23
CA ILE A 646 -1.83 -1.65 5.03
C ILE A 646 -2.75 -1.22 6.16
N GLY A 647 -3.72 -2.06 6.51
CA GLY A 647 -4.71 -1.74 7.52
C GLY A 647 -4.14 -1.41 8.88
N PRO A 648 -3.47 -2.37 9.51
CA PRO A 648 -2.96 -2.12 10.88
C PRO A 648 -2.02 -0.94 10.99
N ALA A 649 -1.43 -0.50 9.88
CA ALA A 649 -0.46 0.59 9.93
C ALA A 649 -1.11 1.95 9.72
N LEU A 650 -2.25 2.00 9.03
CA LEU A 650 -2.95 3.25 8.76
C LEU A 650 -4.35 3.28 9.34
N ASN A 651 -4.70 2.31 10.19
CA ASN A 651 -6.03 2.21 10.81
C ASN A 651 -7.12 2.16 9.74
N ILE A 652 -6.87 1.37 8.70
CA ILE A 652 -7.84 1.13 7.63
C ILE A 652 -8.52 -0.20 7.95
N VAL A 653 -9.62 -0.13 8.71
CA VAL A 653 -10.28 -1.33 9.20
C VAL A 653 -11.78 -1.16 9.07
N LYS A 654 -12.47 -2.28 8.85
CA LYS A 654 -13.92 -2.35 8.81
C LYS A 654 -14.44 -2.83 10.15
N GLN A 655 -15.69 -2.49 10.45
CA GLN A 655 -16.32 -2.96 11.68
C GLN A 655 -16.38 -4.49 11.69
N GLY A 656 -15.87 -5.07 12.76
CA GLY A 656 -15.77 -6.52 12.83
C GLY A 656 -14.65 -7.11 12.01
N TYR A 657 -13.60 -6.33 11.74
CA TYR A 657 -12.49 -6.82 10.93
C TYR A 657 -11.14 -6.40 11.50
N GLU A 658 -11.05 -6.34 12.83
CA GLU A 658 -9.84 -5.94 13.52
C GLU A 658 -8.64 -6.76 13.08
N GLY A 659 -7.97 -6.33 12.03
CA GLY A 659 -6.81 -7.02 11.50
C GLY A 659 -7.05 -7.85 10.26
N ASN A 660 -8.30 -8.20 9.96
CA ASN A 660 -8.65 -8.99 8.77
C ASN A 660 -8.74 -8.04 7.58
N PHE A 661 -7.60 -7.59 7.09
CA PHE A 661 -7.60 -6.67 5.96
C PHE A 661 -7.95 -7.37 4.66
N ILE A 662 -7.58 -8.65 4.52
CA ILE A 662 -7.91 -9.40 3.32
C ILE A 662 -9.40 -9.71 3.27
N GLY A 663 -9.98 -10.07 4.41
CA GLY A 663 -11.41 -10.38 4.45
C GLY A 663 -12.29 -9.17 4.19
N ALA A 664 -11.82 -7.99 4.58
CA ALA A 664 -12.59 -6.77 4.32
C ALA A 664 -12.43 -6.34 2.87
N LEU A 665 -11.33 -6.73 2.22
CA LEU A 665 -11.13 -6.37 0.82
C LEU A 665 -11.96 -7.25 -0.10
N GLU A 666 -12.19 -8.51 0.29
CA GLU A 666 -13.00 -9.40 -0.53
C GLU A 666 -14.45 -8.95 -0.55
N THR A 667 -14.92 -8.32 0.53
CA THR A 667 -16.32 -7.91 0.62
C THR A 667 -16.52 -6.51 0.03
N THR A 668 -15.90 -5.50 0.65
CA THR A 668 -16.11 -4.13 0.18
C THR A 668 -15.42 -3.86 -1.15
N GLY A 669 -14.15 -4.23 -1.27
CA GLY A 669 -13.39 -3.97 -2.48
C GLY A 669 -12.35 -2.88 -2.27
N VAL A 670 -11.84 -2.36 -3.40
CA VAL A 670 -10.80 -1.35 -3.34
C VAL A 670 -11.32 -0.02 -2.79
N VAL A 671 -12.64 0.14 -2.66
CA VAL A 671 -13.22 1.35 -2.10
C VAL A 671 -12.88 1.51 -0.63
N LEU A 672 -12.47 0.42 0.03
CA LEU A 672 -12.14 0.47 1.45
C LEU A 672 -10.92 1.34 1.71
N LEU A 673 -9.98 1.39 0.76
CA LEU A 673 -8.77 2.17 0.95
C LEU A 673 -9.06 3.66 0.96
N LEU A 674 -10.22 4.07 0.45
CA LEU A 674 -10.55 5.48 0.42
C LEU A 674 -10.80 5.98 1.83
N GLU A 675 -10.48 7.24 2.08
CA GLU A 675 -10.86 7.84 3.35
C GLU A 675 -12.27 8.39 3.17
N TYR A 676 -12.66 8.52 1.91
CA TYR A 676 -13.76 9.38 1.50
C TYR A 676 -14.45 8.79 0.28
N ILE A 677 -15.56 8.10 0.52
CA ILE A 677 -16.28 7.36 -0.52
C ILE A 677 -17.09 8.35 -1.35
N PRO A 678 -17.03 8.30 -2.68
CA PRO A 678 -17.82 9.21 -3.51
C PRO A 678 -19.06 8.56 -4.10
N GLU A 679 -19.99 9.39 -4.56
CA GLU A 679 -21.14 8.87 -5.28
C GLU A 679 -20.74 8.66 -6.73
N ILE A 680 -21.07 7.49 -7.27
CA ILE A 680 -20.44 7.04 -8.49
C ILE A 680 -21.42 7.05 -9.67
N THR A 681 -22.67 7.43 -9.40
CA THR A 681 -23.73 7.46 -10.41
C THR A 681 -23.60 8.65 -11.36
N LEU A 682 -24.54 8.78 -12.30
CA LEU A 682 -24.65 9.92 -13.20
C LEU A 682 -26.12 10.29 -13.22
N PRO A 683 -26.52 11.48 -13.60
CA PRO A 683 -27.96 11.70 -13.73
C PRO A 683 -28.45 11.14 -15.05
N VAL A 684 -28.63 12.01 -16.02
CA VAL A 684 -29.32 11.69 -17.25
C VAL A 684 -28.57 12.34 -18.42
N ILE A 685 -28.40 11.58 -19.52
CA ILE A 685 -27.84 12.06 -20.78
C ILE A 685 -28.92 12.21 -21.87
N ALA A 686 -29.71 13.29 -21.80
CA ALA A 686 -30.64 13.81 -22.82
C ALA A 686 -30.35 13.28 -24.24
N ALA A 687 -31.40 12.80 -24.92
CA ALA A 687 -31.31 12.37 -26.32
C ALA A 687 -30.89 13.55 -27.20
N LEU A 688 -30.30 13.25 -28.36
CA LEU A 688 -30.09 14.32 -29.34
C LEU A 688 -31.39 14.54 -30.11
N SER A 689 -31.59 15.76 -30.59
CA SER A 689 -32.79 16.10 -31.34
C SER A 689 -32.40 16.58 -32.73
N ILE A 690 -33.31 16.38 -33.68
CA ILE A 690 -33.11 16.73 -35.07
C ILE A 690 -34.07 17.85 -35.41
N ALA A 691 -33.52 19.00 -35.80
CA ALA A 691 -34.34 20.15 -36.15
C ALA A 691 -34.31 20.49 -37.63
N GLU A 692 -33.44 19.87 -38.42
CA GLU A 692 -33.39 20.12 -39.86
C GLU A 692 -34.52 19.33 -40.51
N SER A 693 -35.66 19.99 -40.68
CA SER A 693 -36.82 19.35 -41.29
C SER A 693 -36.89 19.59 -42.79
N SER A 694 -36.11 20.54 -43.29
CA SER A 694 -36.20 20.95 -44.69
C SER A 694 -35.52 19.93 -45.59
N THR A 695 -36.27 19.40 -46.55
CA THR A 695 -35.69 18.53 -47.57
C THR A 695 -35.85 19.19 -48.93
N GLN A 696 -35.54 20.49 -49.00
CA GLN A 696 -35.70 21.23 -50.24
C GLN A 696 -34.63 20.84 -51.25
N LYS A 697 -33.42 20.53 -50.78
CA LYS A 697 -32.33 20.11 -51.63
C LYS A 697 -32.16 18.60 -51.54
N GLU A 698 -31.80 17.99 -52.67
CA GLU A 698 -31.57 16.55 -52.71
C GLU A 698 -30.25 16.22 -52.02
N LYS A 699 -30.15 14.98 -51.55
CA LYS A 699 -28.96 14.48 -50.84
C LYS A 699 -28.65 15.34 -49.62
N ILE A 700 -29.65 15.44 -48.74
CA ILE A 700 -29.54 16.16 -47.47
C ILE A 700 -29.02 15.19 -46.42
N ILE A 701 -28.53 14.02 -46.89
CA ILE A 701 -28.14 12.94 -46.00
C ILE A 701 -26.96 13.28 -45.10
N LYS A 702 -26.32 14.43 -45.30
CA LYS A 702 -25.25 14.85 -44.39
C LYS A 702 -25.78 15.05 -42.98
N THR A 703 -27.08 15.36 -42.84
CA THR A 703 -27.68 15.44 -41.52
C THR A 703 -27.64 14.11 -40.80
N ILE A 704 -27.72 13.00 -41.54
CA ILE A 704 -27.55 11.69 -40.95
C ILE A 704 -26.13 11.52 -40.42
N ASP A 705 -25.14 11.96 -41.19
CA ASP A 705 -23.74 11.77 -40.80
C ASP A 705 -23.40 12.57 -39.54
N ASN A 706 -23.93 13.80 -39.44
CA ASN A 706 -23.68 14.60 -38.25
C ASN A 706 -24.33 13.98 -37.03
N PHE A 707 -25.47 13.32 -37.22
CA PHE A 707 -26.14 12.66 -36.10
C PHE A 707 -25.36 11.44 -35.63
N LEU A 708 -24.65 10.77 -36.54
CA LEU A 708 -23.80 9.66 -36.15
C LEU A 708 -22.49 10.14 -35.56
N GLU A 709 -21.96 11.25 -36.09
CA GLU A 709 -20.69 11.77 -35.60
C GLU A 709 -20.84 12.36 -34.21
N LYS A 710 -21.90 13.15 -33.99
CA LYS A 710 -22.17 13.72 -32.67
C LYS A 710 -22.51 12.64 -31.64
N ARG A 711 -23.03 11.50 -32.09
CA ARG A 711 -23.24 10.38 -31.19
C ARG A 711 -21.92 9.85 -30.65
N TYR A 712 -20.91 9.78 -31.53
CA TYR A 712 -19.59 9.29 -31.13
C TYR A 712 -18.89 10.27 -30.20
N GLU A 713 -19.15 11.57 -30.36
CA GLU A 713 -18.44 12.59 -29.58
C GLU A 713 -18.81 12.52 -28.11
N LYS A 714 -20.11 12.49 -27.81
CA LYS A 714 -20.63 12.36 -26.46
C LYS A 714 -20.07 11.15 -25.73
N TRP A 715 -19.97 10.00 -26.39
CA TRP A 715 -19.33 8.84 -25.79
C TRP A 715 -17.85 9.07 -25.48
N ILE A 716 -17.24 10.11 -26.04
CA ILE A 716 -15.89 10.50 -25.61
C ILE A 716 -15.95 11.61 -24.57
N GLU A 717 -17.00 12.42 -24.59
CA GLU A 717 -17.14 13.53 -23.66
C GLU A 717 -17.32 13.04 -22.22
N VAL A 718 -18.35 12.22 -21.97
CA VAL A 718 -18.60 11.74 -20.61
C VAL A 718 -17.44 10.87 -20.13
N TYR A 719 -16.86 10.09 -21.04
CA TYR A 719 -15.68 9.29 -20.73
C TYR A 719 -14.55 10.12 -20.16
N LYS A 720 -14.21 11.20 -20.86
CA LYS A 720 -13.14 12.08 -20.38
C LYS A 720 -13.65 13.01 -19.27
N LEU A 721 -14.95 12.98 -19.01
CA LEU A 721 -15.47 13.73 -17.87
C LEU A 721 -15.49 12.85 -16.62
N VAL A 722 -15.35 11.54 -16.81
CA VAL A 722 -15.30 10.54 -15.73
C VAL A 722 -13.84 10.27 -15.41
N LYS A 723 -13.00 10.34 -16.45
CA LYS A 723 -11.56 10.37 -16.31
C LYS A 723 -11.08 11.64 -15.63
N ALA A 724 -11.86 12.72 -15.75
CA ALA A 724 -11.58 13.97 -15.07
C ALA A 724 -11.86 13.94 -13.57
N LYS A 725 -12.93 13.29 -13.13
CA LYS A 725 -13.22 13.31 -11.70
C LYS A 725 -12.30 12.35 -10.94
N TRP A 726 -11.78 11.33 -11.62
CA TRP A 726 -10.91 10.36 -10.96
C TRP A 726 -9.57 11.00 -10.63
N LEU A 727 -9.05 11.81 -11.56
CA LEU A 727 -7.77 12.50 -11.34
C LEU A 727 -7.90 13.57 -10.26
N GLY A 728 -9.10 14.09 -10.06
CA GLY A 728 -9.28 15.19 -9.14
C GLY A 728 -9.92 14.82 -7.81
N THR A 729 -10.27 13.54 -7.63
CA THR A 729 -10.87 13.11 -6.36
C THR A 729 -10.49 11.73 -5.89
N VAL A 730 -10.14 10.78 -6.77
CA VAL A 730 -10.00 9.40 -6.32
C VAL A 730 -8.65 8.82 -6.77
N ASN A 731 -7.76 9.70 -7.24
CA ASN A 731 -6.38 9.37 -7.60
C ASN A 731 -5.41 10.18 -6.75
N THR A 732 -5.91 10.87 -5.72
CA THR A 732 -5.09 11.58 -4.75
C THR A 732 -5.06 10.87 -3.40
N GLN A 733 -6.16 10.20 -3.02
CA GLN A 733 -6.17 9.40 -1.81
C GLN A 733 -5.38 8.12 -2.00
N PHE A 734 -5.31 7.64 -3.25
CA PHE A 734 -4.46 6.50 -3.57
C PHE A 734 -2.98 6.87 -3.50
N GLN A 735 -2.63 8.07 -3.99
CA GLN A 735 -1.25 8.51 -3.98
C GLN A 735 -0.76 8.73 -2.56
N LYS A 736 -1.62 9.28 -1.70
CA LYS A 736 -1.19 9.63 -0.34
C LYS A 736 -1.13 8.41 0.56
N ARG A 737 -1.76 7.30 0.16
CA ARG A 737 -1.50 6.04 0.87
C ARG A 737 -0.06 5.60 0.64
N SER A 738 0.51 5.93 -0.53
CA SER A 738 1.91 5.62 -0.79
C SER A 738 2.84 6.54 0.02
N TYR A 739 2.47 7.82 0.15
CA TYR A 739 3.25 8.72 0.97
C TYR A 739 3.16 8.32 2.45
N GLN A 740 1.95 7.98 2.92
CA GLN A 740 1.79 7.57 4.31
C GLN A 740 2.48 6.23 4.57
N MET A 741 2.54 5.36 3.56
CA MET A 741 3.27 4.10 3.71
C MET A 741 4.77 4.33 3.71
N TYR A 742 5.25 5.37 3.03
CA TYR A 742 6.68 5.64 3.01
C TYR A 742 7.16 6.20 4.35
N ARG A 743 6.31 6.99 5.01
CA ARG A 743 6.68 7.55 6.31
C ARG A 743 6.70 6.46 7.39
N SER A 744 5.71 5.57 7.36
CA SER A 744 5.67 4.47 8.32
C SER A 744 6.88 3.55 8.14
N LEU A 745 7.20 3.20 6.89
CA LEU A 745 8.39 2.39 6.63
C LEU A 745 9.66 3.12 7.05
N GLU A 746 9.66 4.45 6.97
CA GLU A 746 10.82 5.21 7.47
C GLU A 746 10.84 5.23 8.99
N TYR A 747 9.66 5.28 9.62
CA TYR A 747 9.61 5.26 11.08
C TYR A 747 10.04 3.90 11.62
N GLN A 748 9.61 2.82 10.96
CA GLN A 748 9.95 1.48 11.44
C GLN A 748 11.44 1.19 11.26
N VAL A 749 12.00 1.60 10.11
CA VAL A 749 13.42 1.34 9.85
C VAL A 749 14.29 2.20 10.75
N ASP A 750 13.93 3.48 10.93
CA ASP A 750 14.73 4.36 11.78
C ASP A 750 14.68 3.92 13.23
N ALA A 751 13.57 3.28 13.65
CA ALA A 751 13.49 2.77 15.01
C ALA A 751 14.42 1.57 15.19
N ILE A 752 14.42 0.63 14.24
CA ILE A 752 15.27 -0.54 14.34
C ILE A 752 16.74 -0.13 14.31
N LYS A 753 17.10 0.82 13.45
CA LYS A 753 18.48 1.26 13.35
C LYS A 753 18.98 1.94 14.62
N LYS A 754 18.07 2.44 15.45
CA LYS A 754 18.47 2.97 16.76
C LYS A 754 18.36 1.93 17.87
N ILE A 755 17.46 0.95 17.72
CA ILE A 755 17.39 -0.16 18.67
C ILE A 755 18.72 -0.90 18.69
N ILE A 756 19.31 -1.10 17.52
CA ILE A 756 20.52 -1.92 17.41
C ILE A 756 21.76 -1.20 17.93
N ASP A 757 21.73 0.13 18.00
CA ASP A 757 22.89 0.88 18.47
C ASP A 757 23.03 0.85 19.98
N TYR A 758 21.91 0.75 20.71
CA TYR A 758 21.98 0.72 22.17
C TYR A 758 22.57 -0.59 22.67
N GLU A 759 22.15 -1.72 22.10
CA GLU A 759 22.71 -3.00 22.48
C GLU A 759 24.16 -3.15 22.02
N TYR A 760 24.62 -2.30 21.12
CA TYR A 760 26.01 -2.37 20.67
C TYR A 760 26.94 -1.63 21.60
N LYS A 761 26.48 -0.52 22.19
CA LYS A 761 27.31 0.20 23.16
C LYS A 761 27.40 -0.55 24.47
N ILE A 762 26.32 -1.21 24.88
CA ILE A 762 26.36 -2.04 26.08
C ILE A 762 27.20 -3.29 25.84
N TYR A 763 27.26 -3.75 24.59
CA TYR A 763 28.02 -4.95 24.26
C TYR A 763 29.49 -4.75 24.59
N SER A 764 30.03 -5.65 25.44
CA SER A 764 31.42 -5.59 25.89
C SER A 764 32.05 -6.94 25.59
N GLY A 765 32.36 -7.18 24.32
CA GLY A 765 32.96 -8.42 23.89
C GLY A 765 34.30 -8.20 23.23
N PRO A 766 35.12 -9.26 23.17
CA PRO A 766 36.44 -9.10 22.56
C PRO A 766 36.38 -8.91 21.05
N ASP A 767 35.33 -9.42 20.41
CA ASP A 767 35.16 -9.33 18.97
C ASP A 767 34.49 -8.04 18.52
N LYS A 768 34.24 -7.11 19.44
CA LYS A 768 33.46 -5.91 19.15
C LYS A 768 34.15 -5.04 18.09
N GLU A 769 35.47 -4.97 18.13
CA GLU A 769 36.17 -4.04 17.26
C GLU A 769 36.23 -4.53 15.81
N GLN A 770 36.15 -5.85 15.60
CA GLN A 770 36.27 -6.39 14.25
C GLN A 770 34.92 -6.44 13.53
N ILE A 771 33.84 -6.76 14.26
CA ILE A 771 32.53 -6.90 13.64
C ILE A 771 31.80 -5.58 13.46
N ALA A 772 32.50 -4.44 13.60
CA ALA A 772 31.85 -3.14 13.50
C ALA A 772 31.34 -2.88 12.09
N ASP A 773 32.13 -3.24 11.07
CA ASP A 773 31.72 -2.97 9.69
C ASP A 773 30.56 -3.87 9.27
N GLU A 774 30.49 -5.10 9.80
CA GLU A 774 29.40 -5.99 9.45
C GLU A 774 28.08 -5.57 10.08
N ILE A 775 28.13 -4.89 11.23
CA ILE A 775 26.90 -4.36 11.82
C ILE A 775 26.32 -3.26 10.96
N ASN A 776 27.16 -2.29 10.57
CA ASN A 776 26.71 -1.22 9.69
C ASN A 776 26.37 -1.72 8.29
N ASN A 777 26.94 -2.86 7.88
CA ASN A 777 26.63 -3.41 6.57
C ASN A 777 25.21 -3.94 6.51
N LEU A 778 24.70 -4.43 7.63
CA LEU A 778 23.34 -4.96 7.70
C LEU A 778 22.30 -3.88 7.92
N LYS A 779 22.69 -2.70 8.42
CA LYS A 779 21.74 -1.60 8.56
C LYS A 779 21.40 -0.98 7.21
N ASN A 780 22.30 -1.08 6.23
CA ASN A 780 21.96 -0.65 4.88
C ASN A 780 21.06 -1.68 4.20
N LYS A 781 21.10 -2.93 4.65
CA LYS A 781 20.19 -3.94 4.14
C LYS A 781 18.74 -3.63 4.52
N LEU A 782 18.52 -2.85 5.57
CA LEU A 782 17.17 -2.46 5.96
C LEU A 782 16.53 -1.57 4.90
N GLU A 783 17.29 -0.59 4.39
CA GLU A 783 16.77 0.27 3.34
C GLU A 783 16.52 -0.51 2.06
N GLU A 784 17.37 -1.50 1.77
CA GLU A 784 17.24 -2.26 0.54
C GLU A 784 15.95 -3.08 0.51
N LYS A 785 15.48 -3.54 1.66
CA LYS A 785 14.23 -4.28 1.71
C LYS A 785 13.02 -3.38 1.92
N ALA A 786 13.21 -2.21 2.53
CA ALA A 786 12.13 -1.24 2.62
C ALA A 786 11.82 -0.63 1.26
N ASN A 787 12.82 -0.53 0.39
CA ASN A 787 12.57 -0.05 -0.97
C ASN A 787 11.84 -1.11 -1.80
N LYS A 788 12.18 -2.38 -1.61
CA LYS A 788 11.47 -3.44 -2.29
C LYS A 788 10.03 -3.55 -1.79
N ALA A 789 9.76 -3.08 -0.58
CA ALA A 789 8.39 -3.07 -0.07
C ALA A 789 7.59 -1.94 -0.71
N MET A 790 8.21 -0.77 -0.89
CA MET A 790 7.53 0.34 -1.56
C MET A 790 7.24 0.00 -3.01
N ILE A 791 8.02 -0.90 -3.62
CA ILE A 791 7.73 -1.33 -4.98
C ILE A 791 6.41 -2.10 -5.01
N ASN A 792 6.18 -2.95 -4.00
CA ASN A 792 4.92 -3.68 -3.94
C ASN A 792 3.77 -2.77 -3.54
N ILE A 793 4.03 -1.78 -2.69
CA ILE A 793 2.97 -0.87 -2.25
C ILE A 793 2.56 0.05 -3.40
N ASN A 794 3.53 0.59 -4.13
CA ASN A 794 3.20 1.46 -5.26
C ASN A 794 2.44 0.69 -6.34
N ILE A 795 2.81 -0.56 -6.59
CA ILE A 795 2.05 -1.38 -7.53
C ILE A 795 0.65 -1.66 -6.99
N PHE A 796 0.53 -1.79 -5.67
CA PHE A 796 -0.78 -1.98 -5.06
C PHE A 796 -1.68 -0.77 -5.30
N MET A 797 -1.22 0.42 -4.92
CA MET A 797 -2.10 1.58 -4.96
C MET A 797 -2.33 2.06 -6.39
N ARG A 798 -1.37 1.85 -7.28
CA ARG A 798 -1.53 2.29 -8.67
C ARG A 798 -2.49 1.39 -9.43
N GLU A 799 -2.39 0.08 -9.20
CA GLU A 799 -3.32 -0.84 -9.88
C GLU A 799 -4.70 -0.80 -9.26
N SER A 800 -4.79 -0.54 -7.95
CA SER A 800 -6.09 -0.39 -7.31
C SER A 800 -6.78 0.89 -7.77
N SER A 801 -5.98 1.93 -8.05
CA SER A 801 -6.53 3.13 -8.65
C SER A 801 -7.04 2.86 -10.06
N ARG A 802 -6.35 2.01 -10.83
CA ARG A 802 -6.85 1.57 -12.12
C ARG A 802 -8.02 0.60 -12.00
N SER A 803 -8.21 -0.06 -10.85
CA SER A 803 -9.30 -1.00 -10.71
C SER A 803 -10.61 -0.38 -10.25
N PHE A 804 -10.57 0.86 -9.76
CA PHE A 804 -11.78 1.58 -9.36
C PHE A 804 -12.35 2.43 -10.48
N LEU A 805 -11.59 2.61 -11.56
CA LEU A 805 -12.03 3.39 -12.72
C LEU A 805 -12.63 2.48 -13.78
N VAL A 806 -11.84 1.53 -14.26
CA VAL A 806 -12.17 0.72 -15.42
C VAL A 806 -13.39 -0.15 -15.14
N ASN A 807 -13.63 -0.46 -13.86
CA ASN A 807 -14.76 -1.32 -13.48
C ASN A 807 -15.98 -0.48 -13.11
N GLN A 808 -16.24 -0.35 -11.80
CA GLN A 808 -17.32 0.44 -11.19
C GLN A 808 -17.91 1.58 -12.00
N MET A 809 -17.32 2.77 -11.92
CA MET A 809 -17.92 3.96 -12.52
C MET A 809 -17.77 4.02 -14.04
N ILE A 810 -16.86 3.26 -14.64
CA ILE A 810 -16.94 3.15 -16.10
C ILE A 810 -18.14 2.33 -16.50
N ASN A 811 -18.29 1.15 -15.89
CA ASN A 811 -19.53 0.39 -15.87
C ASN A 811 -20.71 1.18 -15.32
N GLU A 812 -20.46 2.33 -14.69
CA GLU A 812 -21.58 3.20 -14.35
C GLU A 812 -21.64 4.37 -15.32
N ALA A 813 -20.61 4.54 -16.15
CA ALA A 813 -20.74 5.39 -17.33
C ALA A 813 -21.36 4.61 -18.47
N LYS A 814 -21.00 3.34 -18.60
CA LYS A 814 -21.53 2.55 -19.71
C LYS A 814 -22.97 2.13 -19.45
N LYS A 815 -23.39 2.17 -18.18
CA LYS A 815 -24.73 1.70 -17.81
C LYS A 815 -25.83 2.41 -18.58
N GLN A 816 -26.01 3.71 -18.34
CA GLN A 816 -27.13 4.45 -18.93
C GLN A 816 -26.70 5.36 -20.08
N LEU A 817 -25.48 5.13 -20.58
CA LEU A 817 -25.08 5.59 -21.91
C LEU A 817 -25.47 4.60 -22.99
N LEU A 818 -25.79 3.37 -22.63
CA LEU A 818 -26.52 2.45 -23.48
C LEU A 818 -28.01 2.78 -23.53
N GLU A 819 -28.45 3.77 -22.75
CA GLU A 819 -29.82 4.24 -22.76
C GLU A 819 -30.06 5.38 -23.74
N PHE A 820 -29.13 6.33 -23.84
CA PHE A 820 -29.21 7.39 -24.83
C PHE A 820 -29.14 6.86 -26.26
N ASP A 821 -28.55 5.69 -26.46
CA ASP A 821 -28.46 5.06 -27.76
C ASP A 821 -29.82 4.65 -28.29
N THR A 822 -30.52 3.78 -27.56
CA THR A 822 -31.83 3.37 -28.01
C THR A 822 -32.83 4.50 -27.83
N GLN A 823 -32.42 5.60 -27.16
CA GLN A 823 -33.24 6.79 -27.19
C GLN A 823 -32.90 7.72 -28.35
N SER A 824 -31.87 7.43 -29.15
CA SER A 824 -31.62 8.25 -30.34
C SER A 824 -31.74 7.49 -31.66
N LYS A 825 -32.11 6.22 -31.63
CA LYS A 825 -32.48 5.55 -32.86
C LYS A 825 -33.96 5.70 -33.15
N ASN A 826 -34.79 5.67 -32.10
CA ASN A 826 -36.23 5.88 -32.22
C ASN A 826 -36.58 7.33 -32.53
N ILE A 827 -35.58 8.21 -32.57
CA ILE A 827 -35.81 9.58 -32.99
C ILE A 827 -35.25 9.71 -34.40
N LEU A 828 -34.10 9.08 -34.62
CA LEU A 828 -33.45 9.08 -35.93
C LEU A 828 -34.31 8.39 -36.97
N MET A 829 -34.71 7.15 -36.69
CA MET A 829 -35.52 6.39 -37.62
C MET A 829 -36.93 6.96 -37.74
N GLN A 830 -37.42 7.68 -36.73
CA GLN A 830 -38.63 8.46 -36.91
C GLN A 830 -38.38 9.67 -37.79
N TYR A 831 -37.18 10.24 -37.75
CA TYR A 831 -36.80 11.25 -38.75
C TYR A 831 -36.53 10.61 -40.10
N ILE A 832 -35.98 9.39 -40.12
CA ILE A 832 -35.78 8.69 -41.37
C ILE A 832 -37.11 8.29 -41.98
N LYS A 833 -38.06 7.85 -41.15
CA LYS A 833 -39.37 7.44 -41.66
C LYS A 833 -40.20 8.64 -42.12
N ALA A 834 -39.90 9.83 -41.59
CA ALA A 834 -40.64 11.02 -41.99
C ALA A 834 -40.19 11.50 -43.37
N ASN A 835 -38.89 11.55 -43.60
CA ASN A 835 -38.33 11.87 -44.92
C ASN A 835 -37.85 10.61 -45.63
N SER A 836 -38.72 9.60 -45.63
CA SER A 836 -38.45 8.31 -46.25
C SER A 836 -38.65 8.32 -47.75
N LYS A 837 -39.54 9.16 -48.28
CA LYS A 837 -39.86 9.18 -49.70
C LYS A 837 -38.77 9.83 -50.55
N PHE A 838 -37.70 10.34 -49.94
CA PHE A 838 -36.63 10.97 -50.72
C PHE A 838 -35.40 10.09 -50.86
N ILE A 839 -35.26 9.06 -50.02
CA ILE A 839 -34.07 8.22 -50.02
C ILE A 839 -34.32 6.84 -50.62
N GLY A 840 -35.55 6.52 -51.00
CA GLY A 840 -35.85 5.21 -51.52
C GLY A 840 -35.34 5.01 -52.94
N ILE A 841 -35.54 3.77 -53.44
CA ILE A 841 -35.22 3.32 -54.79
C ILE A 841 -33.87 3.87 -55.27
N THR A 842 -32.93 4.07 -54.32
CA THR A 842 -31.60 4.54 -54.67
C THR A 842 -30.51 3.85 -53.88
N GLU A 843 -30.77 2.64 -53.35
CA GLU A 843 -29.81 1.87 -52.57
C GLU A 843 -29.30 2.67 -51.37
N LEU A 844 -30.12 3.54 -50.82
CA LEU A 844 -29.75 4.39 -49.69
C LEU A 844 -30.49 4.03 -48.40
N LYS A 845 -31.81 3.82 -48.48
CA LYS A 845 -32.57 3.47 -47.29
C LYS A 845 -32.30 2.02 -46.88
N LYS A 846 -32.43 1.09 -47.81
CA LYS A 846 -32.18 -0.32 -47.53
C LYS A 846 -30.73 -0.58 -47.12
N LEU A 847 -29.81 0.31 -47.49
CA LEU A 847 -28.43 0.19 -47.05
C LEU A 847 -28.26 0.71 -45.63
N GLU A 848 -28.96 1.79 -45.27
CA GLU A 848 -28.79 2.46 -43.98
C GLU A 848 -29.68 1.87 -42.89
N SER A 849 -30.19 0.66 -43.11
CA SER A 849 -30.78 -0.15 -42.04
C SER A 849 -29.84 -1.26 -41.60
N LYS A 850 -29.12 -1.85 -42.55
CA LYS A 850 -28.04 -2.77 -42.21
C LYS A 850 -26.83 -2.02 -41.67
N ILE A 851 -26.70 -0.73 -41.97
CA ILE A 851 -25.59 0.05 -41.44
C ILE A 851 -25.71 0.25 -39.94
N ASN A 852 -26.87 -0.10 -39.36
CA ASN A 852 -27.07 0.10 -37.94
C ASN A 852 -26.60 -1.12 -37.15
N LYS A 853 -25.41 -1.62 -37.49
CA LYS A 853 -24.72 -2.64 -36.71
C LYS A 853 -23.68 -2.03 -35.79
N VAL A 854 -22.94 -1.00 -36.24
CA VAL A 854 -22.04 -0.27 -35.36
C VAL A 854 -22.82 0.34 -34.19
N PHE A 855 -24.13 0.46 -34.34
CA PHE A 855 -24.96 1.01 -33.27
C PHE A 855 -25.20 -0.02 -32.17
N SER A 856 -25.05 -1.31 -32.51
CA SER A 856 -25.13 -2.36 -31.51
C SER A 856 -23.78 -2.48 -30.82
N THR A 857 -22.72 -2.04 -31.50
CA THR A 857 -21.38 -2.11 -30.90
C THR A 857 -21.11 -0.85 -30.08
N PRO A 858 -20.72 -1.01 -28.82
CA PRO A 858 -20.33 0.15 -28.00
C PRO A 858 -18.91 0.57 -28.29
N ILE A 859 -18.53 1.79 -27.92
CA ILE A 859 -17.14 2.21 -28.06
C ILE A 859 -16.46 2.15 -26.69
N PRO A 860 -15.54 1.22 -26.50
CA PRO A 860 -14.99 0.98 -25.16
C PRO A 860 -14.15 2.11 -24.60
N PHE A 861 -13.44 1.81 -23.52
CA PHE A 861 -12.63 2.77 -22.79
C PHE A 861 -11.15 2.48 -22.99
N SER A 862 -10.34 3.53 -23.01
CA SER A 862 -8.89 3.40 -23.10
C SER A 862 -8.28 4.08 -21.88
N TYR A 863 -7.77 3.27 -20.95
CA TYR A 863 -7.20 3.80 -19.72
C TYR A 863 -5.97 4.66 -20.02
N SER A 864 -5.05 4.14 -20.83
CA SER A 864 -3.84 4.87 -21.16
C SER A 864 -3.74 5.12 -22.67
N LYS A 865 -3.08 4.23 -23.38
CA LYS A 865 -2.85 4.40 -24.81
C LYS A 865 -3.90 3.66 -25.61
N ASN A 866 -4.51 4.33 -26.59
CA ASN A 866 -5.46 3.70 -27.48
C ASN A 866 -4.69 2.94 -28.56
N LEU A 867 -4.51 1.64 -28.35
CA LEU A 867 -3.72 0.80 -29.23
C LEU A 867 -4.58 0.24 -30.36
N ASP A 868 -4.00 0.16 -31.55
CA ASP A 868 -4.67 -0.40 -32.73
C ASP A 868 -3.69 -1.30 -33.47
N CYS A 869 -3.78 -2.61 -33.20
CA CYS A 869 -2.94 -3.63 -33.82
C CYS A 869 -3.26 -3.86 -35.30
N TRP A 870 -4.33 -3.26 -35.82
CA TRP A 870 -4.68 -3.44 -37.22
C TRP A 870 -4.78 -2.09 -37.92
N GLN B 1 6.72 -36.03 -5.65
CA GLN B 1 6.18 -36.29 -4.32
C GLN B 1 6.73 -35.23 -3.35
N VAL B 2 5.92 -34.79 -2.40
CA VAL B 2 6.34 -33.79 -1.44
C VAL B 2 6.42 -34.42 -0.06
N GLN B 3 7.54 -34.19 0.60
CA GLN B 3 7.80 -34.83 1.89
C GLN B 3 8.72 -33.93 2.71
N LEU B 4 8.41 -33.85 4.01
CA LEU B 4 9.31 -33.38 5.05
C LEU B 4 9.63 -34.56 5.96
N MET B 5 10.88 -34.67 6.41
CA MET B 5 11.30 -35.66 7.40
C MET B 5 11.89 -34.90 8.58
N GLN B 6 11.69 -35.42 9.78
CA GLN B 6 12.23 -34.84 11.01
C GLN B 6 12.98 -35.90 11.81
N SER B 7 14.04 -35.48 12.51
CA SER B 7 14.86 -36.41 13.28
C SER B 7 15.73 -35.70 14.34
N GLY B 8 15.89 -36.32 15.51
CA GLY B 8 16.88 -35.89 16.48
C GLY B 8 16.38 -35.60 17.87
N ALA B 9 15.52 -36.48 18.39
CA ALA B 9 15.07 -36.38 19.77
C ALA B 9 15.02 -37.79 20.34
N GLU B 10 15.45 -37.92 21.58
CA GLU B 10 15.27 -39.14 22.35
C GLU B 10 14.86 -38.76 23.75
N VAL B 11 15.46 -39.43 24.72
CA VAL B 11 15.16 -39.28 26.13
C VAL B 11 16.30 -38.52 26.78
N GLN B 12 15.99 -37.39 27.41
CA GLN B 12 16.98 -36.50 28.00
C GLN B 12 16.78 -36.36 29.51
N LYS B 13 17.55 -35.45 30.11
CA LYS B 13 17.53 -35.08 31.52
C LYS B 13 17.13 -33.61 31.67
N PRO B 14 16.73 -33.17 32.86
CA PRO B 14 16.39 -31.75 33.04
C PRO B 14 17.57 -30.83 32.81
N GLY B 15 17.33 -29.78 32.01
CA GLY B 15 18.28 -28.71 31.81
C GLY B 15 19.43 -29.00 30.88
N ALA B 16 19.40 -30.12 30.15
CA ALA B 16 20.44 -30.40 29.17
C ALA B 16 20.20 -29.61 27.88
N SER B 17 20.74 -30.08 26.75
CA SER B 17 20.44 -29.54 25.43
C SER B 17 20.06 -30.68 24.50
N VAL B 18 19.23 -30.37 23.50
CA VAL B 18 19.03 -31.24 22.34
C VAL B 18 18.82 -30.36 21.12
N LYS B 19 19.00 -30.93 19.93
CA LYS B 19 18.82 -30.19 18.67
C LYS B 19 18.06 -31.06 17.66
N VAL B 20 17.07 -30.46 17.00
CA VAL B 20 16.14 -31.21 16.16
C VAL B 20 16.14 -30.60 14.76
N SER B 21 15.77 -31.42 13.77
CA SER B 21 15.99 -31.09 12.37
C SER B 21 14.76 -31.42 11.53
N CYS B 22 14.64 -30.78 10.37
CA CYS B 22 13.45 -30.91 9.54
C CYS B 22 13.84 -30.76 8.06
N GLN B 23 14.15 -31.90 7.42
CA GLN B 23 14.70 -31.86 6.07
C GLN B 23 13.59 -32.10 5.06
N ALA B 24 13.41 -31.14 4.16
CA ALA B 24 12.37 -31.19 3.16
C ALA B 24 12.83 -32.04 1.98
N SER B 25 11.89 -32.36 1.11
CA SER B 25 12.18 -33.05 -0.14
C SER B 25 10.94 -32.95 -1.02
N GLY B 26 11.12 -32.40 -2.23
CA GLY B 26 10.05 -32.34 -3.20
C GLY B 26 9.58 -30.98 -3.69
N PHE B 27 10.14 -29.87 -3.19
CA PHE B 27 9.78 -28.54 -3.67
C PHE B 27 10.98 -27.63 -3.48
N THR B 28 10.84 -26.35 -3.84
CA THR B 28 11.91 -25.39 -3.62
C THR B 28 11.71 -24.83 -2.22
N LEU B 29 12.59 -25.22 -1.29
CA LEU B 29 12.40 -24.93 0.12
C LEU B 29 12.46 -23.43 0.40
N ASN B 30 13.33 -22.73 -0.32
CA ASN B 30 13.66 -21.33 -0.03
C ASN B 30 12.51 -20.38 -0.37
N ASN B 31 11.29 -20.88 -0.39
CA ASN B 31 10.15 -20.06 -0.76
C ASN B 31 8.95 -20.21 0.18
N TYR B 32 9.11 -20.84 1.35
CA TYR B 32 7.98 -21.20 2.19
C TYR B 32 8.25 -20.86 3.65
N TYR B 33 7.26 -20.26 4.30
CA TYR B 33 7.23 -20.25 5.76
C TYR B 33 7.24 -21.67 6.27
N ILE B 34 8.01 -21.92 7.31
CA ILE B 34 7.92 -23.23 7.94
C ILE B 34 7.82 -23.06 9.45
N HIS B 35 6.79 -23.68 10.02
CA HIS B 35 6.50 -23.52 11.43
C HIS B 35 7.16 -24.67 12.21
N TRP B 36 7.17 -24.51 13.53
CA TRP B 36 7.32 -25.63 14.46
C TRP B 36 6.10 -25.67 15.36
N LEU B 37 5.57 -26.86 15.56
CA LEU B 37 4.41 -27.07 16.40
C LEU B 37 4.66 -28.28 17.29
N ARG B 38 3.86 -28.42 18.34
CA ARG B 38 4.00 -29.55 19.26
C ARG B 38 2.66 -29.94 19.86
N GLN B 39 2.72 -31.00 20.68
CA GLN B 39 1.58 -31.55 21.40
C GLN B 39 2.09 -32.22 22.67
N ALA B 40 1.47 -31.95 23.81
CA ALA B 40 1.96 -32.59 25.02
C ALA B 40 1.22 -33.92 25.26
N PRO B 41 1.79 -34.85 26.01
CA PRO B 41 1.06 -36.07 26.37
C PRO B 41 -0.22 -35.77 27.14
N GLY B 42 -1.24 -35.31 26.42
CA GLY B 42 -2.56 -35.14 27.00
C GLY B 42 -3.28 -33.88 26.58
N GLN B 43 -2.56 -32.76 26.61
CA GLN B 43 -3.14 -31.50 26.16
C GLN B 43 -3.26 -31.47 24.64
N GLY B 44 -3.88 -30.43 24.10
CA GLY B 44 -4.12 -30.34 22.68
C GLY B 44 -3.01 -29.61 21.95
N PHE B 45 -3.37 -29.10 20.78
CA PHE B 45 -2.39 -28.43 19.93
C PHE B 45 -1.93 -27.11 20.53
N GLU B 46 -0.66 -26.80 20.32
CA GLU B 46 -0.06 -25.57 20.77
C GLU B 46 1.03 -25.19 19.79
N TRP B 47 0.87 -24.04 19.13
CA TRP B 47 1.92 -23.53 18.28
C TRP B 47 3.14 -23.16 19.12
N MET B 48 4.33 -23.41 18.57
CA MET B 48 5.57 -23.11 19.27
C MET B 48 6.41 -22.07 18.53
N GLY B 49 6.61 -22.22 17.23
CA GLY B 49 7.49 -21.30 16.52
C GLY B 49 7.40 -21.43 15.02
N ILE B 50 7.47 -20.28 14.35
CA ILE B 50 7.53 -20.21 12.89
C ILE B 50 8.80 -19.46 12.50
N PHE B 51 9.45 -19.89 11.41
CA PHE B 51 10.51 -19.11 10.79
C PHE B 51 10.11 -18.82 9.35
N ASN B 52 10.92 -18.00 8.69
CA ASN B 52 10.45 -17.58 7.38
C ASN B 52 11.48 -17.90 6.29
N PRO B 53 10.99 -18.16 5.08
CA PRO B 53 11.80 -18.84 4.05
C PRO B 53 13.19 -18.29 3.86
N SER B 54 13.36 -16.98 4.04
CA SER B 54 14.62 -16.29 3.82
C SER B 54 15.62 -16.51 4.94
N SER B 55 15.64 -17.69 5.54
CA SER B 55 16.12 -17.92 6.89
C SER B 55 15.78 -16.75 7.79
N GLY B 56 14.59 -16.20 7.62
CA GLY B 56 14.31 -14.87 8.10
C GLY B 56 13.39 -14.83 9.29
N THR B 57 12.26 -14.15 9.11
CA THR B 57 11.40 -13.73 10.19
C THR B 57 10.96 -14.91 11.03
N ARG B 58 10.71 -14.65 12.31
CA ARG B 58 10.39 -15.73 13.24
C ARG B 58 9.87 -15.13 14.54
N THR B 59 8.91 -15.83 15.14
CA THR B 59 8.43 -15.50 16.48
C THR B 59 8.35 -16.79 17.28
N TYR B 60 8.17 -16.62 18.59
CA TYR B 60 8.00 -17.74 19.51
C TYR B 60 6.76 -17.53 20.36
N ALA B 61 6.17 -18.62 20.82
CA ALA B 61 5.11 -18.52 21.81
C ALA B 61 5.70 -18.21 23.18
N GLN B 62 4.86 -17.67 24.07
CA GLN B 62 5.35 -17.10 25.32
C GLN B 62 6.05 -18.14 26.19
N LYS B 63 5.63 -19.40 26.14
CA LYS B 63 6.13 -20.36 27.11
C LYS B 63 7.56 -20.81 26.84
N PHE B 64 8.17 -20.44 25.72
CA PHE B 64 9.54 -20.86 25.43
C PHE B 64 10.43 -19.70 25.03
N GLN B 65 10.00 -18.48 25.34
CA GLN B 65 10.66 -17.30 24.79
C GLN B 65 12.00 -17.06 25.46
N GLY B 66 13.03 -16.92 24.63
CA GLY B 66 14.39 -16.84 25.08
C GLY B 66 15.01 -18.18 25.39
N ARG B 67 14.19 -19.23 25.53
CA ARG B 67 14.72 -20.55 25.80
C ARG B 67 14.95 -21.37 24.53
N ILE B 68 14.26 -21.06 23.44
CA ILE B 68 14.44 -21.78 22.18
C ILE B 68 14.83 -20.80 21.09
N SER B 69 15.39 -21.33 19.99
CA SER B 69 15.71 -20.55 18.80
C SER B 69 15.45 -21.36 17.54
N MET B 70 15.09 -20.65 16.47
CA MET B 70 14.90 -21.24 15.14
C MET B 70 15.86 -20.59 14.14
N THR B 71 16.37 -21.39 13.21
CA THR B 71 17.17 -20.91 12.09
C THR B 71 17.19 -21.98 11.02
N ALA B 72 17.71 -21.66 9.83
CA ALA B 72 17.77 -22.60 8.73
C ALA B 72 19.06 -22.40 7.91
N ASP B 73 19.29 -23.34 7.00
CA ASP B 73 20.43 -23.31 6.08
C ASP B 73 19.85 -23.43 4.68
N ALA B 74 19.87 -22.30 3.94
CA ALA B 74 19.30 -22.22 2.60
C ALA B 74 20.12 -22.97 1.56
N SER B 75 21.15 -23.70 1.98
CA SER B 75 22.05 -24.40 1.07
C SER B 75 22.06 -25.90 1.28
N THR B 76 21.54 -26.39 2.40
CA THR B 76 21.39 -27.81 2.65
C THR B 76 19.93 -28.23 2.83
N THR B 77 18.98 -27.36 2.50
CA THR B 77 17.56 -27.71 2.60
C THR B 77 17.24 -28.34 3.96
N THR B 78 17.63 -27.63 5.02
CA THR B 78 17.32 -28.09 6.37
C THR B 78 17.00 -26.90 7.24
N LEU B 79 16.08 -27.10 8.17
CA LEU B 79 15.82 -26.15 9.23
C LEU B 79 15.95 -26.92 10.52
N TYR B 80 16.11 -26.21 11.63
CA TYR B 80 16.41 -26.80 12.92
C TYR B 80 15.59 -26.11 14.01
N MET B 81 15.60 -26.72 15.19
CA MET B 81 14.96 -26.18 16.40
C MET B 81 15.97 -26.39 17.53
N GLU B 82 16.39 -25.31 18.18
CA GLU B 82 17.27 -25.45 19.33
C GLU B 82 16.43 -25.46 20.60
N LEU B 83 16.71 -26.40 21.49
CA LEU B 83 16.14 -26.40 22.83
C LEU B 83 17.27 -26.19 23.85
N SER B 84 17.03 -25.33 24.83
CA SER B 84 18.03 -25.00 25.85
C SER B 84 17.31 -24.81 27.17
N GLY B 85 17.80 -25.48 28.21
CA GLY B 85 17.10 -25.50 29.48
C GLY B 85 15.80 -26.25 29.35
N LEU B 86 15.88 -27.58 29.50
CA LEU B 86 14.74 -28.49 29.36
C LEU B 86 14.14 -28.76 30.73
N THR B 87 12.81 -28.68 30.82
CA THR B 87 12.09 -29.04 32.04
C THR B 87 11.09 -30.16 31.76
N SER B 88 10.23 -30.45 32.74
CA SER B 88 9.34 -31.60 32.64
C SER B 88 8.04 -31.29 31.92
N GLU B 89 7.90 -30.04 31.47
CA GLU B 89 6.74 -29.60 30.71
C GLU B 89 7.03 -29.43 29.22
N ASP B 90 8.15 -29.98 28.73
CA ASP B 90 8.48 -29.90 27.31
C ASP B 90 8.37 -31.21 26.54
N ALA B 91 7.81 -32.28 27.13
CA ALA B 91 7.69 -33.54 26.40
C ALA B 91 6.50 -33.49 25.44
N GLY B 92 6.47 -34.41 24.49
CA GLY B 92 5.47 -34.32 23.44
C GLY B 92 6.02 -34.55 22.05
N VAL B 93 5.14 -34.62 21.06
CA VAL B 93 5.56 -34.85 19.68
C VAL B 93 5.59 -33.52 18.93
N TYR B 94 6.64 -33.33 18.13
CA TYR B 94 6.85 -32.08 17.43
C TYR B 94 6.77 -32.30 15.92
N PHE B 95 6.24 -31.29 15.25
CA PHE B 95 6.01 -31.29 13.81
C PHE B 95 6.65 -30.05 13.20
N CYS B 96 7.11 -30.15 11.96
CA CYS B 96 7.42 -28.96 11.19
C CYS B 96 6.42 -28.83 10.04
N ALA B 97 5.86 -27.63 9.87
CA ALA B 97 4.84 -27.46 8.84
C ALA B 97 5.13 -26.26 7.95
N ARG B 98 5.25 -26.51 6.65
CA ARG B 98 5.31 -25.44 5.68
C ARG B 98 3.90 -24.92 5.34
N ILE B 99 3.82 -23.64 4.99
CA ILE B 99 2.58 -23.03 4.57
C ILE B 99 2.42 -23.17 3.06
N GLY B 100 1.17 -23.31 2.61
CA GLY B 100 0.91 -23.58 1.21
C GLY B 100 0.63 -22.31 0.42
N GLY B 101 0.69 -22.46 -0.90
CA GLY B 101 0.53 -21.33 -1.80
C GLY B 101 1.72 -20.40 -1.84
N SER B 102 2.83 -20.76 -1.18
CA SER B 102 4.03 -19.95 -1.23
C SER B 102 4.77 -20.08 -2.55
N THR B 103 4.30 -20.94 -3.46
CA THR B 103 4.83 -20.96 -4.82
C THR B 103 4.50 -19.68 -5.56
N TYR B 104 3.34 -19.08 -5.27
CA TYR B 104 2.96 -17.78 -5.81
C TYR B 104 3.57 -16.62 -5.02
N GLY B 105 4.86 -16.67 -4.71
CA GLY B 105 5.44 -15.67 -3.85
C GLY B 105 5.49 -16.13 -2.41
N ARG B 106 6.65 -16.01 -1.78
CA ARG B 106 6.91 -16.68 -0.50
C ARG B 106 6.19 -15.99 0.66
N LEU B 107 6.08 -14.66 0.60
CA LEU B 107 5.63 -13.89 1.77
C LEU B 107 4.12 -13.96 1.95
N MET B 108 3.55 -15.16 1.92
CA MET B 108 2.15 -15.31 2.27
C MET B 108 1.97 -15.27 3.78
N THR B 109 1.00 -14.48 4.24
CA THR B 109 0.71 -14.36 5.65
C THR B 109 -0.41 -15.32 6.02
N TYR B 110 -0.14 -16.18 7.01
CA TYR B 110 -1.10 -17.16 7.51
C TYR B 110 -1.51 -18.17 6.45
N TYR B 111 -1.05 -19.40 6.62
CA TYR B 111 -1.41 -20.54 5.78
C TYR B 111 -0.70 -21.73 6.38
N PHE B 112 -1.20 -22.93 6.08
CA PHE B 112 -0.38 -24.13 5.99
C PHE B 112 -1.25 -25.35 5.73
N ASP B 113 -0.60 -26.41 5.21
CA ASP B 113 -1.34 -27.47 4.55
C ASP B 113 -0.72 -28.84 4.65
N HIS B 114 0.39 -29.02 5.35
CA HIS B 114 1.14 -30.26 5.25
C HIS B 114 2.19 -30.29 6.34
N TRP B 115 2.07 -31.29 7.20
CA TRP B 115 3.05 -31.58 8.22
C TRP B 115 3.79 -32.84 7.78
N GLY B 116 4.82 -33.20 8.54
CA GLY B 116 5.48 -34.48 8.39
C GLY B 116 4.90 -35.47 9.38
N GLN B 117 5.69 -36.42 9.91
CA GLN B 117 5.14 -37.45 10.79
C GLN B 117 5.44 -37.28 12.27
N GLY B 118 6.56 -36.68 12.66
CA GLY B 118 6.72 -36.33 14.05
C GLY B 118 7.60 -37.30 14.83
N THR B 119 8.49 -36.71 15.63
CA THR B 119 9.41 -37.44 16.49
C THR B 119 9.04 -37.11 17.94
N VAL B 120 9.43 -37.96 18.88
CA VAL B 120 9.00 -37.82 20.27
C VAL B 120 10.11 -37.14 21.07
N VAL B 121 9.81 -35.97 21.62
CA VAL B 121 10.62 -35.40 22.68
C VAL B 121 10.16 -36.05 23.97
N ALA B 122 11.12 -36.48 24.79
CA ALA B 122 10.85 -37.13 26.07
C ALA B 122 11.86 -36.59 27.07
N VAL B 123 11.37 -36.07 28.19
CA VAL B 123 12.25 -35.61 29.25
C VAL B 123 11.73 -36.22 30.55
N SER B 124 12.64 -36.72 31.37
CA SER B 124 12.25 -37.27 32.66
C SER B 124 13.46 -37.55 33.53
N SER B 125 13.22 -37.80 34.81
CA SER B 125 14.30 -37.94 35.78
C SER B 125 14.82 -39.36 35.94
N ALA B 126 14.05 -40.39 35.56
CA ALA B 126 14.53 -41.75 35.81
C ALA B 126 15.65 -42.10 34.84
N SER B 127 16.04 -43.37 34.83
CA SER B 127 17.10 -43.80 33.93
C SER B 127 16.68 -45.02 33.12
N THR B 128 17.48 -45.35 32.13
CA THR B 128 17.25 -46.50 31.29
C THR B 128 17.41 -47.76 32.12
N LYS B 129 16.33 -48.50 32.29
CA LYS B 129 16.27 -49.66 33.18
C LYS B 129 15.69 -50.82 32.38
N GLY B 130 16.39 -51.94 32.39
CA GLY B 130 15.82 -53.18 31.90
C GLY B 130 14.68 -53.61 32.79
N PRO B 131 13.79 -54.45 32.27
CA PRO B 131 12.61 -54.83 33.05
C PRO B 131 12.78 -56.14 33.79
N SER B 132 12.18 -56.18 34.98
CA SER B 132 12.04 -57.39 35.76
C SER B 132 10.83 -58.18 35.25
N VAL B 133 11.10 -59.41 34.81
CA VAL B 133 10.09 -60.26 34.18
C VAL B 133 9.79 -61.40 35.12
N PHE B 134 8.50 -61.70 35.30
CA PHE B 134 7.95 -62.65 36.26
C PHE B 134 6.79 -63.36 35.58
N PRO B 135 6.55 -64.63 35.87
CA PRO B 135 5.38 -65.31 35.29
C PRO B 135 4.06 -64.75 35.83
N LEU B 136 2.97 -65.41 35.44
CA LEU B 136 1.61 -65.10 35.90
C LEU B 136 0.81 -66.35 35.58
N ALA B 137 0.46 -67.14 36.60
CA ALA B 137 -0.01 -68.49 36.36
C ALA B 137 -1.53 -68.56 36.24
N PRO B 138 -2.06 -69.55 35.51
CA PRO B 138 -3.48 -69.89 35.65
C PRO B 138 -3.76 -70.62 36.94
N SER B 139 -4.97 -70.43 37.44
CA SER B 139 -5.49 -71.18 38.57
C SER B 139 -7.00 -71.09 38.48
N SER B 140 -7.67 -71.62 39.49
CA SER B 140 -9.10 -71.83 39.38
C SER B 140 -9.92 -70.55 39.54
N LYS B 141 -9.32 -69.51 40.12
CA LYS B 141 -10.03 -68.24 40.24
C LYS B 141 -10.21 -67.55 38.89
N SER B 142 -9.34 -67.86 37.92
CA SER B 142 -9.48 -67.32 36.57
C SER B 142 -9.04 -68.37 35.55
N THR B 143 -9.81 -69.47 35.47
CA THR B 143 -9.65 -70.47 34.41
C THR B 143 -11.02 -70.94 33.94
N SER B 144 -11.00 -71.78 32.92
CA SER B 144 -12.07 -72.71 32.62
C SER B 144 -13.46 -72.09 32.72
N GLY B 145 -13.71 -71.09 31.88
CA GLY B 145 -15.01 -70.87 31.27
C GLY B 145 -15.17 -71.56 29.93
N GLY B 146 -14.42 -72.65 29.73
CA GLY B 146 -14.09 -73.13 28.41
C GLY B 146 -12.62 -72.85 28.12
N THR B 147 -12.06 -71.78 28.73
CA THR B 147 -10.65 -71.42 28.55
C THR B 147 -10.05 -70.78 29.82
N ALA B 148 -8.71 -70.72 29.85
CA ALA B 148 -7.92 -70.27 31.00
C ALA B 148 -7.26 -68.90 30.79
N ALA B 149 -6.35 -68.50 31.69
CA ALA B 149 -5.78 -67.15 31.58
C ALA B 149 -4.43 -67.07 32.30
N LEU B 150 -3.43 -66.54 31.59
CA LEU B 150 -2.08 -66.40 32.13
C LEU B 150 -1.54 -65.01 31.75
N GLY B 151 -0.26 -64.96 31.38
CA GLY B 151 0.37 -63.72 30.99
C GLY B 151 1.79 -63.63 31.52
N CYS B 152 2.45 -62.51 31.23
CA CYS B 152 3.75 -62.20 31.80
C CYS B 152 3.77 -60.72 32.19
N LEU B 153 4.10 -60.44 33.45
CA LEU B 153 4.10 -59.08 33.97
C LEU B 153 5.51 -58.50 33.93
N VAL B 154 5.74 -57.61 32.96
CA VAL B 154 6.95 -56.81 32.87
C VAL B 154 6.90 -55.77 33.99
N LYS B 155 7.98 -55.67 34.77
CA LYS B 155 7.99 -54.85 35.97
C LYS B 155 9.15 -53.85 35.93
N ASP B 156 8.81 -52.57 36.11
CA ASP B 156 9.74 -51.46 36.27
C ASP B 156 10.71 -51.29 35.11
N TYR B 157 10.29 -50.51 34.10
CA TYR B 157 11.15 -50.20 32.95
C TYR B 157 10.99 -48.76 32.51
N PHE B 158 11.99 -48.25 31.78
CA PHE B 158 11.92 -46.89 31.27
C PHE B 158 11.92 -46.96 29.74
N PRO B 159 12.54 -45.94 28.92
CA PRO B 159 11.76 -45.46 27.76
C PRO B 159 11.07 -46.58 26.99
N GLU B 160 9.73 -46.44 26.83
CA GLU B 160 8.92 -47.20 25.89
C GLU B 160 9.64 -47.26 24.54
N PRO B 161 9.47 -48.34 23.77
CA PRO B 161 8.52 -49.45 23.86
C PRO B 161 9.11 -50.75 24.41
N VAL B 162 8.29 -51.78 24.58
CA VAL B 162 8.78 -53.13 24.87
C VAL B 162 8.10 -54.08 23.91
N THR B 163 8.88 -54.65 23.00
CA THR B 163 8.37 -55.61 22.02
C THR B 163 8.12 -56.91 22.77
N VAL B 164 6.86 -57.33 22.82
CA VAL B 164 6.48 -58.54 23.53
C VAL B 164 5.98 -59.53 22.50
N SER B 165 6.21 -60.81 22.78
CA SER B 165 5.97 -61.89 21.85
C SER B 165 6.14 -63.20 22.63
N TRP B 166 5.31 -64.17 22.29
CA TRP B 166 5.21 -65.45 22.97
C TRP B 166 6.02 -66.46 22.15
N ASN B 167 6.26 -67.65 22.72
CA ASN B 167 6.96 -68.78 22.10
C ASN B 167 7.52 -68.56 20.70
N SER B 168 8.55 -67.71 20.57
CA SER B 168 9.13 -67.31 19.28
C SER B 168 8.11 -67.08 18.18
N GLY B 169 7.06 -66.33 18.46
CA GLY B 169 6.17 -65.79 17.44
C GLY B 169 5.21 -66.78 16.82
N ALA B 170 5.24 -68.05 17.20
CA ALA B 170 4.34 -69.05 16.65
C ALA B 170 2.98 -69.09 17.37
N LEU B 171 2.62 -68.00 18.04
CA LEU B 171 1.35 -67.92 18.76
C LEU B 171 0.98 -66.43 18.84
N THR B 172 0.11 -65.99 17.93
CA THR B 172 -0.36 -64.60 17.85
C THR B 172 -1.88 -64.50 17.74
N SER B 173 -2.61 -65.56 18.13
CA SER B 173 -4.06 -65.51 18.27
C SER B 173 -4.35 -65.57 19.77
N GLY B 174 -5.47 -64.98 20.19
CA GLY B 174 -5.71 -64.81 21.62
C GLY B 174 -4.77 -63.85 22.33
N VAL B 175 -3.92 -63.13 21.60
CA VAL B 175 -2.95 -62.23 22.21
C VAL B 175 -3.61 -60.94 22.67
N HIS B 176 -3.33 -60.51 23.90
CA HIS B 176 -3.68 -59.15 24.33
C HIS B 176 -2.47 -58.53 25.00
N THR B 177 -1.83 -57.60 24.31
CA THR B 177 -0.73 -56.82 24.88
C THR B 177 -1.29 -55.43 25.23
N PHE B 178 -1.51 -55.19 26.51
CA PHE B 178 -2.15 -53.99 27.03
C PHE B 178 -1.22 -52.79 27.01
N PRO B 179 -1.77 -51.59 26.83
CA PRO B 179 -0.97 -50.36 26.93
C PRO B 179 -0.27 -50.24 28.28
N ALA B 180 0.85 -49.50 28.29
CA ALA B 180 1.67 -49.38 29.49
C ALA B 180 1.09 -48.38 30.48
N VAL B 181 1.40 -48.57 31.76
CA VAL B 181 0.93 -47.69 32.82
C VAL B 181 2.07 -46.86 33.35
N LEU B 182 1.94 -45.53 33.28
CA LEU B 182 3.00 -44.68 33.80
C LEU B 182 2.79 -44.42 35.28
N GLN B 183 3.71 -44.95 36.08
CA GLN B 183 3.62 -44.92 37.53
C GLN B 183 4.00 -43.58 38.13
N SER B 184 4.47 -43.63 39.38
CA SER B 184 4.76 -42.45 40.17
C SER B 184 6.25 -42.17 40.30
N SER B 185 7.10 -43.12 39.92
CA SER B 185 8.55 -42.95 39.94
C SER B 185 9.14 -43.00 38.52
N GLY B 186 8.31 -42.64 37.54
CA GLY B 186 8.74 -42.48 36.16
C GLY B 186 8.88 -43.77 35.38
N LEU B 187 8.89 -44.92 36.06
CA LEU B 187 9.08 -46.21 35.43
C LEU B 187 7.73 -46.74 34.93
N TYR B 188 7.77 -47.49 33.83
CA TYR B 188 6.56 -48.01 33.24
C TYR B 188 6.27 -49.44 33.66
N SER B 189 5.21 -50.00 33.08
CA SER B 189 4.77 -51.36 33.31
C SER B 189 3.63 -51.68 32.36
N LEU B 190 3.79 -52.74 31.56
CA LEU B 190 2.65 -53.39 30.92
C LEU B 190 2.77 -54.88 31.13
N SER B 191 1.69 -55.62 30.85
CA SER B 191 1.65 -57.07 30.91
C SER B 191 1.04 -57.58 29.61
N SER B 192 1.40 -58.80 29.22
CA SER B 192 0.71 -59.42 28.12
C SER B 192 -0.02 -60.68 28.59
N VAL B 193 -1.25 -60.84 28.12
CA VAL B 193 -2.05 -62.03 28.39
C VAL B 193 -2.29 -62.76 27.08
N VAL B 194 -2.49 -64.07 27.17
CA VAL B 194 -2.98 -64.89 26.06
C VAL B 194 -4.20 -65.63 26.59
N THR B 195 -5.12 -65.97 25.70
CA THR B 195 -6.34 -66.70 26.06
C THR B 195 -6.31 -68.09 25.42
N VAL B 196 -5.95 -69.08 26.23
CA VAL B 196 -5.64 -70.43 25.74
C VAL B 196 -6.56 -71.48 26.34
N PRO B 197 -6.61 -72.69 25.76
CA PRO B 197 -7.41 -73.78 26.36
C PRO B 197 -6.87 -74.27 27.70
N SER B 198 -7.75 -74.64 28.64
CA SER B 198 -7.32 -74.91 30.02
C SER B 198 -7.20 -76.39 30.38
N SER B 199 -7.55 -77.33 29.52
CA SER B 199 -7.49 -78.73 29.93
C SER B 199 -6.13 -79.36 29.62
N SER B 200 -5.37 -78.72 28.72
CA SER B 200 -4.01 -79.19 28.40
C SER B 200 -2.94 -78.33 29.05
N LEU B 201 -3.11 -77.87 30.29
CA LEU B 201 -2.08 -77.09 30.94
C LEU B 201 -1.16 -78.01 31.73
N GLY B 202 0.09 -78.10 31.28
CA GLY B 202 1.00 -79.12 31.74
C GLY B 202 1.72 -79.86 30.63
N THR B 203 1.03 -80.15 29.52
CA THR B 203 1.59 -80.86 28.38
C THR B 203 2.22 -79.94 27.34
N GLN B 204 1.67 -78.75 27.11
CA GLN B 204 2.28 -77.73 26.26
C GLN B 204 2.89 -76.63 27.13
N THR B 205 3.94 -75.98 26.59
CA THR B 205 4.85 -75.06 27.32
C THR B 205 4.72 -73.63 26.80
N TYR B 206 4.44 -72.67 27.70
CA TYR B 206 4.13 -71.29 27.35
C TYR B 206 5.24 -70.34 27.75
N ILE B 207 5.96 -69.83 26.75
CA ILE B 207 7.04 -68.87 26.94
C ILE B 207 6.66 -67.50 26.38
N CYS B 208 7.09 -66.45 27.05
CA CYS B 208 6.90 -65.07 26.59
C CYS B 208 8.30 -64.48 26.37
N ASN B 209 8.54 -63.96 25.18
CA ASN B 209 9.85 -63.40 24.82
C ASN B 209 9.79 -61.88 25.07
N VAL B 210 10.50 -61.41 26.10
CA VAL B 210 10.49 -59.99 26.46
C VAL B 210 11.72 -59.31 25.85
N ASN B 211 11.49 -58.20 25.16
CA ASN B 211 12.55 -57.43 24.52
C ASN B 211 12.48 -55.97 24.97
N HIS B 212 13.50 -55.53 25.68
CA HIS B 212 13.65 -54.13 26.04
C HIS B 212 14.81 -53.58 25.21
N LYS B 213 14.47 -53.10 24.01
CA LYS B 213 15.41 -52.64 22.99
C LYS B 213 16.29 -51.49 23.43
N PRO B 214 15.76 -50.43 24.08
CA PRO B 214 16.63 -49.35 24.51
C PRO B 214 17.50 -49.72 25.70
N SER B 215 17.53 -50.99 26.10
CA SER B 215 18.33 -51.41 27.23
C SER B 215 19.06 -52.74 27.04
N ASN B 216 18.88 -53.42 25.90
CA ASN B 216 19.61 -54.64 25.51
C ASN B 216 19.37 -55.81 26.45
N THR B 217 18.19 -55.88 27.04
CA THR B 217 17.86 -56.86 28.08
C THR B 217 16.79 -57.80 27.54
N LYS B 218 17.22 -58.93 26.99
CA LYS B 218 16.31 -59.94 26.50
C LYS B 218 16.14 -61.06 27.53
N VAL B 219 14.87 -61.31 27.87
CA VAL B 219 14.45 -62.30 28.84
C VAL B 219 13.54 -63.30 28.15
N ASP B 220 13.73 -64.57 28.44
CA ASP B 220 12.78 -65.61 28.07
C ASP B 220 12.30 -66.25 29.37
N LYS B 221 10.99 -66.24 29.59
CA LYS B 221 10.41 -66.47 30.90
C LYS B 221 9.25 -67.45 30.80
N ARG B 222 9.52 -68.71 31.09
CA ARG B 222 8.50 -69.75 31.03
C ARG B 222 7.42 -69.48 32.07
N VAL B 223 6.22 -70.00 31.83
CA VAL B 223 5.14 -69.91 32.79
C VAL B 223 4.32 -71.21 32.75
N GLU B 224 4.17 -71.84 33.91
CA GLU B 224 3.48 -73.10 34.08
C GLU B 224 2.60 -73.08 35.32
N PRO B 225 1.51 -73.87 35.34
CA PRO B 225 0.67 -73.91 36.54
C PRO B 225 1.34 -74.56 37.73
N LYS B 226 0.80 -74.22 38.90
CA LYS B 226 1.29 -74.61 40.22
C LYS B 226 0.26 -75.50 40.91
N SER B 227 0.54 -75.84 42.17
CA SER B 227 -0.42 -76.63 42.92
C SER B 227 -0.26 -76.37 44.42
N CYS B 228 -0.78 -75.25 44.88
CA CYS B 228 -0.69 -74.85 46.29
C CYS B 228 -1.28 -75.89 47.24
N VAL C 1 -7.61 -16.38 23.01
CA VAL C 1 -7.74 -17.82 23.09
C VAL C 1 -8.94 -18.27 22.24
N LEU C 2 -8.92 -19.52 21.81
CA LEU C 2 -9.99 -20.10 21.00
C LEU C 2 -10.65 -21.20 21.80
N THR C 3 -11.95 -21.08 22.03
CA THR C 3 -12.70 -22.03 22.84
C THR C 3 -13.47 -23.00 21.95
N GLN C 4 -13.30 -24.29 22.21
CA GLN C 4 -14.03 -25.34 21.53
C GLN C 4 -14.77 -26.22 22.54
N GLY C 5 -15.30 -25.59 23.59
CA GLY C 5 -16.03 -26.29 24.61
C GLY C 5 -17.50 -26.43 24.29
N PRO C 6 -18.09 -27.59 24.60
CA PRO C 6 -17.44 -28.77 25.20
C PRO C 6 -16.49 -29.48 24.22
N VAL C 7 -15.51 -30.20 24.78
CA VAL C 7 -14.39 -30.74 24.00
C VAL C 7 -14.79 -32.00 23.25
N THR C 8 -16.06 -32.39 23.34
CA THR C 8 -16.54 -33.61 22.72
C THR C 8 -17.89 -33.35 22.08
N LEU C 9 -18.28 -34.26 21.19
CA LEU C 9 -19.57 -34.15 20.49
C LEU C 9 -19.86 -35.46 19.79
N SER C 10 -21.12 -35.89 19.88
CA SER C 10 -21.50 -37.19 19.34
C SER C 10 -22.75 -37.10 18.47
N VAL C 11 -22.75 -37.84 17.35
CA VAL C 11 -23.88 -37.91 16.45
C VAL C 11 -23.88 -39.28 15.76
N SER C 12 -25.07 -39.83 15.56
CA SER C 12 -25.25 -41.08 14.83
C SER C 12 -24.68 -40.95 13.42
N PRO C 13 -24.27 -42.07 12.81
CA PRO C 13 -23.68 -42.01 11.48
C PRO C 13 -24.63 -41.47 10.43
N GLY C 14 -24.08 -40.68 9.50
CA GLY C 14 -24.80 -40.20 8.34
C GLY C 14 -25.71 -39.00 8.58
N GLY C 15 -25.56 -38.29 9.71
CA GLY C 15 -26.33 -37.10 9.99
C GLY C 15 -25.50 -35.83 9.90
N ARG C 16 -25.99 -34.78 10.57
CA ARG C 16 -25.45 -33.42 10.44
C ARG C 16 -24.92 -32.91 11.77
N GLY C 17 -23.66 -32.50 11.77
CA GLY C 17 -23.03 -31.99 12.99
C GLY C 17 -22.54 -30.57 12.82
N THR C 18 -22.10 -30.00 13.94
CA THR C 18 -21.52 -28.66 14.00
C THR C 18 -20.45 -28.72 15.07
N LEU C 19 -19.27 -28.17 14.79
CA LEU C 19 -18.27 -27.93 15.82
C LEU C 19 -17.98 -26.43 15.82
N SER C 20 -18.10 -25.81 16.98
CA SER C 20 -18.00 -24.37 17.07
C SER C 20 -16.62 -23.95 17.53
N CYS C 21 -16.25 -22.72 17.17
CA CYS C 21 -14.96 -22.14 17.54
C CYS C 21 -15.19 -20.69 17.95
N ARG C 22 -15.42 -20.48 19.24
CA ARG C 22 -15.69 -19.17 19.81
C ARG C 22 -14.35 -18.47 20.07
N ALA C 23 -14.24 -17.23 19.58
CA ALA C 23 -13.04 -16.42 19.82
C ALA C 23 -13.41 -15.13 20.54
N SER C 24 -12.75 -14.03 20.17
CA SER C 24 -13.02 -12.73 20.78
C SER C 24 -12.78 -11.65 19.73
N ARG C 25 -12.80 -10.39 20.19
CA ARG C 25 -12.52 -9.29 19.28
C ARG C 25 -11.03 -9.16 19.00
N SER C 26 -10.18 -9.72 19.87
CA SER C 26 -8.74 -9.66 19.69
C SER C 26 -8.25 -10.70 18.70
N ILE C 27 -9.07 -11.00 17.69
CA ILE C 27 -8.75 -12.00 16.69
C ILE C 27 -9.03 -11.38 15.32
N SER C 28 -10.15 -11.77 14.71
CA SER C 28 -10.58 -11.23 13.43
C SER C 28 -9.50 -11.43 12.38
N THR C 29 -9.25 -12.70 12.05
CA THR C 29 -8.38 -13.11 10.96
C THR C 29 -9.01 -14.30 10.24
N THR C 30 -8.27 -14.92 9.32
CA THR C 30 -8.75 -16.13 8.68
C THR C 30 -8.69 -17.28 9.69
N LEU C 31 -9.47 -18.34 9.44
CA LEU C 31 -9.49 -19.51 10.31
C LEU C 31 -9.32 -20.77 9.47
N ALA C 32 -8.60 -21.74 10.01
CA ALA C 32 -8.40 -23.02 9.35
C ALA C 32 -8.93 -24.15 10.22
N TRP C 33 -9.56 -25.13 9.59
CA TRP C 33 -10.03 -26.34 10.26
C TRP C 33 -9.08 -27.48 9.91
N TYR C 34 -8.98 -28.46 10.81
CA TYR C 34 -8.01 -29.55 10.71
C TYR C 34 -8.48 -30.82 11.40
N GLN C 35 -8.81 -31.84 10.62
CA GLN C 35 -9.10 -33.19 11.12
C GLN C 35 -7.82 -33.84 11.62
N GLN C 36 -7.89 -34.59 12.73
CA GLN C 36 -6.67 -35.17 13.28
C GLN C 36 -6.93 -36.45 14.08
N LYS C 37 -6.13 -37.52 13.79
CA LYS C 37 -5.96 -38.81 14.47
C LYS C 37 -4.51 -38.97 14.94
N PRO C 38 -4.29 -39.50 16.14
CA PRO C 38 -2.94 -39.50 16.73
C PRO C 38 -1.93 -40.37 15.99
N GLY C 39 -2.39 -41.35 15.23
CA GLY C 39 -1.48 -42.21 14.49
C GLY C 39 -1.26 -41.72 13.07
N GLN C 40 -1.48 -40.43 12.83
CA GLN C 40 -1.42 -39.86 11.50
C GLN C 40 -1.15 -38.36 11.65
N ALA C 41 -0.81 -37.72 10.54
CA ALA C 41 -0.56 -36.29 10.53
C ALA C 41 -1.85 -35.53 10.33
N PRO C 42 -1.97 -34.34 10.92
CA PRO C 42 -3.19 -33.56 10.77
C PRO C 42 -3.44 -33.19 9.31
N ARG C 43 -4.72 -33.04 8.99
CA ARG C 43 -5.19 -32.87 7.61
C ARG C 43 -5.86 -31.51 7.51
N LEU C 44 -5.53 -30.75 6.46
CA LEU C 44 -6.15 -29.44 6.27
C LEU C 44 -7.55 -29.60 5.70
N LEU C 45 -8.56 -29.29 6.52
CA LEU C 45 -9.96 -29.39 6.11
C LEU C 45 -10.46 -28.10 5.48
N ILE C 46 -10.44 -27.01 6.23
CA ILE C 46 -10.87 -25.70 5.74
C ILE C 46 -9.79 -24.68 6.05
N TYR C 47 -9.54 -23.78 5.11
CA TYR C 47 -8.68 -22.63 5.35
C TYR C 47 -9.44 -21.37 4.94
N GLY C 48 -9.06 -20.25 5.56
CA GLY C 48 -9.65 -18.97 5.22
C GLY C 48 -11.11 -18.86 5.54
N ALA C 49 -11.54 -19.46 6.67
CA ALA C 49 -12.92 -19.48 7.13
C ALA C 49 -13.84 -20.29 6.22
N SER C 50 -13.51 -20.41 4.94
CA SER C 50 -14.42 -20.99 3.96
C SER C 50 -13.70 -21.88 2.95
N THR C 51 -12.60 -21.41 2.37
CA THR C 51 -11.91 -22.12 1.28
C THR C 51 -11.54 -23.54 1.65
N ARG C 52 -11.86 -24.49 0.77
CA ARG C 52 -11.57 -25.91 0.98
C ARG C 52 -10.66 -26.39 -0.14
N ALA C 53 -9.63 -27.16 0.23
CA ALA C 53 -8.65 -27.62 -0.74
C ALA C 53 -9.16 -28.83 -1.51
N THR C 54 -8.58 -29.05 -2.69
CA THR C 54 -8.92 -30.23 -3.47
C THR C 54 -8.41 -31.49 -2.78
N GLY C 55 -9.25 -32.51 -2.72
CA GLY C 55 -8.96 -33.71 -1.97
C GLY C 55 -9.80 -33.86 -0.71
N ILE C 56 -10.29 -32.76 -0.16
CA ILE C 56 -11.25 -32.76 0.93
C ILE C 56 -12.63 -33.00 0.32
N PRO C 57 -13.40 -33.97 0.79
CA PRO C 57 -14.65 -34.33 0.10
C PRO C 57 -15.68 -33.20 0.22
N ALA C 58 -16.82 -33.43 -0.42
CA ALA C 58 -17.86 -32.41 -0.46
C ALA C 58 -18.69 -32.35 0.83
N ARG C 59 -18.16 -32.84 1.96
CA ARG C 59 -18.90 -32.82 3.22
C ARG C 59 -18.39 -31.75 4.19
N PHE C 60 -17.12 -31.38 4.10
CA PHE C 60 -16.46 -30.45 5.04
C PHE C 60 -16.54 -29.03 4.50
N THR C 61 -17.05 -28.11 5.34
CA THR C 61 -17.29 -26.70 5.00
C THR C 61 -17.79 -25.99 6.26
N GLY C 62 -17.84 -24.65 6.22
CA GLY C 62 -18.38 -23.92 7.37
C GLY C 62 -18.73 -22.45 7.19
N SER C 63 -18.74 -21.70 8.29
CA SER C 63 -18.92 -20.25 8.23
C SER C 63 -18.28 -19.60 9.44
N GLY C 64 -18.71 -18.38 9.74
CA GLY C 64 -17.99 -17.56 10.71
C GLY C 64 -18.49 -16.15 10.86
N SER C 65 -19.21 -15.90 11.95
CA SER C 65 -19.95 -14.67 12.16
C SER C 65 -19.41 -13.95 13.40
N GLY C 66 -19.12 -12.66 13.25
CA GLY C 66 -18.69 -11.82 14.35
C GLY C 66 -17.38 -12.23 14.98
N THR C 67 -17.44 -12.79 16.19
CA THR C 67 -16.28 -13.30 16.88
C THR C 67 -16.29 -14.82 16.99
N GLU C 68 -17.27 -15.48 16.38
CA GLU C 68 -17.38 -16.93 16.41
C GLU C 68 -17.33 -17.50 15.00
N PHE C 69 -16.87 -18.75 14.91
CA PHE C 69 -16.76 -19.55 13.70
C PHE C 69 -17.24 -20.96 14.00
N THR C 70 -17.54 -21.72 12.95
CA THR C 70 -17.91 -23.12 13.18
C THR C 70 -17.42 -23.98 12.03
N LEU C 71 -17.38 -25.28 12.30
CA LEU C 71 -17.14 -26.32 11.30
C LEU C 71 -18.40 -27.14 11.13
N THR C 72 -18.80 -27.38 9.88
CA THR C 72 -19.95 -28.25 9.59
C THR C 72 -19.47 -29.45 8.79
N ILE C 73 -20.00 -30.63 9.10
CA ILE C 73 -19.74 -31.85 8.33
C ILE C 73 -21.07 -32.48 7.92
N SER C 74 -21.06 -33.12 6.76
CA SER C 74 -22.23 -33.82 6.25
C SER C 74 -21.95 -35.32 6.14
N SER C 75 -23.05 -36.09 6.17
CA SER C 75 -23.05 -37.55 6.11
C SER C 75 -21.90 -38.18 6.87
N LEU C 76 -22.02 -38.28 8.19
CA LEU C 76 -20.94 -38.81 9.01
C LEU C 76 -20.73 -40.29 8.73
N GLN C 77 -19.46 -40.68 8.74
CA GLN C 77 -19.04 -42.07 8.62
C GLN C 77 -18.26 -42.46 9.87
N SER C 78 -17.76 -43.70 9.87
CA SER C 78 -16.98 -44.17 11.01
C SER C 78 -15.56 -43.61 10.99
N GLU C 79 -15.07 -43.27 9.81
CA GLU C 79 -13.71 -42.74 9.69
C GLU C 79 -13.60 -41.32 10.20
N ASP C 80 -14.73 -40.63 10.36
CA ASP C 80 -14.71 -39.25 10.86
C ASP C 80 -14.40 -39.17 12.35
N PHE C 81 -14.35 -40.31 13.06
CA PHE C 81 -13.97 -40.32 14.46
C PHE C 81 -12.53 -39.84 14.60
N ALA C 82 -12.36 -38.56 14.93
CA ALA C 82 -11.05 -37.93 15.03
C ALA C 82 -11.22 -36.65 15.86
N VAL C 83 -10.10 -35.96 16.09
CA VAL C 83 -10.11 -34.70 16.82
C VAL C 83 -10.00 -33.55 15.82
N TYR C 84 -10.76 -32.49 16.07
CA TYR C 84 -10.83 -31.36 15.17
C TYR C 84 -10.40 -30.09 15.90
N TYR C 85 -9.62 -29.26 15.24
CA TYR C 85 -9.03 -28.07 15.83
C TYR C 85 -9.31 -26.86 14.95
N CYS C 86 -9.56 -25.72 15.58
CA CYS C 86 -9.61 -24.46 14.88
C CYS C 86 -8.37 -23.63 15.22
N GLN C 87 -7.84 -22.96 14.21
CA GLN C 87 -6.54 -22.31 14.30
C GLN C 87 -6.65 -20.90 13.76
N GLN C 88 -6.50 -19.91 14.64
CA GLN C 88 -6.61 -18.51 14.26
C GLN C 88 -5.30 -17.79 14.58
N TYR C 89 -5.34 -16.46 14.62
CA TYR C 89 -4.17 -15.63 14.87
C TYR C 89 -4.60 -14.39 15.62
N ASN C 90 -3.61 -13.64 16.07
CA ASN C 90 -3.82 -12.31 16.63
C ASN C 90 -2.69 -11.42 16.10
N ASP C 91 -2.41 -10.34 16.82
CA ASP C 91 -1.31 -9.46 16.40
C ASP C 91 0.06 -10.02 16.76
N TRP C 92 0.16 -11.32 17.07
CA TRP C 92 1.47 -11.87 17.35
C TRP C 92 1.70 -13.19 16.60
N PRO C 93 1.15 -14.36 17.02
CA PRO C 93 1.56 -15.59 16.32
C PRO C 93 0.41 -16.38 15.70
N VAL C 94 0.57 -17.70 15.77
CA VAL C 94 -0.52 -18.63 15.49
C VAL C 94 -1.15 -19.04 16.82
N THR C 95 -2.46 -19.28 16.80
CA THR C 95 -3.20 -19.64 18.01
C THR C 95 -4.16 -20.77 17.68
N PHE C 96 -4.09 -21.84 18.45
CA PHE C 96 -4.94 -23.00 18.23
C PHE C 96 -6.00 -23.12 19.32
N GLY C 97 -7.06 -23.84 19.01
CA GLY C 97 -8.09 -24.14 19.98
C GLY C 97 -7.72 -25.35 20.82
N GLN C 98 -8.56 -25.60 21.83
CA GLN C 98 -8.39 -26.77 22.67
C GLN C 98 -8.66 -28.07 21.93
N GLY C 99 -9.39 -28.03 20.83
CA GLY C 99 -9.65 -29.23 20.03
C GLY C 99 -10.91 -29.96 20.44
N THR C 100 -11.58 -30.60 19.49
CA THR C 100 -12.85 -31.26 19.74
C THR C 100 -12.84 -32.66 19.16
N GLN C 101 -13.02 -33.66 20.01
CA GLN C 101 -13.06 -35.07 19.59
C GLN C 101 -14.50 -35.48 19.29
N VAL C 102 -14.71 -36.05 18.11
CA VAL C 102 -16.04 -36.38 17.61
C VAL C 102 -16.25 -37.88 17.70
N GLU C 103 -17.24 -38.30 18.48
CA GLU C 103 -17.66 -39.69 18.54
C GLU C 103 -18.79 -39.93 17.55
N VAL C 104 -18.87 -41.17 17.05
CA VAL C 104 -19.89 -41.51 16.06
C VAL C 104 -20.78 -42.63 16.60
N LYS C 105 -20.88 -43.76 15.89
CA LYS C 105 -21.70 -44.87 16.32
C LYS C 105 -21.03 -45.59 17.49
N ARG C 106 -21.87 -46.20 18.34
CA ARG C 106 -21.37 -46.97 19.47
C ARG C 106 -22.35 -48.07 19.87
N THR C 107 -21.84 -49.11 20.52
CA THR C 107 -22.64 -50.20 21.07
C THR C 107 -22.16 -50.54 22.48
N VAL C 108 -23.05 -51.14 23.26
CA VAL C 108 -22.77 -51.43 24.66
C VAL C 108 -22.07 -52.78 24.77
N ALA C 109 -20.92 -52.81 25.44
CA ALA C 109 -20.14 -54.02 25.63
C ALA C 109 -19.65 -54.09 27.07
N ALA C 110 -19.90 -55.24 27.73
CA ALA C 110 -19.54 -55.44 29.13
C ALA C 110 -18.07 -55.80 29.25
N PRO C 111 -17.40 -55.38 30.34
CA PRO C 111 -15.97 -55.64 30.47
C PRO C 111 -15.69 -57.06 30.93
N SER C 112 -14.61 -57.63 30.39
CA SER C 112 -14.11 -58.90 30.88
C SER C 112 -12.96 -58.64 31.86
N VAL C 113 -13.13 -59.07 33.09
CA VAL C 113 -12.24 -58.70 34.19
C VAL C 113 -11.58 -59.96 34.72
N PHE C 114 -10.24 -60.00 34.62
CA PHE C 114 -9.44 -61.07 35.19
C PHE C 114 -8.49 -60.46 36.21
N ILE C 115 -8.54 -60.98 37.45
CA ILE C 115 -7.62 -60.60 38.51
C ILE C 115 -6.54 -61.67 38.60
N PHE C 116 -5.33 -61.25 39.01
CA PHE C 116 -4.24 -62.19 39.26
C PHE C 116 -3.68 -61.98 40.66
N PRO C 117 -3.41 -63.06 41.40
CA PRO C 117 -2.64 -62.93 42.63
C PRO C 117 -1.18 -62.66 42.33
N PRO C 118 -0.38 -62.24 43.32
CA PRO C 118 1.07 -62.19 43.11
C PRO C 118 1.66 -63.58 42.93
N SER C 119 2.49 -63.73 41.90
CA SER C 119 3.11 -65.00 41.52
C SER C 119 4.18 -65.43 42.52
N ASP C 120 4.71 -66.65 42.35
CA ASP C 120 5.58 -67.21 43.37
C ASP C 120 6.96 -66.57 43.36
N GLU C 121 7.30 -65.93 42.24
CA GLU C 121 8.62 -65.35 42.03
C GLU C 121 8.81 -63.98 42.66
N GLN C 122 7.76 -63.16 42.76
CA GLN C 122 7.90 -61.81 43.28
C GLN C 122 7.95 -61.73 44.80
N LEU C 123 7.41 -62.71 45.52
CA LEU C 123 7.37 -62.68 46.98
C LEU C 123 8.71 -63.12 47.59
N LYS C 124 9.55 -63.80 46.82
CA LYS C 124 10.91 -64.15 47.22
C LYS C 124 11.94 -63.12 46.77
N SER C 125 11.51 -62.06 46.06
CA SER C 125 12.32 -60.86 45.85
C SER C 125 11.82 -59.71 46.73
N GLY C 126 10.79 -59.99 47.53
CA GLY C 126 10.20 -58.97 48.39
C GLY C 126 9.01 -58.15 47.90
N THR C 127 8.76 -58.05 46.59
CA THR C 127 7.69 -57.17 46.11
C THR C 127 6.36 -57.90 46.03
N ALA C 128 5.28 -57.14 45.72
CA ALA C 128 3.92 -57.69 45.65
C ALA C 128 3.03 -56.69 44.90
N SER C 129 3.04 -56.82 43.57
CA SER C 129 2.20 -56.04 42.67
C SER C 129 0.94 -56.82 42.27
N VAL C 130 -0.25 -56.16 42.35
CA VAL C 130 -1.54 -56.80 42.08
C VAL C 130 -2.15 -56.23 40.80
N VAL C 131 -2.58 -57.10 39.87
CA VAL C 131 -3.00 -56.70 38.54
C VAL C 131 -4.48 -56.96 38.32
N CYS C 132 -5.18 -55.95 37.81
CA CYS C 132 -6.56 -56.07 37.38
C CYS C 132 -6.66 -55.61 35.93
N LEU C 133 -7.18 -56.47 35.07
CA LEU C 133 -7.21 -56.25 33.63
C LEU C 133 -8.65 -56.19 33.15
N LEU C 134 -8.95 -55.16 32.37
CA LEU C 134 -10.27 -54.99 31.77
C LEU C 134 -10.08 -54.84 30.27
N ASN C 135 -10.96 -55.48 29.50
CA ASN C 135 -10.88 -55.40 28.05
C ASN C 135 -12.25 -55.61 27.46
N ASN C 136 -12.36 -55.31 26.16
CA ASN C 136 -13.58 -55.56 25.37
C ASN C 136 -14.80 -54.88 25.97
N PHE C 137 -14.66 -53.62 26.37
CA PHE C 137 -15.76 -52.86 26.94
C PHE C 137 -15.95 -51.55 26.20
N TYR C 138 -17.19 -51.08 26.19
CA TYR C 138 -17.60 -49.85 25.52
C TYR C 138 -18.90 -49.41 26.17
N PRO C 139 -19.08 -48.14 26.54
CA PRO C 139 -18.21 -46.94 26.43
C PRO C 139 -16.84 -47.04 27.08
N ARG C 140 -16.01 -46.03 26.79
CA ARG C 140 -14.65 -45.96 27.32
C ARG C 140 -14.64 -45.36 28.73
N GLU C 141 -15.77 -45.40 29.42
CA GLU C 141 -15.89 -44.88 30.77
C GLU C 141 -16.06 -46.05 31.73
N ALA C 142 -15.16 -46.13 32.72
CA ALA C 142 -15.20 -47.21 33.70
C ALA C 142 -14.54 -46.73 34.98
N LYS C 143 -15.06 -47.21 36.11
CA LYS C 143 -14.55 -46.90 37.43
C LYS C 143 -13.94 -48.16 38.04
N VAL C 144 -12.70 -48.06 38.52
CA VAL C 144 -11.98 -49.17 39.12
C VAL C 144 -11.76 -48.85 40.59
N GLN C 145 -12.08 -49.81 41.46
CA GLN C 145 -11.94 -49.63 42.90
C GLN C 145 -11.31 -50.87 43.51
N TRP C 146 -10.35 -50.65 44.40
CA TRP C 146 -9.66 -51.73 45.10
C TRP C 146 -10.16 -51.83 46.53
N LYS C 147 -10.15 -53.04 47.07
CA LYS C 147 -10.66 -53.31 48.41
C LYS C 147 -9.77 -54.30 49.12
N VAL C 148 -9.68 -54.14 50.45
CA VAL C 148 -9.01 -55.09 51.33
C VAL C 148 -10.06 -55.68 52.26
N ASP C 149 -10.35 -56.96 52.09
CA ASP C 149 -11.46 -57.62 52.78
C ASP C 149 -12.74 -56.86 52.55
N ASN C 150 -12.95 -55.79 53.31
CA ASN C 150 -14.09 -54.90 53.14
C ASN C 150 -13.70 -53.43 53.18
N ALA C 151 -12.43 -53.11 53.41
CA ALA C 151 -11.95 -51.73 53.49
C ALA C 151 -11.50 -51.27 52.12
N LEU C 152 -11.82 -50.02 51.79
CA LEU C 152 -11.41 -49.44 50.51
C LEU C 152 -9.94 -49.04 50.56
N GLN C 153 -9.24 -49.24 49.45
CA GLN C 153 -7.85 -48.82 49.30
C GLN C 153 -7.62 -48.10 47.97
N SER C 154 -8.63 -47.35 47.53
CA SER C 154 -8.52 -46.62 46.26
C SER C 154 -7.54 -45.46 46.41
N GLY C 155 -6.45 -45.50 45.64
CA GLY C 155 -5.42 -44.50 45.72
C GLY C 155 -4.23 -44.87 46.59
N ASN C 156 -4.32 -45.97 47.34
CA ASN C 156 -3.23 -46.43 48.20
C ASN C 156 -2.33 -47.32 47.35
N SER C 157 -1.27 -46.70 46.80
CA SER C 157 -0.33 -47.39 45.90
C SER C 157 -1.07 -48.05 44.74
N GLN C 158 -2.00 -47.31 44.14
CA GLN C 158 -2.79 -47.78 43.01
C GLN C 158 -2.45 -46.97 41.78
N GLU C 159 -2.20 -47.65 40.67
CA GLU C 159 -1.92 -47.02 39.39
C GLU C 159 -2.90 -47.54 38.35
N SER C 160 -3.69 -46.64 37.78
CA SER C 160 -4.74 -46.98 36.82
C SER C 160 -4.52 -46.20 35.53
N VAL C 161 -4.66 -46.88 34.40
CA VAL C 161 -4.46 -46.24 33.10
C VAL C 161 -5.77 -45.62 32.62
N THR C 162 -5.67 -44.78 31.59
CA THR C 162 -6.85 -44.28 30.91
C THR C 162 -7.23 -45.21 29.77
N GLU C 163 -8.53 -45.41 29.59
CA GLU C 163 -9.03 -46.31 28.56
C GLU C 163 -8.52 -45.92 27.19
N GLN C 164 -7.96 -46.89 26.48
CA GLN C 164 -7.43 -46.69 25.14
C GLN C 164 -8.10 -47.66 24.18
N ASP C 165 -8.40 -47.18 22.98
CA ASP C 165 -9.18 -47.97 22.03
C ASP C 165 -8.30 -48.93 21.24
N SER C 166 -8.74 -50.19 21.17
CA SER C 166 -8.05 -51.23 20.43
C SER C 166 -8.51 -51.25 18.98
N LYS C 167 -7.74 -51.94 18.14
CA LYS C 167 -8.10 -52.06 16.73
C LYS C 167 -9.39 -52.83 16.51
N ASP C 168 -10.03 -53.34 17.57
CA ASP C 168 -11.33 -53.98 17.48
C ASP C 168 -12.48 -53.03 17.84
N SER C 169 -12.20 -51.72 17.94
CA SER C 169 -13.18 -50.71 18.31
C SER C 169 -13.76 -50.95 19.70
N THR C 170 -13.02 -51.66 20.55
CA THR C 170 -13.35 -51.83 21.95
C THR C 170 -12.17 -51.34 22.79
N TYR C 171 -12.46 -50.94 24.02
CA TYR C 171 -11.47 -50.33 24.89
C TYR C 171 -10.92 -51.32 25.89
N SER C 172 -9.74 -51.01 26.43
CA SER C 172 -9.07 -51.82 27.43
C SER C 172 -8.39 -50.91 28.45
N LEU C 173 -8.25 -51.41 29.68
CA LEU C 173 -7.58 -50.65 30.72
C LEU C 173 -6.91 -51.63 31.67
N SER C 174 -5.98 -51.10 32.46
CA SER C 174 -5.25 -51.87 33.45
C SER C 174 -5.18 -51.08 34.76
N SER C 175 -5.02 -51.82 35.86
CA SER C 175 -5.04 -51.22 37.19
C SER C 175 -4.14 -52.04 38.12
N THR C 176 -3.10 -51.40 38.64
CA THR C 176 -2.08 -52.07 39.44
C THR C 176 -2.13 -51.60 40.89
N LEU C 177 -1.98 -52.55 41.80
CA LEU C 177 -1.98 -52.30 43.24
C LEU C 177 -0.66 -52.81 43.83
N THR C 178 0.15 -51.90 44.37
CA THR C 178 1.44 -52.24 44.96
C THR C 178 1.29 -52.47 46.45
N LEU C 179 1.94 -53.52 46.97
CA LEU C 179 1.88 -53.89 48.37
C LEU C 179 3.26 -54.30 48.87
N SER C 180 3.34 -54.55 50.18
CA SER C 180 4.52 -55.15 50.75
C SER C 180 4.33 -56.65 50.96
N LYS C 181 4.91 -57.16 52.04
CA LYS C 181 4.90 -58.60 52.33
C LYS C 181 3.71 -58.95 53.21
N ALA C 182 3.59 -58.25 54.34
CA ALA C 182 2.55 -58.44 55.33
C ALA C 182 1.16 -58.34 54.72
N ASP C 183 0.93 -57.26 53.98
CA ASP C 183 -0.39 -56.80 53.57
C ASP C 183 -1.10 -57.80 52.66
N TYR C 184 -0.31 -58.61 51.95
CA TYR C 184 -0.88 -59.70 51.18
C TYR C 184 -1.18 -60.91 52.07
N GLU C 185 -0.34 -61.17 53.07
CA GLU C 185 -0.54 -62.30 53.97
C GLU C 185 -1.36 -61.93 55.19
N LYS C 186 -1.53 -60.64 55.47
CA LYS C 186 -2.22 -60.22 56.69
C LYS C 186 -3.74 -60.25 56.58
N HIS C 187 -4.29 -60.17 55.37
CA HIS C 187 -5.73 -60.04 55.20
C HIS C 187 -6.32 -61.25 54.48
N LYS C 188 -7.62 -61.42 54.62
CA LYS C 188 -8.28 -62.60 54.10
C LYS C 188 -8.65 -62.51 52.62
N VAL C 189 -8.76 -61.31 52.06
CA VAL C 189 -9.14 -61.17 50.66
C VAL C 189 -8.94 -59.75 50.14
N TYR C 190 -8.48 -59.64 48.89
CA TYR C 190 -8.51 -58.40 48.13
C TYR C 190 -9.55 -58.53 47.03
N ALA C 191 -9.90 -57.40 46.41
CA ALA C 191 -10.95 -57.40 45.41
C ALA C 191 -10.77 -56.24 44.45
N CYS C 192 -10.94 -56.51 43.16
CA CYS C 192 -10.95 -55.49 42.13
C CYS C 192 -12.39 -55.28 41.68
N GLU C 193 -12.97 -54.14 42.04
CA GLU C 193 -14.34 -53.82 41.69
C GLU C 193 -14.37 -52.76 40.59
N VAL C 194 -14.87 -53.15 39.43
CA VAL C 194 -15.03 -52.22 38.31
C VAL C 194 -16.52 -51.94 38.15
N THR C 195 -16.83 -50.82 37.50
CA THR C 195 -18.20 -50.37 37.29
C THR C 195 -18.34 -49.80 35.90
N HIS C 196 -19.24 -50.38 35.11
CA HIS C 196 -19.48 -49.93 33.75
C HIS C 196 -20.99 -49.73 33.56
N GLN C 197 -21.42 -48.48 33.49
CA GLN C 197 -22.83 -48.13 33.43
C GLN C 197 -23.44 -48.33 32.04
N GLY C 198 -22.81 -49.15 31.19
CA GLY C 198 -23.45 -49.53 29.95
C GLY C 198 -24.73 -50.30 30.18
N LEU C 199 -24.78 -51.09 31.26
CA LEU C 199 -25.98 -51.81 31.68
C LEU C 199 -26.10 -51.71 33.21
N SER C 200 -25.49 -50.68 33.78
CA SER C 200 -25.39 -50.51 35.23
C SER C 200 -24.71 -51.73 35.85
N SER C 201 -23.53 -52.09 35.34
CA SER C 201 -22.95 -53.39 35.59
C SER C 201 -21.72 -53.28 36.49
N PRO C 202 -21.81 -53.62 37.78
CA PRO C 202 -20.59 -53.78 38.59
C PRO C 202 -20.20 -55.24 38.76
N VAL C 203 -18.94 -55.57 38.46
CA VAL C 203 -18.44 -56.93 38.57
C VAL C 203 -17.15 -56.91 39.40
N THR C 204 -17.04 -57.87 40.32
CA THR C 204 -15.98 -57.89 41.31
C THR C 204 -15.27 -59.24 41.29
N LYS C 205 -13.94 -59.21 41.24
CA LYS C 205 -13.11 -60.40 41.26
C LYS C 205 -12.24 -60.37 42.51
N SER C 206 -11.93 -61.54 43.06
CA SER C 206 -11.14 -61.55 44.27
C SER C 206 -10.02 -62.57 44.17
N PHE C 207 -9.05 -62.41 45.06
CA PHE C 207 -8.06 -63.42 45.36
C PHE C 207 -7.72 -63.32 46.83
N ASN C 208 -6.91 -64.28 47.28
CA ASN C 208 -6.65 -64.53 48.68
C ASN C 208 -5.30 -65.24 48.79
N ARG C 209 -4.57 -64.94 49.86
CA ARG C 209 -3.32 -65.65 50.10
C ARG C 209 -3.63 -67.14 50.22
N GLY C 210 -2.73 -67.99 49.70
CA GLY C 210 -2.90 -69.41 49.48
C GLY C 210 -4.12 -70.13 50.04
N GLU C 211 -5.30 -69.89 49.47
CA GLU C 211 -6.53 -70.45 50.04
C GLU C 211 -6.76 -71.88 49.59
N CYS C 212 -5.75 -72.53 49.02
CA CYS C 212 -5.81 -73.96 48.72
C CYS C 212 -6.28 -74.78 49.93
#